data_6Y24
# 
_entry.id   6Y24 
# 
_audit_conform.dict_name       mmcif_pdbx.dic 
_audit_conform.dict_version    5.383 
_audit_conform.dict_location   http://mmcif.pdb.org/dictionaries/ascii/mmcif_pdbx.dic 
# 
loop_
_database_2.database_id 
_database_2.database_code 
_database_2.pdbx_database_accession 
_database_2.pdbx_DOI 
PDB   6Y24         pdb_00006y24 10.2210/pdb6y24/pdb 
WWPDB D_1292106743 ?            ?                   
# 
loop_
_pdbx_audit_revision_history.ordinal 
_pdbx_audit_revision_history.data_content_type 
_pdbx_audit_revision_history.major_revision 
_pdbx_audit_revision_history.minor_revision 
_pdbx_audit_revision_history.revision_date 
1 'Structure model' 1 0 2020-03-25 
2 'Structure model' 1 1 2020-08-19 
3 'Structure model' 1 2 2024-01-24 
# 
_pdbx_audit_revision_details.ordinal             1 
_pdbx_audit_revision_details.revision_ordinal    1 
_pdbx_audit_revision_details.data_content_type   'Structure model' 
_pdbx_audit_revision_details.provider            repository 
_pdbx_audit_revision_details.type                'Initial release' 
_pdbx_audit_revision_details.description         ? 
_pdbx_audit_revision_details.details             ? 
# 
loop_
_pdbx_audit_revision_group.ordinal 
_pdbx_audit_revision_group.revision_ordinal 
_pdbx_audit_revision_group.data_content_type 
_pdbx_audit_revision_group.group 
1 2 'Structure model' 'Database references'    
2 3 'Structure model' 'Data collection'        
3 3 'Structure model' 'Database references'    
4 3 'Structure model' 'Refinement description' 
# 
loop_
_pdbx_audit_revision_category.ordinal 
_pdbx_audit_revision_category.revision_ordinal 
_pdbx_audit_revision_category.data_content_type 
_pdbx_audit_revision_category.category 
1 2 'Structure model' citation                      
2 2 'Structure model' citation_author               
3 3 'Structure model' chem_comp_atom                
4 3 'Structure model' chem_comp_bond                
5 3 'Structure model' database_2                    
6 3 'Structure model' pdbx_initial_refinement_model 
# 
loop_
_pdbx_audit_revision_item.ordinal 
_pdbx_audit_revision_item.revision_ordinal 
_pdbx_audit_revision_item.data_content_type 
_pdbx_audit_revision_item.item 
1  2 'Structure model' '_citation.country'                   
2  2 'Structure model' '_citation.journal_abbrev'            
3  2 'Structure model' '_citation.journal_id_CSD'            
4  2 'Structure model' '_citation.journal_id_ISSN'           
5  2 'Structure model' '_citation.journal_volume'            
6  2 'Structure model' '_citation.page_first'                
7  2 'Structure model' '_citation.page_last'                 
8  2 'Structure model' '_citation.pdbx_database_id_DOI'      
9  2 'Structure model' '_citation.pdbx_database_id_PubMed'   
10 2 'Structure model' '_citation.title'                     
11 2 'Structure model' '_citation.year'                      
12 3 'Structure model' '_database_2.pdbx_DOI'                
13 3 'Structure model' '_database_2.pdbx_database_accession' 
# 
_pdbx_database_status.status_code                     REL 
_pdbx_database_status.status_code_sf                  REL 
_pdbx_database_status.status_code_mr                  ? 
_pdbx_database_status.entry_id                        6Y24 
_pdbx_database_status.recvd_initial_deposition_date   2020-02-14 
_pdbx_database_status.SG_entry                        Y 
_pdbx_database_status.deposit_site                    PDBE 
_pdbx_database_status.process_site                    PDBE 
_pdbx_database_status.status_code_cs                  ? 
_pdbx_database_status.status_code_nmr_data            ? 
_pdbx_database_status.methods_development_category    ? 
_pdbx_database_status.pdb_format_compatible           Y 
# 
loop_
_audit_author.name 
_audit_author.pdbx_ordinal 
_audit_author.identifier_ORCID 
'Ni, X.'                               1 0000-0002-7769-8297 
'Joerger, A.C.'                        2 ?                   
'Chaikuad, A.'                         3 ?                   
'Arrowsmith, C.H.'                     4 ?                   
'Edwards, A.M.'                        5 ?                   
'Bountra, C.'                          6 ?                   
'Knapp, S.'                            7 ?                   
'Structural Genomics Consortium (SGC)' 8 ?                   
# 
_citation.abstract                  ? 
_citation.abstract_id_CAS           ? 
_citation.book_id_ISBN              ? 
_citation.book_publisher            ? 
_citation.book_publisher_city       ? 
_citation.book_title                ? 
_citation.coordinate_linkage        ? 
_citation.country                   UK 
_citation.database_id_Medline       ? 
_citation.details                   ? 
_citation.id                        primary 
_citation.journal_abbrev            'Sci Rep' 
_citation.journal_id_ASTM           ? 
_citation.journal_id_CSD            ? 
_citation.journal_id_ISSN           2045-2322 
_citation.journal_full              ? 
_citation.journal_issue             ? 
_citation.journal_volume            10 
_citation.language                  ? 
_citation.page_first                13459 
_citation.page_last                 13459 
_citation.title                     
'Comparative structural analyses and nucleotide-binding characterization of the four KH domains of FUBP1.' 
_citation.year                      2020 
_citation.database_id_CSD           ? 
_citation.pdbx_database_id_DOI      10.1038/s41598-020-69832-z 
_citation.pdbx_database_id_PubMed   32778776 
_citation.unpublished_flag          ? 
# 
loop_
_citation_author.citation_id 
_citation_author.name 
_citation_author.ordinal 
_citation_author.identifier_ORCID 
primary 'Ni, X.'       1 ? 
primary 'Knapp, S.'    2 ? 
primary 'Chaikuad, A.' 3 ? 
# 
loop_
_entity.id 
_entity.type 
_entity.src_method 
_entity.pdbx_description 
_entity.formula_weight 
_entity.pdbx_number_of_molecules 
_entity.pdbx_ec 
_entity.pdbx_mutation 
_entity.pdbx_fragment 
_entity.details 
1 polymer     man 'Far upstream element-binding protein 1' 10022.396 1  ? ? ? ? 
2 non-polymer syn 1,2-ETHANEDIOL                           62.068    5  ? ? ? ? 
3 water       nat water                                    18.015    18 ? ? ? ? 
# 
_entity_name_com.entity_id   1 
_entity_name_com.name        'FUSE-binding protein 1,DNA helicase V,hDH V' 
# 
_entity_poly.entity_id                      1 
_entity_poly.type                           'polypeptide(L)' 
_entity_poly.nstd_linkage                   no 
_entity_poly.nstd_monomer                   no 
_entity_poly.pdbx_seq_one_letter_code       
;SMQGNWNMGPPGGLQEFNFIVPTGKTGLIIGKGGETIKSISQQSGARIELQRNPPPNADPNMKLFTIRGTPQQIDYARQL
IEEKIGGPVNPLG
;
_entity_poly.pdbx_seq_one_letter_code_can   
;SMQGNWNMGPPGGLQEFNFIVPTGKTGLIIGKGGETIKSISQQSGARIELQRNPPPNADPNMKLFTIRGTPQQIDYARQL
IEEKIGGPVNPLG
;
_entity_poly.pdbx_strand_id                 A 
_entity_poly.pdbx_target_identifier         ? 
# 
loop_
_pdbx_entity_nonpoly.entity_id 
_pdbx_entity_nonpoly.name 
_pdbx_entity_nonpoly.comp_id 
2 1,2-ETHANEDIOL EDO 
3 water          HOH 
# 
loop_
_entity_poly_seq.entity_id 
_entity_poly_seq.num 
_entity_poly_seq.mon_id 
_entity_poly_seq.hetero 
1 1  SER n 
1 2  MET n 
1 3  GLN n 
1 4  GLY n 
1 5  ASN n 
1 6  TRP n 
1 7  ASN n 
1 8  MET n 
1 9  GLY n 
1 10 PRO n 
1 11 PRO n 
1 12 GLY n 
1 13 GLY n 
1 14 LEU n 
1 15 GLN n 
1 16 GLU n 
1 17 PHE n 
1 18 ASN n 
1 19 PHE n 
1 20 ILE n 
1 21 VAL n 
1 22 PRO n 
1 23 THR n 
1 24 GLY n 
1 25 LYS n 
1 26 THR n 
1 27 GLY n 
1 28 LEU n 
1 29 ILE n 
1 30 ILE n 
1 31 GLY n 
1 32 LYS n 
1 33 GLY n 
1 34 GLY n 
1 35 GLU n 
1 36 THR n 
1 37 ILE n 
1 38 LYS n 
1 39 SER n 
1 40 ILE n 
1 41 SER n 
1 42 GLN n 
1 43 GLN n 
1 44 SER n 
1 45 GLY n 
1 46 ALA n 
1 47 ARG n 
1 48 ILE n 
1 49 GLU n 
1 50 LEU n 
1 51 GLN n 
1 52 ARG n 
1 53 ASN n 
1 54 PRO n 
1 55 PRO n 
1 56 PRO n 
1 57 ASN n 
1 58 ALA n 
1 59 ASP n 
1 60 PRO n 
1 61 ASN n 
1 62 MET n 
1 63 LYS n 
1 64 LEU n 
1 65 PHE n 
1 66 THR n 
1 67 ILE n 
1 68 ARG n 
1 69 GLY n 
1 70 THR n 
1 71 PRO n 
1 72 GLN n 
1 73 GLN n 
1 74 ILE n 
1 75 ASP n 
1 76 TYR n 
1 77 ALA n 
1 78 ARG n 
1 79 GLN n 
1 80 LEU n 
1 81 ILE n 
1 82 GLU n 
1 83 GLU n 
1 84 LYS n 
1 85 ILE n 
1 86 GLY n 
1 87 GLY n 
1 88 PRO n 
1 89 VAL n 
1 90 ASN n 
1 91 PRO n 
1 92 LEU n 
1 93 GLY n 
# 
_entity_src_gen.entity_id                          1 
_entity_src_gen.pdbx_src_id                        1 
_entity_src_gen.pdbx_alt_source_flag               sample 
_entity_src_gen.pdbx_seq_type                      'Biological sequence' 
_entity_src_gen.pdbx_beg_seq_num                   1 
_entity_src_gen.pdbx_end_seq_num                   93 
_entity_src_gen.gene_src_common_name               Human 
_entity_src_gen.gene_src_genus                     ? 
_entity_src_gen.pdbx_gene_src_gene                 FUBP1 
_entity_src_gen.gene_src_species                   ? 
_entity_src_gen.gene_src_strain                    ? 
_entity_src_gen.gene_src_tissue                    ? 
_entity_src_gen.gene_src_tissue_fraction           ? 
_entity_src_gen.gene_src_details                   ? 
_entity_src_gen.pdbx_gene_src_fragment             ? 
_entity_src_gen.pdbx_gene_src_scientific_name      'Homo sapiens' 
_entity_src_gen.pdbx_gene_src_ncbi_taxonomy_id     9606 
_entity_src_gen.pdbx_gene_src_variant              ? 
_entity_src_gen.pdbx_gene_src_cell_line            ? 
_entity_src_gen.pdbx_gene_src_atcc                 ? 
_entity_src_gen.pdbx_gene_src_organ                ? 
_entity_src_gen.pdbx_gene_src_organelle            ? 
_entity_src_gen.pdbx_gene_src_cell                 ? 
_entity_src_gen.pdbx_gene_src_cellular_location    ? 
_entity_src_gen.host_org_common_name               ? 
_entity_src_gen.pdbx_host_org_scientific_name      'Escherichia coli' 
_entity_src_gen.pdbx_host_org_ncbi_taxonomy_id     562 
_entity_src_gen.host_org_genus                     ? 
_entity_src_gen.pdbx_host_org_gene                 ? 
_entity_src_gen.pdbx_host_org_organ                ? 
_entity_src_gen.host_org_species                   ? 
_entity_src_gen.pdbx_host_org_tissue               ? 
_entity_src_gen.pdbx_host_org_tissue_fraction      ? 
_entity_src_gen.pdbx_host_org_strain               ? 
_entity_src_gen.pdbx_host_org_variant              ? 
_entity_src_gen.pdbx_host_org_cell_line            ? 
_entity_src_gen.pdbx_host_org_atcc                 ? 
_entity_src_gen.pdbx_host_org_culture_collection   ? 
_entity_src_gen.pdbx_host_org_cell                 ? 
_entity_src_gen.pdbx_host_org_organelle            ? 
_entity_src_gen.pdbx_host_org_cellular_location    ? 
_entity_src_gen.pdbx_host_org_vector_type          ? 
_entity_src_gen.pdbx_host_org_vector               ? 
_entity_src_gen.host_org_details                   ? 
_entity_src_gen.expression_system_id               ? 
_entity_src_gen.plasmid_name                       ? 
_entity_src_gen.plasmid_details                    ? 
_entity_src_gen.pdbx_description                   ? 
# 
loop_
_chem_comp.id 
_chem_comp.type 
_chem_comp.mon_nstd_flag 
_chem_comp.name 
_chem_comp.pdbx_synonyms 
_chem_comp.formula 
_chem_comp.formula_weight 
ALA 'L-peptide linking' y ALANINE         ?                 'C3 H7 N O2'     89.093  
ARG 'L-peptide linking' y ARGININE        ?                 'C6 H15 N4 O2 1' 175.209 
ASN 'L-peptide linking' y ASPARAGINE      ?                 'C4 H8 N2 O3'    132.118 
ASP 'L-peptide linking' y 'ASPARTIC ACID' ?                 'C4 H7 N O4'     133.103 
EDO non-polymer         . 1,2-ETHANEDIOL  'ETHYLENE GLYCOL' 'C2 H6 O2'       62.068  
GLN 'L-peptide linking' y GLUTAMINE       ?                 'C5 H10 N2 O3'   146.144 
GLU 'L-peptide linking' y 'GLUTAMIC ACID' ?                 'C5 H9 N O4'     147.129 
GLY 'peptide linking'   y GLYCINE         ?                 'C2 H5 N O2'     75.067  
HOH non-polymer         . WATER           ?                 'H2 O'           18.015  
ILE 'L-peptide linking' y ISOLEUCINE      ?                 'C6 H13 N O2'    131.173 
LEU 'L-peptide linking' y LEUCINE         ?                 'C6 H13 N O2'    131.173 
LYS 'L-peptide linking' y LYSINE          ?                 'C6 H15 N2 O2 1' 147.195 
MET 'L-peptide linking' y METHIONINE      ?                 'C5 H11 N O2 S'  149.211 
PHE 'L-peptide linking' y PHENYLALANINE   ?                 'C9 H11 N O2'    165.189 
PRO 'L-peptide linking' y PROLINE         ?                 'C5 H9 N O2'     115.130 
SER 'L-peptide linking' y SERINE          ?                 'C3 H7 N O3'     105.093 
THR 'L-peptide linking' y THREONINE       ?                 'C4 H9 N O3'     119.119 
TRP 'L-peptide linking' y TRYPTOPHAN      ?                 'C11 H12 N2 O2'  204.225 
TYR 'L-peptide linking' y TYROSINE        ?                 'C9 H11 N O3'    181.189 
VAL 'L-peptide linking' y VALINE          ?                 'C5 H11 N O2'    117.146 
# 
loop_
_pdbx_poly_seq_scheme.asym_id 
_pdbx_poly_seq_scheme.entity_id 
_pdbx_poly_seq_scheme.seq_id 
_pdbx_poly_seq_scheme.mon_id 
_pdbx_poly_seq_scheme.ndb_seq_num 
_pdbx_poly_seq_scheme.pdb_seq_num 
_pdbx_poly_seq_scheme.auth_seq_num 
_pdbx_poly_seq_scheme.pdb_mon_id 
_pdbx_poly_seq_scheme.auth_mon_id 
_pdbx_poly_seq_scheme.pdb_strand_id 
_pdbx_poly_seq_scheme.pdb_ins_code 
_pdbx_poly_seq_scheme.hetero 
A 1 1  SER 1  363 ?   ?   ?   A . n 
A 1 2  MET 2  364 ?   ?   ?   A . n 
A 1 3  GLN 3  365 ?   ?   ?   A . n 
A 1 4  GLY 4  366 ?   ?   ?   A . n 
A 1 5  ASN 5  367 ?   ?   ?   A . n 
A 1 6  TRP 6  368 ?   ?   ?   A . n 
A 1 7  ASN 7  369 ?   ?   ?   A . n 
A 1 8  MET 8  370 ?   ?   ?   A . n 
A 1 9  GLY 9  371 ?   ?   ?   A . n 
A 1 10 PRO 10 372 ?   ?   ?   A . n 
A 1 11 PRO 11 373 ?   ?   ?   A . n 
A 1 12 GLY 12 374 ?   ?   ?   A . n 
A 1 13 GLY 13 375 375 GLY GLY A . n 
A 1 14 LEU 14 376 376 LEU LEU A . n 
A 1 15 GLN 15 377 377 GLN GLN A . n 
A 1 16 GLU 16 378 378 GLU GLU A . n 
A 1 17 PHE 17 379 379 PHE PHE A . n 
A 1 18 ASN 18 380 380 ASN ASN A . n 
A 1 19 PHE 19 381 381 PHE PHE A . n 
A 1 20 ILE 20 382 382 ILE ILE A . n 
A 1 21 VAL 21 383 383 VAL VAL A . n 
A 1 22 PRO 22 384 384 PRO PRO A . n 
A 1 23 THR 23 385 385 THR THR A . n 
A 1 24 GLY 24 386 386 GLY GLY A . n 
A 1 25 LYS 25 387 387 LYS LYS A . n 
A 1 26 THR 26 388 388 THR THR A . n 
A 1 27 GLY 27 389 389 GLY GLY A . n 
A 1 28 LEU 28 390 390 LEU LEU A . n 
A 1 29 ILE 29 391 391 ILE ILE A . n 
A 1 30 ILE 30 392 392 ILE ILE A . n 
A 1 31 GLY 31 393 393 GLY GLY A . n 
A 1 32 LYS 32 394 394 LYS LYS A . n 
A 1 33 GLY 33 395 395 GLY GLY A . n 
A 1 34 GLY 34 396 396 GLY GLY A . n 
A 1 35 GLU 35 397 397 GLU GLU A . n 
A 1 36 THR 36 398 398 THR THR A . n 
A 1 37 ILE 37 399 399 ILE ILE A . n 
A 1 38 LYS 38 400 400 LYS LYS A . n 
A 1 39 SER 39 401 401 SER SER A . n 
A 1 40 ILE 40 402 402 ILE ILE A . n 
A 1 41 SER 41 403 403 SER SER A . n 
A 1 42 GLN 42 404 404 GLN GLN A . n 
A 1 43 GLN 43 405 405 GLN GLN A . n 
A 1 44 SER 44 406 406 SER SER A . n 
A 1 45 GLY 45 407 407 GLY GLY A . n 
A 1 46 ALA 46 408 408 ALA ALA A . n 
A 1 47 ARG 47 409 409 ARG ARG A . n 
A 1 48 ILE 48 410 410 ILE ILE A . n 
A 1 49 GLU 49 411 411 GLU GLU A . n 
A 1 50 LEU 50 412 412 LEU LEU A . n 
A 1 51 GLN 51 413 413 GLN GLN A . n 
A 1 52 ARG 52 414 414 ARG ARG A . n 
A 1 53 ASN 53 415 415 ASN ASN A . n 
A 1 54 PRO 54 416 416 PRO PRO A . n 
A 1 55 PRO 55 417 417 PRO PRO A . n 
A 1 56 PRO 56 418 418 PRO PRO A . n 
A 1 57 ASN 57 419 419 ASN ASN A . n 
A 1 58 ALA 58 420 420 ALA ALA A . n 
A 1 59 ASP 59 421 421 ASP ASP A . n 
A 1 60 PRO 60 422 422 PRO PRO A . n 
A 1 61 ASN 61 423 423 ASN ASN A . n 
A 1 62 MET 62 424 424 MET MET A . n 
A 1 63 LYS 63 425 425 LYS LYS A . n 
A 1 64 LEU 64 426 426 LEU LEU A . n 
A 1 65 PHE 65 427 427 PHE PHE A . n 
A 1 66 THR 66 428 428 THR THR A . n 
A 1 67 ILE 67 429 429 ILE ILE A . n 
A 1 68 ARG 68 430 430 ARG ARG A . n 
A 1 69 GLY 69 431 431 GLY GLY A . n 
A 1 70 THR 70 432 432 THR THR A . n 
A 1 71 PRO 71 433 433 PRO PRO A . n 
A 1 72 GLN 72 434 434 GLN GLN A . n 
A 1 73 GLN 73 435 435 GLN GLN A . n 
A 1 74 ILE 74 436 436 ILE ILE A . n 
A 1 75 ASP 75 437 437 ASP ASP A . n 
A 1 76 TYR 76 438 438 TYR TYR A . n 
A 1 77 ALA 77 439 439 ALA ALA A . n 
A 1 78 ARG 78 440 440 ARG ARG A . n 
A 1 79 GLN 79 441 441 GLN GLN A . n 
A 1 80 LEU 80 442 442 LEU LEU A . n 
A 1 81 ILE 81 443 443 ILE ILE A . n 
A 1 82 GLU 82 444 444 GLU GLU A . n 
A 1 83 GLU 83 445 445 GLU GLU A . n 
A 1 84 LYS 84 446 446 LYS LYS A . n 
A 1 85 ILE 85 447 447 ILE ILE A . n 
A 1 86 GLY 86 448 448 GLY GLY A . n 
A 1 87 GLY 87 449 449 GLY GLY A . n 
A 1 88 PRO 88 450 450 PRO PRO A . n 
A 1 89 VAL 89 451 451 VAL VAL A . n 
A 1 90 ASN 90 452 452 ASN ASN A . n 
A 1 91 PRO 91 453 453 PRO PRO A . n 
A 1 92 LEU 92 454 454 LEU LEU A . n 
A 1 93 GLY 93 455 ?   ?   ?   A . n 
# 
loop_
_pdbx_nonpoly_scheme.asym_id 
_pdbx_nonpoly_scheme.entity_id 
_pdbx_nonpoly_scheme.mon_id 
_pdbx_nonpoly_scheme.ndb_seq_num 
_pdbx_nonpoly_scheme.pdb_seq_num 
_pdbx_nonpoly_scheme.auth_seq_num 
_pdbx_nonpoly_scheme.pdb_mon_id 
_pdbx_nonpoly_scheme.auth_mon_id 
_pdbx_nonpoly_scheme.pdb_strand_id 
_pdbx_nonpoly_scheme.pdb_ins_code 
B 2 EDO 1  1101 1101 EDO EDO A . 
C 2 EDO 1  1102 1201 EDO EDO A . 
D 2 EDO 1  1103 1401 EDO EDO A . 
E 2 EDO 1  1104 1601 EDO EDO A . 
F 2 EDO 1  1105 1701 EDO EDO A . 
G 3 HOH 1  1201 15   HOH HOH A . 
G 3 HOH 2  1202 8    HOH HOH A . 
G 3 HOH 3  1203 3    HOH HOH A . 
G 3 HOH 4  1204 39   HOH HOH A . 
G 3 HOH 5  1205 13   HOH HOH A . 
G 3 HOH 6  1206 9    HOH HOH A . 
G 3 HOH 7  1207 1    HOH HOH A . 
G 3 HOH 8  1208 10   HOH HOH A . 
G 3 HOH 9  1209 33   HOH HOH A . 
G 3 HOH 10 1210 38   HOH HOH A . 
G 3 HOH 11 1211 21   HOH HOH A . 
G 3 HOH 12 1212 12   HOH HOH A . 
G 3 HOH 13 1213 11   HOH HOH A . 
G 3 HOH 14 1214 2    HOH HOH A . 
G 3 HOH 15 1215 5    HOH HOH A . 
G 3 HOH 16 1216 35   HOH HOH A . 
G 3 HOH 17 1217 7    HOH HOH A . 
G 3 HOH 18 1218 40   HOH HOH A . 
# 
loop_
_pdbx_unobs_or_zero_occ_atoms.id 
_pdbx_unobs_or_zero_occ_atoms.PDB_model_num 
_pdbx_unobs_or_zero_occ_atoms.polymer_flag 
_pdbx_unobs_or_zero_occ_atoms.occupancy_flag 
_pdbx_unobs_or_zero_occ_atoms.auth_asym_id 
_pdbx_unobs_or_zero_occ_atoms.auth_comp_id 
_pdbx_unobs_or_zero_occ_atoms.auth_seq_id 
_pdbx_unobs_or_zero_occ_atoms.PDB_ins_code 
_pdbx_unobs_or_zero_occ_atoms.auth_atom_id 
_pdbx_unobs_or_zero_occ_atoms.label_alt_id 
_pdbx_unobs_or_zero_occ_atoms.label_asym_id 
_pdbx_unobs_or_zero_occ_atoms.label_comp_id 
_pdbx_unobs_or_zero_occ_atoms.label_seq_id 
_pdbx_unobs_or_zero_occ_atoms.label_atom_id 
1 1 Y 1 A ARG 414 ? CG  ? A ARG 52 CG  
2 1 Y 1 A ARG 414 ? CD  ? A ARG 52 CD  
3 1 Y 1 A ARG 414 ? NE  ? A ARG 52 NE  
4 1 Y 1 A ARG 414 ? CZ  ? A ARG 52 CZ  
5 1 Y 1 A ARG 414 ? NH1 ? A ARG 52 NH1 
6 1 Y 1 A ARG 414 ? NH2 ? A ARG 52 NH2 
# 
loop_
_software.citation_id 
_software.classification 
_software.compiler_name 
_software.compiler_version 
_software.contact_author 
_software.contact_author_email 
_software.date 
_software.description 
_software.dependencies 
_software.hardware 
_software.language 
_software.location 
_software.mods 
_software.name 
_software.os 
_software.os_version 
_software.type 
_software.version 
_software.pdbx_ordinal 
? 'data scaling'    ? ? ? ? ? ? ? ? ? ? ? Aimless     ? ? ? .        1 
? refinement        ? ? ? ? ? ? ? ? ? ? ? REFMAC      ? ? ? 5.8.0258 2 
? 'data extraction' ? ? ? ? ? ? ? ? ? ? ? PDB_EXTRACT ? ? ? 3.25     3 
? 'data reduction'  ? ? ? ? ? ? ? ? ? ? ? XDS         ? ? ? .        4 
? phasing           ? ? ? ? ? ? ? ? ? ? ? PHASER      ? ? ? .        5 
# 
_cell.angle_alpha                  90.000 
_cell.angle_alpha_esd              ? 
_cell.angle_beta                   90.000 
_cell.angle_beta_esd               ? 
_cell.angle_gamma                  90.000 
_cell.angle_gamma_esd              ? 
_cell.entry_id                     6Y24 
_cell.details                      ? 
_cell.formula_units_Z              ? 
_cell.length_a                     69.996 
_cell.length_a_esd                 ? 
_cell.length_b                     89.054 
_cell.length_b_esd                 ? 
_cell.length_c                     28.711 
_cell.length_c_esd                 ? 
_cell.volume                       ? 
_cell.volume_esd                   ? 
_cell.Z_PDB                        8 
_cell.reciprocal_angle_alpha       ? 
_cell.reciprocal_angle_beta        ? 
_cell.reciprocal_angle_gamma       ? 
_cell.reciprocal_angle_alpha_esd   ? 
_cell.reciprocal_angle_beta_esd    ? 
_cell.reciprocal_angle_gamma_esd   ? 
_cell.reciprocal_length_a          ? 
_cell.reciprocal_length_b          ? 
_cell.reciprocal_length_c          ? 
_cell.reciprocal_length_a_esd      ? 
_cell.reciprocal_length_b_esd      ? 
_cell.reciprocal_length_c_esd      ? 
_cell.pdbx_unique_axis             ? 
# 
_symmetry.entry_id                         6Y24 
_symmetry.cell_setting                     ? 
_symmetry.Int_Tables_number                20 
_symmetry.space_group_name_Hall            ? 
_symmetry.space_group_name_H-M             'C 2 2 21' 
_symmetry.pdbx_full_space_group_name_H-M   ? 
# 
_exptl.absorpt_coefficient_mu     ? 
_exptl.absorpt_correction_T_max   ? 
_exptl.absorpt_correction_T_min   ? 
_exptl.absorpt_correction_type    ? 
_exptl.absorpt_process_details    ? 
_exptl.entry_id                   6Y24 
_exptl.crystals_number            1 
_exptl.details                    ? 
_exptl.method                     'X-RAY DIFFRACTION' 
_exptl.method_details             ? 
# 
_exptl_crystal.colour                      ? 
_exptl_crystal.density_diffrn              ? 
_exptl_crystal.density_Matthews            2.23 
_exptl_crystal.density_method              ? 
_exptl_crystal.density_percent_sol         44.89 
_exptl_crystal.description                 ? 
_exptl_crystal.F_000                       ? 
_exptl_crystal.id                          1 
_exptl_crystal.preparation                 ? 
_exptl_crystal.size_max                    ? 
_exptl_crystal.size_mid                    ? 
_exptl_crystal.size_min                    ? 
_exptl_crystal.size_rad                    ? 
_exptl_crystal.colour_lustre               ? 
_exptl_crystal.colour_modifier             ? 
_exptl_crystal.colour_primary              ? 
_exptl_crystal.density_meas                ? 
_exptl_crystal.density_meas_esd            ? 
_exptl_crystal.density_meas_gt             ? 
_exptl_crystal.density_meas_lt             ? 
_exptl_crystal.density_meas_temp           ? 
_exptl_crystal.density_meas_temp_esd       ? 
_exptl_crystal.density_meas_temp_gt        ? 
_exptl_crystal.density_meas_temp_lt        ? 
_exptl_crystal.pdbx_crystal_image_url      ? 
_exptl_crystal.pdbx_crystal_image_format   ? 
_exptl_crystal.pdbx_mosaicity              ? 
_exptl_crystal.pdbx_mosaicity_esd          ? 
# 
_exptl_crystal_grow.apparatus       ? 
_exptl_crystal_grow.atmosphere      ? 
_exptl_crystal_grow.crystal_id      1 
_exptl_crystal_grow.details         ? 
_exptl_crystal_grow.method          'VAPOR DIFFUSION, SITTING DROP' 
_exptl_crystal_grow.method_ref      ? 
_exptl_crystal_grow.pH              ? 
_exptl_crystal_grow.pressure        ? 
_exptl_crystal_grow.pressure_esd    ? 
_exptl_crystal_grow.seeding         ? 
_exptl_crystal_grow.seeding_ref     ? 
_exptl_crystal_grow.temp            293 
_exptl_crystal_grow.temp_details    ? 
_exptl_crystal_grow.temp_esd        ? 
_exptl_crystal_grow.time            ? 
_exptl_crystal_grow.pdbx_details    '3.1 M sodium formate' 
_exptl_crystal_grow.pdbx_pH_range   ? 
# 
_diffrn.ambient_environment              ? 
_diffrn.ambient_temp                     100 
_diffrn.ambient_temp_details             ? 
_diffrn.ambient_temp_esd                 ? 
_diffrn.crystal_id                       1 
_diffrn.crystal_support                  ? 
_diffrn.crystal_treatment                ? 
_diffrn.details                          ? 
_diffrn.id                               1 
_diffrn.ambient_pressure                 ? 
_diffrn.ambient_pressure_esd             ? 
_diffrn.ambient_pressure_gt              ? 
_diffrn.ambient_pressure_lt              ? 
_diffrn.ambient_temp_gt                  ? 
_diffrn.ambient_temp_lt                  ? 
_diffrn.pdbx_serial_crystal_experiment   N 
# 
_diffrn_detector.details                      ? 
_diffrn_detector.detector                     PIXEL 
_diffrn_detector.diffrn_id                    1 
_diffrn_detector.type                         'DECTRIS PILATUS3 2M' 
_diffrn_detector.area_resol_mean              ? 
_diffrn_detector.dtime                        ? 
_diffrn_detector.pdbx_frames_total            ? 
_diffrn_detector.pdbx_collection_time_total   ? 
_diffrn_detector.pdbx_collection_date         2018-03-28 
_diffrn_detector.pdbx_frequency               ? 
# 
_diffrn_radiation.collimation                      ? 
_diffrn_radiation.diffrn_id                        1 
_diffrn_radiation.filter_edge                      ? 
_diffrn_radiation.inhomogeneity                    ? 
_diffrn_radiation.monochromator                    ? 
_diffrn_radiation.polarisn_norm                    ? 
_diffrn_radiation.polarisn_ratio                   ? 
_diffrn_radiation.probe                            ? 
_diffrn_radiation.type                             ? 
_diffrn_radiation.xray_symbol                      ? 
_diffrn_radiation.wavelength_id                    1 
_diffrn_radiation.pdbx_monochromatic_or_laue_m_l   M 
_diffrn_radiation.pdbx_wavelength_list             ? 
_diffrn_radiation.pdbx_wavelength                  ? 
_diffrn_radiation.pdbx_diffrn_protocol             'SINGLE WAVELENGTH' 
_diffrn_radiation.pdbx_analyzer                    ? 
_diffrn_radiation.pdbx_scattering_type             x-ray 
# 
_diffrn_radiation_wavelength.id           1 
_diffrn_radiation_wavelength.wavelength   0.9184 
_diffrn_radiation_wavelength.wt           1.0 
# 
_diffrn_source.current                     ? 
_diffrn_source.details                     ? 
_diffrn_source.diffrn_id                   1 
_diffrn_source.power                       ? 
_diffrn_source.size                        ? 
_diffrn_source.source                      SYNCHROTRON 
_diffrn_source.target                      ? 
_diffrn_source.type                        'BESSY BEAMLINE 14.2' 
_diffrn_source.voltage                     ? 
_diffrn_source.take-off_angle              ? 
_diffrn_source.pdbx_wavelength_list        0.9184 
_diffrn_source.pdbx_wavelength             ? 
_diffrn_source.pdbx_synchrotron_beamline   14.2 
_diffrn_source.pdbx_synchrotron_site       BESSY 
# 
_reflns.B_iso_Wilson_estimate            ? 
_reflns.entry_id                         6Y24 
_reflns.data_reduction_details           ? 
_reflns.data_reduction_method            ? 
_reflns.d_resolution_high                1.86 
_reflns.d_resolution_low                 55.04 
_reflns.details                          ? 
_reflns.limit_h_max                      ? 
_reflns.limit_h_min                      ? 
_reflns.limit_k_max                      ? 
_reflns.limit_k_min                      ? 
_reflns.limit_l_max                      ? 
_reflns.limit_l_min                      ? 
_reflns.number_all                       ? 
_reflns.number_obs                       7912 
_reflns.observed_criterion               ? 
_reflns.observed_criterion_F_max         ? 
_reflns.observed_criterion_F_min         ? 
_reflns.observed_criterion_I_max         ? 
_reflns.observed_criterion_I_min         ? 
_reflns.observed_criterion_sigma_F       ? 
_reflns.observed_criterion_sigma_I       ? 
_reflns.percent_possible_obs             100 
_reflns.R_free_details                   ? 
_reflns.Rmerge_F_all                     ? 
_reflns.Rmerge_F_obs                     ? 
_reflns.Friedel_coverage                 ? 
_reflns.number_gt                        ? 
_reflns.threshold_expression             ? 
_reflns.pdbx_redundancy                  6.1 
_reflns.pdbx_Rmerge_I_obs                ? 
_reflns.pdbx_Rmerge_I_all                ? 
_reflns.pdbx_Rsym_value                  ? 
_reflns.pdbx_netI_over_av_sigmaI         ? 
_reflns.pdbx_netI_over_sigmaI            9.4 
_reflns.pdbx_res_netI_over_av_sigmaI_2   ? 
_reflns.pdbx_res_netI_over_sigmaI_2      ? 
_reflns.pdbx_chi_squared                 ? 
_reflns.pdbx_scaling_rejects             ? 
_reflns.pdbx_d_res_high_opt              ? 
_reflns.pdbx_d_res_low_opt               ? 
_reflns.pdbx_d_res_opt_method            ? 
_reflns.phase_calculation_details        ? 
_reflns.pdbx_Rrim_I_all                  ? 
_reflns.pdbx_Rpim_I_all                  ? 
_reflns.pdbx_d_opt                       ? 
_reflns.pdbx_number_measured_all         ? 
_reflns.pdbx_diffrn_id                   1 
_reflns.pdbx_ordinal                     1 
_reflns.pdbx_CC_half                     0.996 
_reflns.pdbx_CC_star                     ? 
_reflns.pdbx_R_split                     ? 
# 
_reflns_shell.d_res_high                  1.86 
_reflns_shell.d_res_low                   1.90 
_reflns_shell.meanI_over_sigI_all         ? 
_reflns_shell.meanI_over_sigI_obs         ? 
_reflns_shell.number_measured_all         ? 
_reflns_shell.number_measured_obs         ? 
_reflns_shell.number_possible             ? 
_reflns_shell.number_unique_all           ? 
_reflns_shell.number_unique_obs           486 
_reflns_shell.percent_possible_all        ? 
_reflns_shell.percent_possible_obs        ? 
_reflns_shell.Rmerge_F_all                ? 
_reflns_shell.Rmerge_F_obs                ? 
_reflns_shell.Rmerge_I_all                ? 
_reflns_shell.Rmerge_I_obs                ? 
_reflns_shell.meanI_over_sigI_gt          ? 
_reflns_shell.meanI_over_uI_all           ? 
_reflns_shell.meanI_over_uI_gt            ? 
_reflns_shell.number_measured_gt          ? 
_reflns_shell.number_unique_gt            ? 
_reflns_shell.percent_possible_gt         ? 
_reflns_shell.Rmerge_F_gt                 ? 
_reflns_shell.Rmerge_I_gt                 ? 
_reflns_shell.pdbx_redundancy             ? 
_reflns_shell.pdbx_Rsym_value             ? 
_reflns_shell.pdbx_chi_squared            ? 
_reflns_shell.pdbx_netI_over_sigmaI_all   ? 
_reflns_shell.pdbx_netI_over_sigmaI_obs   ? 
_reflns_shell.pdbx_Rrim_I_all             ? 
_reflns_shell.pdbx_Rpim_I_all             ? 
_reflns_shell.pdbx_rejects                ? 
_reflns_shell.pdbx_ordinal                1 
_reflns_shell.pdbx_diffrn_id              1 
_reflns_shell.pdbx_CC_half                0.779 
_reflns_shell.pdbx_CC_star                ? 
_reflns_shell.pdbx_R_split                ? 
# 
_refine.aniso_B[1][1]                            2.8600 
_refine.aniso_B[1][2]                            0.0000 
_refine.aniso_B[1][3]                            -0.0000 
_refine.aniso_B[2][2]                            -0.5200 
_refine.aniso_B[2][3]                            0.0000 
_refine.aniso_B[3][3]                            -2.3400 
_refine.B_iso_max                                73.210 
_refine.B_iso_mean                               32.2730 
_refine.B_iso_min                                18.380 
_refine.correlation_coeff_Fo_to_Fc               0.9620 
_refine.correlation_coeff_Fo_to_Fc_free          0.9070 
_refine.details                                  'U VALUES      : WITH TLS ADDED HYDROGENS HAVE BEEN ADDED IN THE RIDING POSITIONS' 
_refine.diff_density_max                         ? 
_refine.diff_density_max_esd                     ? 
_refine.diff_density_min                         ? 
_refine.diff_density_min_esd                     ? 
_refine.diff_density_rms                         ? 
_refine.diff_density_rms_esd                     ? 
_refine.entry_id                                 6Y24 
_refine.pdbx_refine_id                           'X-RAY DIFFRACTION' 
_refine.ls_abs_structure_details                 ? 
_refine.ls_abs_structure_Flack                   ? 
_refine.ls_abs_structure_Flack_esd               ? 
_refine.ls_abs_structure_Rogers                  ? 
_refine.ls_abs_structure_Rogers_esd              ? 
_refine.ls_d_res_high                            1.8600 
_refine.ls_d_res_low                             35.0200 
_refine.ls_extinction_coef                       ? 
_refine.ls_extinction_coef_esd                   ? 
_refine.ls_extinction_expression                 ? 
_refine.ls_extinction_method                     ? 
_refine.ls_goodness_of_fit_all                   ? 
_refine.ls_goodness_of_fit_all_esd               ? 
_refine.ls_goodness_of_fit_obs                   ? 
_refine.ls_goodness_of_fit_obs_esd               ? 
_refine.ls_hydrogen_treatment                    ? 
_refine.ls_matrix_type                           ? 
_refine.ls_number_constraints                    ? 
_refine.ls_number_parameters                     ? 
_refine.ls_number_reflns_all                     ? 
_refine.ls_number_reflns_obs                     7491 
_refine.ls_number_reflns_R_free                  413 
_refine.ls_number_reflns_R_work                  ? 
_refine.ls_number_restraints                     ? 
_refine.ls_percent_reflns_obs                    99.8900 
_refine.ls_percent_reflns_R_free                 5.2000 
_refine.ls_R_factor_all                          ? 
_refine.ls_R_factor_obs                          0.1961 
_refine.ls_R_factor_R_free                       0.2428 
_refine.ls_R_factor_R_free_error                 ? 
_refine.ls_R_factor_R_free_error_details         ? 
_refine.ls_R_factor_R_work                       0.1935 
_refine.ls_R_Fsqd_factor_obs                     ? 
_refine.ls_R_I_factor_obs                        ? 
_refine.ls_redundancy_reflns_all                 ? 
_refine.ls_redundancy_reflns_obs                 ? 
_refine.ls_restrained_S_all                      ? 
_refine.ls_restrained_S_obs                      ? 
_refine.ls_shift_over_esd_max                    ? 
_refine.ls_shift_over_esd_mean                   ? 
_refine.ls_structure_factor_coef                 ? 
_refine.ls_weighting_details                     ? 
_refine.ls_weighting_scheme                      ? 
_refine.ls_wR_factor_all                         ? 
_refine.ls_wR_factor_obs                         ? 
_refine.ls_wR_factor_R_free                      ? 
_refine.ls_wR_factor_R_work                      ? 
_refine.occupancy_max                            ? 
_refine.occupancy_min                            ? 
_refine.solvent_model_details                    ? 
_refine.solvent_model_param_bsol                 ? 
_refine.solvent_model_param_ksol                 ? 
_refine.pdbx_R_complete                          ? 
_refine.ls_R_factor_gt                           ? 
_refine.ls_goodness_of_fit_gt                    ? 
_refine.ls_goodness_of_fit_ref                   ? 
_refine.ls_shift_over_su_max                     ? 
_refine.ls_shift_over_su_max_lt                  ? 
_refine.ls_shift_over_su_mean                    ? 
_refine.ls_shift_over_su_mean_lt                 ? 
_refine.pdbx_ls_sigma_I                          ? 
_refine.pdbx_ls_sigma_F                          0.000 
_refine.pdbx_ls_sigma_Fsqd                       ? 
_refine.pdbx_data_cutoff_high_absF               ? 
_refine.pdbx_data_cutoff_high_rms_absF           ? 
_refine.pdbx_data_cutoff_low_absF                ? 
_refine.pdbx_isotropic_thermal_model             ? 
_refine.pdbx_ls_cross_valid_method               THROUGHOUT 
_refine.pdbx_method_to_determine_struct          'MOLECULAR REPLACEMENT' 
_refine.pdbx_starting_model                      4LIJ 
_refine.pdbx_stereochemistry_target_values       ? 
_refine.pdbx_R_Free_selection_details            RANDOM 
_refine.pdbx_stereochem_target_val_spec_case     ? 
_refine.pdbx_overall_ESU_R                       0.1340 
_refine.pdbx_overall_ESU_R_Free                  0.1360 
_refine.pdbx_solvent_vdw_probe_radii             1.2000 
_refine.pdbx_solvent_ion_probe_radii             0.8000 
_refine.pdbx_solvent_shrinkage_radii             0.8000 
_refine.pdbx_real_space_R                        ? 
_refine.pdbx_density_correlation                 ? 
_refine.pdbx_pd_number_of_powder_patterns        ? 
_refine.pdbx_pd_number_of_points                 ? 
_refine.pdbx_pd_meas_number_of_points            ? 
_refine.pdbx_pd_proc_ls_prof_R_factor            ? 
_refine.pdbx_pd_proc_ls_prof_wR_factor           ? 
_refine.pdbx_pd_Marquardt_correlation_coeff      ? 
_refine.pdbx_pd_Fsqrd_R_factor                   ? 
_refine.pdbx_pd_ls_matrix_band_width             ? 
_refine.pdbx_overall_phase_error                 ? 
_refine.pdbx_overall_SU_R_free_Cruickshank_DPI   ? 
_refine.pdbx_overall_SU_R_free_Blow_DPI          ? 
_refine.pdbx_overall_SU_R_Blow_DPI               ? 
_refine.pdbx_TLS_residual_ADP_flag               ? 
_refine.pdbx_diffrn_id                           1 
_refine.overall_SU_B                             7.9830 
_refine.overall_SU_ML                            0.1090 
_refine.overall_SU_R_Cruickshank_DPI             0.1339 
_refine.overall_SU_R_free                        ? 
_refine.overall_FOM_free_R_set                   ? 
_refine.overall_FOM_work_R_set                   ? 
_refine.pdbx_average_fsc_overall                 ? 
_refine.pdbx_average_fsc_work                    ? 
_refine.pdbx_average_fsc_free                    ? 
# 
_refine_hist.pdbx_refine_id                   'X-RAY DIFFRACTION' 
_refine_hist.cycle_id                         final 
_refine_hist.details                          ? 
_refine_hist.d_res_high                       1.8600 
_refine_hist.d_res_low                        35.0200 
_refine_hist.number_atoms_solvent             18 
_refine_hist.number_atoms_total               644 
_refine_hist.number_reflns_all                ? 
_refine_hist.number_reflns_obs                ? 
_refine_hist.number_reflns_R_free             ? 
_refine_hist.number_reflns_R_work             ? 
_refine_hist.R_factor_all                     ? 
_refine_hist.R_factor_obs                     ? 
_refine_hist.R_factor_R_free                  ? 
_refine_hist.R_factor_R_work                  ? 
_refine_hist.pdbx_number_residues_total       80 
_refine_hist.pdbx_B_iso_mean_ligand           51.87 
_refine_hist.pdbx_B_iso_mean_solvent          35.68 
_refine_hist.pdbx_number_atoms_protein        606 
_refine_hist.pdbx_number_atoms_nucleic_acid   0 
_refine_hist.pdbx_number_atoms_ligand         20 
_refine_hist.pdbx_number_atoms_lipid          ? 
_refine_hist.pdbx_number_atoms_carb           ? 
_refine_hist.pdbx_pseudo_atom_details         ? 
# 
loop_
_refine_ls_restr.pdbx_refine_id 
_refine_ls_restr.criterion 
_refine_ls_restr.dev_ideal 
_refine_ls_restr.dev_ideal_target 
_refine_ls_restr.number 
_refine_ls_restr.rejects 
_refine_ls_restr.type 
_refine_ls_restr.weight 
_refine_ls_restr.pdbx_restraint_function 
'X-RAY DIFFRACTION' ? 0.016  0.013  641  ? r_bond_refined_d       ? ? 
'X-RAY DIFFRACTION' ? 0.001  0.017  626  ? r_bond_other_d         ? ? 
'X-RAY DIFFRACTION' ? 1.546  1.674  859  ? r_angle_refined_deg    ? ? 
'X-RAY DIFFRACTION' ? 1.241  1.571  1466 ? r_angle_other_deg      ? ? 
'X-RAY DIFFRACTION' ? 6.501  5.000  81   ? r_dihedral_angle_1_deg ? ? 
'X-RAY DIFFRACTION' ? 39.880 24.483 29   ? r_dihedral_angle_2_deg ? ? 
'X-RAY DIFFRACTION' ? 14.971 15.000 111  ? r_dihedral_angle_3_deg ? ? 
'X-RAY DIFFRACTION' ? 25.277 15.000 3    ? r_dihedral_angle_4_deg ? ? 
'X-RAY DIFFRACTION' ? 0.074  0.200  86   ? r_chiral_restr         ? ? 
'X-RAY DIFFRACTION' ? 0.012  0.020  698  ? r_gen_planes_refined   ? ? 
'X-RAY DIFFRACTION' ? 0.002  0.020  107  ? r_gen_planes_other     ? ? 
# 
_refine_ls_shell.pdbx_refine_id                   'X-RAY DIFFRACTION' 
_refine_ls_shell.d_res_high                       1.8600 
_refine_ls_shell.d_res_low                        1.9080 
_refine_ls_shell.number_reflns_all                593 
_refine_ls_shell.number_reflns_obs                ? 
_refine_ls_shell.number_reflns_R_free             37 
_refine_ls_shell.number_reflns_R_work             556 
_refine_ls_shell.percent_reflns_obs               100.0000 
_refine_ls_shell.percent_reflns_R_free            ? 
_refine_ls_shell.R_factor_all                     ? 
_refine_ls_shell.R_factor_obs                     ? 
_refine_ls_shell.R_factor_R_free                  0.2800 
_refine_ls_shell.R_factor_R_free_error            0.0000 
_refine_ls_shell.R_factor_R_work                  0.3100 
_refine_ls_shell.redundancy_reflns_all            ? 
_refine_ls_shell.redundancy_reflns_obs            ? 
_refine_ls_shell.wR_factor_all                    ? 
_refine_ls_shell.wR_factor_obs                    ? 
_refine_ls_shell.wR_factor_R_free                 ? 
_refine_ls_shell.wR_factor_R_work                 ? 
_refine_ls_shell.pdbx_R_complete                  ? 
_refine_ls_shell.pdbx_total_number_of_bins_used   20 
_refine_ls_shell.pdbx_phase_error                 ? 
_refine_ls_shell.pdbx_fsc_work                    ? 
_refine_ls_shell.pdbx_fsc_free                    ? 
# 
_struct.entry_id                     6Y24 
_struct.title                        'Crystal structure of fourth KH domain of FUBP1' 
_struct.pdbx_model_details           ? 
_struct.pdbx_formula_weight          ? 
_struct.pdbx_formula_weight_method   ? 
_struct.pdbx_model_type_details      ? 
_struct.pdbx_CASP_flag               N 
# 
_struct_keywords.entry_id        6Y24 
_struct_keywords.text            'KH4, Structural Genomics, Structural Genomics Consortium, SGC, RNA BINDING PROTEIN' 
_struct_keywords.pdbx_keywords   'RNA BINDING PROTEIN' 
# 
loop_
_struct_asym.id 
_struct_asym.pdbx_blank_PDB_chainid_flag 
_struct_asym.pdbx_modified 
_struct_asym.entity_id 
_struct_asym.details 
A N N 1 ? 
B N N 2 ? 
C N N 2 ? 
D N N 2 ? 
E N N 2 ? 
F N N 2 ? 
G N N 3 ? 
# 
_struct_ref.id                         1 
_struct_ref.db_name                    UNP 
_struct_ref.db_code                    FUBP1_HUMAN 
_struct_ref.pdbx_db_accession          Q96AE4 
_struct_ref.pdbx_db_isoform            ? 
_struct_ref.entity_id                  1 
_struct_ref.pdbx_seq_one_letter_code   
;QGNWNMGPPGGLQEFNFIVPTGKTGLIIGKGGETIKSISQQSGARIELQRNPPPNADPNMKLFTIRGTPQQIDYARQLIE
EKIGGPVNPLG
;
_struct_ref.pdbx_align_begin           365 
# 
_struct_ref_seq.align_id                      1 
_struct_ref_seq.ref_id                        1 
_struct_ref_seq.pdbx_PDB_id_code              6Y24 
_struct_ref_seq.pdbx_strand_id                A 
_struct_ref_seq.seq_align_beg                 3 
_struct_ref_seq.pdbx_seq_align_beg_ins_code   ? 
_struct_ref_seq.seq_align_end                 93 
_struct_ref_seq.pdbx_seq_align_end_ins_code   ? 
_struct_ref_seq.pdbx_db_accession             Q96AE4 
_struct_ref_seq.db_align_beg                  365 
_struct_ref_seq.pdbx_db_align_beg_ins_code    ? 
_struct_ref_seq.db_align_end                  455 
_struct_ref_seq.pdbx_db_align_end_ins_code    ? 
_struct_ref_seq.pdbx_auth_seq_align_beg       365 
_struct_ref_seq.pdbx_auth_seq_align_end       455 
# 
loop_
_struct_ref_seq_dif.align_id 
_struct_ref_seq_dif.pdbx_pdb_id_code 
_struct_ref_seq_dif.mon_id 
_struct_ref_seq_dif.pdbx_pdb_strand_id 
_struct_ref_seq_dif.seq_num 
_struct_ref_seq_dif.pdbx_pdb_ins_code 
_struct_ref_seq_dif.pdbx_seq_db_name 
_struct_ref_seq_dif.pdbx_seq_db_accession_code 
_struct_ref_seq_dif.db_mon_id 
_struct_ref_seq_dif.pdbx_seq_db_seq_num 
_struct_ref_seq_dif.details 
_struct_ref_seq_dif.pdbx_auth_seq_num 
_struct_ref_seq_dif.pdbx_ordinal 
1 6Y24 SER A 1 ? UNP Q96AE4 ? ? 'expression tag' 363 1 
1 6Y24 MET A 2 ? UNP Q96AE4 ? ? 'expression tag' 364 2 
# 
_pdbx_struct_assembly.id                   1 
_pdbx_struct_assembly.details              author_defined_assembly 
_pdbx_struct_assembly.method_details       ? 
_pdbx_struct_assembly.oligomeric_details   monomeric 
_pdbx_struct_assembly.oligomeric_count     1 
# 
loop_
_pdbx_struct_assembly_prop.biol_id 
_pdbx_struct_assembly_prop.type 
_pdbx_struct_assembly_prop.value 
_pdbx_struct_assembly_prop.details 
1 'ABSA (A^2)' 690  ? 
1 MORE         9    ? 
1 'SSA (A^2)'  5280 ? 
# 
_pdbx_struct_assembly_gen.assembly_id       1 
_pdbx_struct_assembly_gen.oper_expression   1 
_pdbx_struct_assembly_gen.asym_id_list      A,B,C,D,E,F,G 
# 
_pdbx_struct_assembly_auth_evidence.id                     1 
_pdbx_struct_assembly_auth_evidence.assembly_id            1 
_pdbx_struct_assembly_auth_evidence.experimental_support   'gel filtration' 
_pdbx_struct_assembly_auth_evidence.details                ? 
# 
_pdbx_struct_oper_list.id                   1 
_pdbx_struct_oper_list.type                 'identity operation' 
_pdbx_struct_oper_list.name                 1_555 
_pdbx_struct_oper_list.symmetry_operation   x,y,z 
_pdbx_struct_oper_list.matrix[1][1]         1.0000000000 
_pdbx_struct_oper_list.matrix[1][2]         0.0000000000 
_pdbx_struct_oper_list.matrix[1][3]         0.0000000000 
_pdbx_struct_oper_list.vector[1]            0.0000000000 
_pdbx_struct_oper_list.matrix[2][1]         0.0000000000 
_pdbx_struct_oper_list.matrix[2][2]         1.0000000000 
_pdbx_struct_oper_list.matrix[2][3]         0.0000000000 
_pdbx_struct_oper_list.vector[2]            0.0000000000 
_pdbx_struct_oper_list.matrix[3][1]         0.0000000000 
_pdbx_struct_oper_list.matrix[3][2]         0.0000000000 
_pdbx_struct_oper_list.matrix[3][3]         1.0000000000 
_pdbx_struct_oper_list.vector[3]            0.0000000000 
# 
loop_
_struct_conf.conf_type_id 
_struct_conf.id 
_struct_conf.pdbx_PDB_helix_id 
_struct_conf.beg_label_comp_id 
_struct_conf.beg_label_asym_id 
_struct_conf.beg_label_seq_id 
_struct_conf.pdbx_beg_PDB_ins_code 
_struct_conf.end_label_comp_id 
_struct_conf.end_label_asym_id 
_struct_conf.end_label_seq_id 
_struct_conf.pdbx_end_PDB_ins_code 
_struct_conf.beg_auth_comp_id 
_struct_conf.beg_auth_asym_id 
_struct_conf.beg_auth_seq_id 
_struct_conf.end_auth_comp_id 
_struct_conf.end_auth_asym_id 
_struct_conf.end_auth_seq_id 
_struct_conf.pdbx_PDB_helix_class 
_struct_conf.details 
_struct_conf.pdbx_PDB_helix_length 
HELX_P HELX_P1 AA1 LYS A 25 ? GLY A 31 ? LYS A 387 GLY A 393 1 ? 7  
HELX_P HELX_P2 AA2 GLY A 34 ? GLY A 45 ? GLY A 396 GLY A 407 1 ? 12 
HELX_P HELX_P3 AA3 THR A 70 ? GLY A 86 ? THR A 432 GLY A 448 1 ? 17 
# 
_struct_conf_type.id          HELX_P 
_struct_conf_type.criteria    ? 
_struct_conf_type.reference   ? 
# 
_struct_sheet.id               AA1 
_struct_sheet.type             ? 
_struct_sheet.number_strands   4 
_struct_sheet.details          ? 
# 
loop_
_struct_sheet_order.sheet_id 
_struct_sheet_order.range_id_1 
_struct_sheet_order.range_id_2 
_struct_sheet_order.offset 
_struct_sheet_order.sense 
AA1 1 2 ? anti-parallel 
AA1 2 3 ? anti-parallel 
AA1 3 4 ? anti-parallel 
# 
loop_
_struct_sheet_range.sheet_id 
_struct_sheet_range.id 
_struct_sheet_range.beg_label_comp_id 
_struct_sheet_range.beg_label_asym_id 
_struct_sheet_range.beg_label_seq_id 
_struct_sheet_range.pdbx_beg_PDB_ins_code 
_struct_sheet_range.end_label_comp_id 
_struct_sheet_range.end_label_asym_id 
_struct_sheet_range.end_label_seq_id 
_struct_sheet_range.pdbx_end_PDB_ins_code 
_struct_sheet_range.beg_auth_comp_id 
_struct_sheet_range.beg_auth_asym_id 
_struct_sheet_range.beg_auth_seq_id 
_struct_sheet_range.end_auth_comp_id 
_struct_sheet_range.end_auth_asym_id 
_struct_sheet_range.end_auth_seq_id 
AA1 1 ARG A 47 ? LEU A 50 ? ARG A 409 LEU A 412 
AA1 2 MET A 62 ? GLY A 69 ? MET A 424 GLY A 431 
AA1 3 GLN A 15 ? PRO A 22 ? GLN A 377 PRO A 384 
AA1 4 ASN A 90 ? PRO A 91 ? ASN A 452 PRO A 453 
# 
loop_
_pdbx_struct_sheet_hbond.sheet_id 
_pdbx_struct_sheet_hbond.range_id_1 
_pdbx_struct_sheet_hbond.range_id_2 
_pdbx_struct_sheet_hbond.range_1_label_atom_id 
_pdbx_struct_sheet_hbond.range_1_label_comp_id 
_pdbx_struct_sheet_hbond.range_1_label_asym_id 
_pdbx_struct_sheet_hbond.range_1_label_seq_id 
_pdbx_struct_sheet_hbond.range_1_PDB_ins_code 
_pdbx_struct_sheet_hbond.range_1_auth_atom_id 
_pdbx_struct_sheet_hbond.range_1_auth_comp_id 
_pdbx_struct_sheet_hbond.range_1_auth_asym_id 
_pdbx_struct_sheet_hbond.range_1_auth_seq_id 
_pdbx_struct_sheet_hbond.range_2_label_atom_id 
_pdbx_struct_sheet_hbond.range_2_label_comp_id 
_pdbx_struct_sheet_hbond.range_2_label_asym_id 
_pdbx_struct_sheet_hbond.range_2_label_seq_id 
_pdbx_struct_sheet_hbond.range_2_PDB_ins_code 
_pdbx_struct_sheet_hbond.range_2_auth_atom_id 
_pdbx_struct_sheet_hbond.range_2_auth_comp_id 
_pdbx_struct_sheet_hbond.range_2_auth_asym_id 
_pdbx_struct_sheet_hbond.range_2_auth_seq_id 
AA1 1 2 N GLU A 49 ? N GLU A 411 O THR A 66 ? O THR A 428 
AA1 2 3 O GLY A 69 ? O GLY A 431 N GLN A 15 ? N GLN A 377 
AA1 3 4 N ILE A 20 ? N ILE A 382 O ASN A 90 ? O ASN A 452 
# 
loop_
_struct_site.id 
_struct_site.pdbx_evidence_code 
_struct_site.pdbx_auth_asym_id 
_struct_site.pdbx_auth_comp_id 
_struct_site.pdbx_auth_seq_id 
_struct_site.pdbx_auth_ins_code 
_struct_site.pdbx_num_residues 
_struct_site.details 
AC1 Software A EDO 1101 ? 5 'binding site for residue EDO A 1101' 
AC2 Software A EDO 1102 ? 3 'binding site for residue EDO A 1102' 
AC3 Software A EDO 1103 ? 7 'binding site for residue EDO A 1103' 
AC4 Software A EDO 1104 ? 3 'binding site for residue EDO A 1104' 
AC5 Software A EDO 1105 ? 7 'binding site for residue EDO A 1105' 
# 
loop_
_struct_site_gen.id 
_struct_site_gen.site_id 
_struct_site_gen.pdbx_num_res 
_struct_site_gen.label_comp_id 
_struct_site_gen.label_asym_id 
_struct_site_gen.label_seq_id 
_struct_site_gen.pdbx_auth_ins_code 
_struct_site_gen.auth_comp_id 
_struct_site_gen.auth_asym_id 
_struct_site_gen.auth_seq_id 
_struct_site_gen.label_atom_id 
_struct_site_gen.label_alt_id 
_struct_site_gen.symmetry 
_struct_site_gen.details 
1  AC1 5 GLY A 13 ? GLY A 375  . ? 1_555 ? 
2  AC1 5 ILE A 48 ? ILE A 410  . ? 6_554 ? 
3  AC1 5 GLU A 49 ? GLU A 411  . ? 6_554 ? 
4  AC1 5 LEU A 50 ? LEU A 412  . ? 6_554 ? 
5  AC1 5 GLN A 72 ? GLN A 434  . ? 1_555 ? 
6  AC2 3 LYS A 32 ? LYS A 394  . ? 4_556 ? 
7  AC2 3 GLY A 33 ? GLY A 395  . ? 4_556 ? 
8  AC2 3 GLY A 86 ? GLY A 448  . ? 1_555 ? 
9  AC3 7 GLU A 16 ? GLU A 378  . ? 1_555 ? 
10 AC3 7 SER A 41 ? SER A 403  . ? 6_554 ? 
11 AC3 7 GLY A 45 ? GLY A 407  . ? 6_554 ? 
12 AC3 7 ARG A 47 ? ARG A 409  . ? 6_554 ? 
13 AC3 7 HOH G .  ? HOH A 1204 . ? 1_555 ? 
14 AC3 7 HOH G .  ? HOH A 1207 . ? 6_554 ? 
15 AC3 7 HOH G .  ? HOH A 1216 . ? 1_555 ? 
16 AC4 3 SER A 44 ? SER A 406  . ? 1_555 ? 
17 AC4 3 GLN A 72 ? GLN A 434  . ? 1_555 ? 
18 AC4 3 TYR A 76 ? TYR A 438  . ? 1_555 ? 
19 AC5 7 LEU A 14 ? LEU A 376  . ? 1_555 ? 
20 AC5 7 ARG A 47 ? ARG A 409  . ? 1_555 ? 
21 AC5 7 ARG A 68 ? ARG A 430  . ? 1_555 ? 
22 AC5 7 ILE A 74 ? ILE A 436  . ? 6_555 ? 
23 AC5 7 ASP A 75 ? ASP A 437  . ? 6_555 ? 
24 AC5 7 ARG A 78 ? ARG A 440  . ? 6_555 ? 
25 AC5 7 HOH G .  ? HOH A 1202 . ? 1_555 ? 
# 
_pdbx_SG_project.id                    1 
_pdbx_SG_project.project_name          ? 
_pdbx_SG_project.full_name_of_center   'Structural Genomics Consortium' 
_pdbx_SG_project.initial_of_center     SGC 
# 
loop_
_pdbx_refine_tls.id 
_pdbx_refine_tls.pdbx_refine_id 
_pdbx_refine_tls.details 
_pdbx_refine_tls.method 
_pdbx_refine_tls.origin_x 
_pdbx_refine_tls.origin_y 
_pdbx_refine_tls.origin_z 
_pdbx_refine_tls.T[1][1] 
_pdbx_refine_tls.T[1][1]_esd 
_pdbx_refine_tls.T[1][2] 
_pdbx_refine_tls.T[1][2]_esd 
_pdbx_refine_tls.T[1][3] 
_pdbx_refine_tls.T[1][3]_esd 
_pdbx_refine_tls.T[2][2] 
_pdbx_refine_tls.T[2][2]_esd 
_pdbx_refine_tls.T[2][3] 
_pdbx_refine_tls.T[2][3]_esd 
_pdbx_refine_tls.T[3][3] 
_pdbx_refine_tls.T[3][3]_esd 
_pdbx_refine_tls.L[1][1] 
_pdbx_refine_tls.L[1][1]_esd 
_pdbx_refine_tls.L[1][2] 
_pdbx_refine_tls.L[1][2]_esd 
_pdbx_refine_tls.L[1][3] 
_pdbx_refine_tls.L[1][3]_esd 
_pdbx_refine_tls.L[2][2] 
_pdbx_refine_tls.L[2][2]_esd 
_pdbx_refine_tls.L[2][3] 
_pdbx_refine_tls.L[2][3]_esd 
_pdbx_refine_tls.L[3][3] 
_pdbx_refine_tls.L[3][3]_esd 
_pdbx_refine_tls.S[1][1] 
_pdbx_refine_tls.S[1][1]_esd 
_pdbx_refine_tls.S[1][2] 
_pdbx_refine_tls.S[1][2]_esd 
_pdbx_refine_tls.S[1][3] 
_pdbx_refine_tls.S[1][3]_esd 
_pdbx_refine_tls.S[2][1] 
_pdbx_refine_tls.S[2][1]_esd 
_pdbx_refine_tls.S[2][2] 
_pdbx_refine_tls.S[2][2]_esd 
_pdbx_refine_tls.S[2][3] 
_pdbx_refine_tls.S[2][3]_esd 
_pdbx_refine_tls.S[3][1] 
_pdbx_refine_tls.S[3][1]_esd 
_pdbx_refine_tls.S[3][2] 
_pdbx_refine_tls.S[3][2]_esd 
_pdbx_refine_tls.S[3][3] 
_pdbx_refine_tls.S[3][3]_esd 
1 'X-RAY DIFFRACTION' ? refined -0.0202 1.9412  0.3455  0.0603 ? -0.0103 ? -0.0324 ? 0.1062 ? 0.0263  ? 0.0455 ? 2.7014 ? -0.1521 ? 0.6218 ? 1.7609 ? -0.2373 ? 3.4396 ? -0.0732 ? -0.0053 ? -0.0147 ? 0.0392  ? 0.1196 ? -0.0258 ? -0.1082 ? 0.2729 ? -0.0465 ? 
2 'X-RAY DIFFRACTION' ? refined -1.5706 -6.9376 -2.2739 0.1328 ? 0.0015  ? -0.0852 ? 0.0901 ? -0.0046 ? 0.1364 ? 7.7849 ? -0.6317 ? 1.3608 ? 5.3311 ? -1.0487 ? 3.0865 ? 0.0503  ? -0.0027 ? -0.5404 ? -0.1407 ? 0.1115 ? 0.0558  ? 0.3901  ? 0.1840 ? -0.1619 ? 
# 
loop_
_pdbx_refine_tls_group.id 
_pdbx_refine_tls_group.pdbx_refine_id 
_pdbx_refine_tls_group.refine_tls_id 
_pdbx_refine_tls_group.beg_label_asym_id 
_pdbx_refine_tls_group.beg_label_seq_id 
_pdbx_refine_tls_group.beg_auth_asym_id 
_pdbx_refine_tls_group.beg_auth_seq_id 
_pdbx_refine_tls_group.end_label_asym_id 
_pdbx_refine_tls_group.end_label_seq_id 
_pdbx_refine_tls_group.end_auth_asym_id 
_pdbx_refine_tls_group.end_auth_seq_id 
_pdbx_refine_tls_group.selection 
_pdbx_refine_tls_group.selection_details 
1 'X-RAY DIFFRACTION' 1 ? ? A 375 ? ? A 437 ? ? 
2 'X-RAY DIFFRACTION' 2 ? ? A 438 ? ? A 455 ? ? 
# 
_pdbx_entry_details.entry_id                 6Y24 
_pdbx_entry_details.has_ligand_of_interest   N 
_pdbx_entry_details.compound_details         ? 
_pdbx_entry_details.source_details           ? 
_pdbx_entry_details.nonpolymer_details       ? 
_pdbx_entry_details.sequence_details         ? 
# 
loop_
_pdbx_unobs_or_zero_occ_residues.id 
_pdbx_unobs_or_zero_occ_residues.PDB_model_num 
_pdbx_unobs_or_zero_occ_residues.polymer_flag 
_pdbx_unobs_or_zero_occ_residues.occupancy_flag 
_pdbx_unobs_or_zero_occ_residues.auth_asym_id 
_pdbx_unobs_or_zero_occ_residues.auth_comp_id 
_pdbx_unobs_or_zero_occ_residues.auth_seq_id 
_pdbx_unobs_or_zero_occ_residues.PDB_ins_code 
_pdbx_unobs_or_zero_occ_residues.label_asym_id 
_pdbx_unobs_or_zero_occ_residues.label_comp_id 
_pdbx_unobs_or_zero_occ_residues.label_seq_id 
1  1 Y 1 A SER 363 ? A SER 1  
2  1 Y 1 A MET 364 ? A MET 2  
3  1 Y 1 A GLN 365 ? A GLN 3  
4  1 Y 1 A GLY 366 ? A GLY 4  
5  1 Y 1 A ASN 367 ? A ASN 5  
6  1 Y 1 A TRP 368 ? A TRP 6  
7  1 Y 1 A ASN 369 ? A ASN 7  
8  1 Y 1 A MET 370 ? A MET 8  
9  1 Y 1 A GLY 371 ? A GLY 9  
10 1 Y 1 A PRO 372 ? A PRO 10 
11 1 Y 1 A PRO 373 ? A PRO 11 
12 1 Y 1 A GLY 374 ? A GLY 12 
13 1 Y 1 A GLY 455 ? A GLY 93 
# 
loop_
_chem_comp_atom.comp_id 
_chem_comp_atom.atom_id 
_chem_comp_atom.type_symbol 
_chem_comp_atom.pdbx_aromatic_flag 
_chem_comp_atom.pdbx_stereo_config 
_chem_comp_atom.pdbx_ordinal 
ALA N    N N N 1   
ALA CA   C N S 2   
ALA C    C N N 3   
ALA O    O N N 4   
ALA CB   C N N 5   
ALA OXT  O N N 6   
ALA H    H N N 7   
ALA H2   H N N 8   
ALA HA   H N N 9   
ALA HB1  H N N 10  
ALA HB2  H N N 11  
ALA HB3  H N N 12  
ALA HXT  H N N 13  
ARG N    N N N 14  
ARG CA   C N S 15  
ARG C    C N N 16  
ARG O    O N N 17  
ARG CB   C N N 18  
ARG CG   C N N 19  
ARG CD   C N N 20  
ARG NE   N N N 21  
ARG CZ   C N N 22  
ARG NH1  N N N 23  
ARG NH2  N N N 24  
ARG OXT  O N N 25  
ARG H    H N N 26  
ARG H2   H N N 27  
ARG HA   H N N 28  
ARG HB2  H N N 29  
ARG HB3  H N N 30  
ARG HG2  H N N 31  
ARG HG3  H N N 32  
ARG HD2  H N N 33  
ARG HD3  H N N 34  
ARG HE   H N N 35  
ARG HH11 H N N 36  
ARG HH12 H N N 37  
ARG HH21 H N N 38  
ARG HH22 H N N 39  
ARG HXT  H N N 40  
ASN N    N N N 41  
ASN CA   C N S 42  
ASN C    C N N 43  
ASN O    O N N 44  
ASN CB   C N N 45  
ASN CG   C N N 46  
ASN OD1  O N N 47  
ASN ND2  N N N 48  
ASN OXT  O N N 49  
ASN H    H N N 50  
ASN H2   H N N 51  
ASN HA   H N N 52  
ASN HB2  H N N 53  
ASN HB3  H N N 54  
ASN HD21 H N N 55  
ASN HD22 H N N 56  
ASN HXT  H N N 57  
ASP N    N N N 58  
ASP CA   C N S 59  
ASP C    C N N 60  
ASP O    O N N 61  
ASP CB   C N N 62  
ASP CG   C N N 63  
ASP OD1  O N N 64  
ASP OD2  O N N 65  
ASP OXT  O N N 66  
ASP H    H N N 67  
ASP H2   H N N 68  
ASP HA   H N N 69  
ASP HB2  H N N 70  
ASP HB3  H N N 71  
ASP HD2  H N N 72  
ASP HXT  H N N 73  
EDO C1   C N N 74  
EDO O1   O N N 75  
EDO C2   C N N 76  
EDO O2   O N N 77  
EDO H11  H N N 78  
EDO H12  H N N 79  
EDO HO1  H N N 80  
EDO H21  H N N 81  
EDO H22  H N N 82  
EDO HO2  H N N 83  
GLN N    N N N 84  
GLN CA   C N S 85  
GLN C    C N N 86  
GLN O    O N N 87  
GLN CB   C N N 88  
GLN CG   C N N 89  
GLN CD   C N N 90  
GLN OE1  O N N 91  
GLN NE2  N N N 92  
GLN OXT  O N N 93  
GLN H    H N N 94  
GLN H2   H N N 95  
GLN HA   H N N 96  
GLN HB2  H N N 97  
GLN HB3  H N N 98  
GLN HG2  H N N 99  
GLN HG3  H N N 100 
GLN HE21 H N N 101 
GLN HE22 H N N 102 
GLN HXT  H N N 103 
GLU N    N N N 104 
GLU CA   C N S 105 
GLU C    C N N 106 
GLU O    O N N 107 
GLU CB   C N N 108 
GLU CG   C N N 109 
GLU CD   C N N 110 
GLU OE1  O N N 111 
GLU OE2  O N N 112 
GLU OXT  O N N 113 
GLU H    H N N 114 
GLU H2   H N N 115 
GLU HA   H N N 116 
GLU HB2  H N N 117 
GLU HB3  H N N 118 
GLU HG2  H N N 119 
GLU HG3  H N N 120 
GLU HE2  H N N 121 
GLU HXT  H N N 122 
GLY N    N N N 123 
GLY CA   C N N 124 
GLY C    C N N 125 
GLY O    O N N 126 
GLY OXT  O N N 127 
GLY H    H N N 128 
GLY H2   H N N 129 
GLY HA2  H N N 130 
GLY HA3  H N N 131 
GLY HXT  H N N 132 
HOH O    O N N 133 
HOH H1   H N N 134 
HOH H2   H N N 135 
ILE N    N N N 136 
ILE CA   C N S 137 
ILE C    C N N 138 
ILE O    O N N 139 
ILE CB   C N S 140 
ILE CG1  C N N 141 
ILE CG2  C N N 142 
ILE CD1  C N N 143 
ILE OXT  O N N 144 
ILE H    H N N 145 
ILE H2   H N N 146 
ILE HA   H N N 147 
ILE HB   H N N 148 
ILE HG12 H N N 149 
ILE HG13 H N N 150 
ILE HG21 H N N 151 
ILE HG22 H N N 152 
ILE HG23 H N N 153 
ILE HD11 H N N 154 
ILE HD12 H N N 155 
ILE HD13 H N N 156 
ILE HXT  H N N 157 
LEU N    N N N 158 
LEU CA   C N S 159 
LEU C    C N N 160 
LEU O    O N N 161 
LEU CB   C N N 162 
LEU CG   C N N 163 
LEU CD1  C N N 164 
LEU CD2  C N N 165 
LEU OXT  O N N 166 
LEU H    H N N 167 
LEU H2   H N N 168 
LEU HA   H N N 169 
LEU HB2  H N N 170 
LEU HB3  H N N 171 
LEU HG   H N N 172 
LEU HD11 H N N 173 
LEU HD12 H N N 174 
LEU HD13 H N N 175 
LEU HD21 H N N 176 
LEU HD22 H N N 177 
LEU HD23 H N N 178 
LEU HXT  H N N 179 
LYS N    N N N 180 
LYS CA   C N S 181 
LYS C    C N N 182 
LYS O    O N N 183 
LYS CB   C N N 184 
LYS CG   C N N 185 
LYS CD   C N N 186 
LYS CE   C N N 187 
LYS NZ   N N N 188 
LYS OXT  O N N 189 
LYS H    H N N 190 
LYS H2   H N N 191 
LYS HA   H N N 192 
LYS HB2  H N N 193 
LYS HB3  H N N 194 
LYS HG2  H N N 195 
LYS HG3  H N N 196 
LYS HD2  H N N 197 
LYS HD3  H N N 198 
LYS HE2  H N N 199 
LYS HE3  H N N 200 
LYS HZ1  H N N 201 
LYS HZ2  H N N 202 
LYS HZ3  H N N 203 
LYS HXT  H N N 204 
MET N    N N N 205 
MET CA   C N S 206 
MET C    C N N 207 
MET O    O N N 208 
MET CB   C N N 209 
MET CG   C N N 210 
MET SD   S N N 211 
MET CE   C N N 212 
MET OXT  O N N 213 
MET H    H N N 214 
MET H2   H N N 215 
MET HA   H N N 216 
MET HB2  H N N 217 
MET HB3  H N N 218 
MET HG2  H N N 219 
MET HG3  H N N 220 
MET HE1  H N N 221 
MET HE2  H N N 222 
MET HE3  H N N 223 
MET HXT  H N N 224 
PHE N    N N N 225 
PHE CA   C N S 226 
PHE C    C N N 227 
PHE O    O N N 228 
PHE CB   C N N 229 
PHE CG   C Y N 230 
PHE CD1  C Y N 231 
PHE CD2  C Y N 232 
PHE CE1  C Y N 233 
PHE CE2  C Y N 234 
PHE CZ   C Y N 235 
PHE OXT  O N N 236 
PHE H    H N N 237 
PHE H2   H N N 238 
PHE HA   H N N 239 
PHE HB2  H N N 240 
PHE HB3  H N N 241 
PHE HD1  H N N 242 
PHE HD2  H N N 243 
PHE HE1  H N N 244 
PHE HE2  H N N 245 
PHE HZ   H N N 246 
PHE HXT  H N N 247 
PRO N    N N N 248 
PRO CA   C N S 249 
PRO C    C N N 250 
PRO O    O N N 251 
PRO CB   C N N 252 
PRO CG   C N N 253 
PRO CD   C N N 254 
PRO OXT  O N N 255 
PRO H    H N N 256 
PRO HA   H N N 257 
PRO HB2  H N N 258 
PRO HB3  H N N 259 
PRO HG2  H N N 260 
PRO HG3  H N N 261 
PRO HD2  H N N 262 
PRO HD3  H N N 263 
PRO HXT  H N N 264 
SER N    N N N 265 
SER CA   C N S 266 
SER C    C N N 267 
SER O    O N N 268 
SER CB   C N N 269 
SER OG   O N N 270 
SER OXT  O N N 271 
SER H    H N N 272 
SER H2   H N N 273 
SER HA   H N N 274 
SER HB2  H N N 275 
SER HB3  H N N 276 
SER HG   H N N 277 
SER HXT  H N N 278 
THR N    N N N 279 
THR CA   C N S 280 
THR C    C N N 281 
THR O    O N N 282 
THR CB   C N R 283 
THR OG1  O N N 284 
THR CG2  C N N 285 
THR OXT  O N N 286 
THR H    H N N 287 
THR H2   H N N 288 
THR HA   H N N 289 
THR HB   H N N 290 
THR HG1  H N N 291 
THR HG21 H N N 292 
THR HG22 H N N 293 
THR HG23 H N N 294 
THR HXT  H N N 295 
TRP N    N N N 296 
TRP CA   C N S 297 
TRP C    C N N 298 
TRP O    O N N 299 
TRP CB   C N N 300 
TRP CG   C Y N 301 
TRP CD1  C Y N 302 
TRP CD2  C Y N 303 
TRP NE1  N Y N 304 
TRP CE2  C Y N 305 
TRP CE3  C Y N 306 
TRP CZ2  C Y N 307 
TRP CZ3  C Y N 308 
TRP CH2  C Y N 309 
TRP OXT  O N N 310 
TRP H    H N N 311 
TRP H2   H N N 312 
TRP HA   H N N 313 
TRP HB2  H N N 314 
TRP HB3  H N N 315 
TRP HD1  H N N 316 
TRP HE1  H N N 317 
TRP HE3  H N N 318 
TRP HZ2  H N N 319 
TRP HZ3  H N N 320 
TRP HH2  H N N 321 
TRP HXT  H N N 322 
TYR N    N N N 323 
TYR CA   C N S 324 
TYR C    C N N 325 
TYR O    O N N 326 
TYR CB   C N N 327 
TYR CG   C Y N 328 
TYR CD1  C Y N 329 
TYR CD2  C Y N 330 
TYR CE1  C Y N 331 
TYR CE2  C Y N 332 
TYR CZ   C Y N 333 
TYR OH   O N N 334 
TYR OXT  O N N 335 
TYR H    H N N 336 
TYR H2   H N N 337 
TYR HA   H N N 338 
TYR HB2  H N N 339 
TYR HB3  H N N 340 
TYR HD1  H N N 341 
TYR HD2  H N N 342 
TYR HE1  H N N 343 
TYR HE2  H N N 344 
TYR HH   H N N 345 
TYR HXT  H N N 346 
VAL N    N N N 347 
VAL CA   C N S 348 
VAL C    C N N 349 
VAL O    O N N 350 
VAL CB   C N N 351 
VAL CG1  C N N 352 
VAL CG2  C N N 353 
VAL OXT  O N N 354 
VAL H    H N N 355 
VAL H2   H N N 356 
VAL HA   H N N 357 
VAL HB   H N N 358 
VAL HG11 H N N 359 
VAL HG12 H N N 360 
VAL HG13 H N N 361 
VAL HG21 H N N 362 
VAL HG22 H N N 363 
VAL HG23 H N N 364 
VAL HXT  H N N 365 
# 
loop_
_chem_comp_bond.comp_id 
_chem_comp_bond.atom_id_1 
_chem_comp_bond.atom_id_2 
_chem_comp_bond.value_order 
_chem_comp_bond.pdbx_aromatic_flag 
_chem_comp_bond.pdbx_stereo_config 
_chem_comp_bond.pdbx_ordinal 
ALA N   CA   sing N N 1   
ALA N   H    sing N N 2   
ALA N   H2   sing N N 3   
ALA CA  C    sing N N 4   
ALA CA  CB   sing N N 5   
ALA CA  HA   sing N N 6   
ALA C   O    doub N N 7   
ALA C   OXT  sing N N 8   
ALA CB  HB1  sing N N 9   
ALA CB  HB2  sing N N 10  
ALA CB  HB3  sing N N 11  
ALA OXT HXT  sing N N 12  
ARG N   CA   sing N N 13  
ARG N   H    sing N N 14  
ARG N   H2   sing N N 15  
ARG CA  C    sing N N 16  
ARG CA  CB   sing N N 17  
ARG CA  HA   sing N N 18  
ARG C   O    doub N N 19  
ARG C   OXT  sing N N 20  
ARG CB  CG   sing N N 21  
ARG CB  HB2  sing N N 22  
ARG CB  HB3  sing N N 23  
ARG CG  CD   sing N N 24  
ARG CG  HG2  sing N N 25  
ARG CG  HG3  sing N N 26  
ARG CD  NE   sing N N 27  
ARG CD  HD2  sing N N 28  
ARG CD  HD3  sing N N 29  
ARG NE  CZ   sing N N 30  
ARG NE  HE   sing N N 31  
ARG CZ  NH1  sing N N 32  
ARG CZ  NH2  doub N N 33  
ARG NH1 HH11 sing N N 34  
ARG NH1 HH12 sing N N 35  
ARG NH2 HH21 sing N N 36  
ARG NH2 HH22 sing N N 37  
ARG OXT HXT  sing N N 38  
ASN N   CA   sing N N 39  
ASN N   H    sing N N 40  
ASN N   H2   sing N N 41  
ASN CA  C    sing N N 42  
ASN CA  CB   sing N N 43  
ASN CA  HA   sing N N 44  
ASN C   O    doub N N 45  
ASN C   OXT  sing N N 46  
ASN CB  CG   sing N N 47  
ASN CB  HB2  sing N N 48  
ASN CB  HB3  sing N N 49  
ASN CG  OD1  doub N N 50  
ASN CG  ND2  sing N N 51  
ASN ND2 HD21 sing N N 52  
ASN ND2 HD22 sing N N 53  
ASN OXT HXT  sing N N 54  
ASP N   CA   sing N N 55  
ASP N   H    sing N N 56  
ASP N   H2   sing N N 57  
ASP CA  C    sing N N 58  
ASP CA  CB   sing N N 59  
ASP CA  HA   sing N N 60  
ASP C   O    doub N N 61  
ASP C   OXT  sing N N 62  
ASP CB  CG   sing N N 63  
ASP CB  HB2  sing N N 64  
ASP CB  HB3  sing N N 65  
ASP CG  OD1  doub N N 66  
ASP CG  OD2  sing N N 67  
ASP OD2 HD2  sing N N 68  
ASP OXT HXT  sing N N 69  
EDO C1  O1   sing N N 70  
EDO C1  C2   sing N N 71  
EDO C1  H11  sing N N 72  
EDO C1  H12  sing N N 73  
EDO O1  HO1  sing N N 74  
EDO C2  O2   sing N N 75  
EDO C2  H21  sing N N 76  
EDO C2  H22  sing N N 77  
EDO O2  HO2  sing N N 78  
GLN N   CA   sing N N 79  
GLN N   H    sing N N 80  
GLN N   H2   sing N N 81  
GLN CA  C    sing N N 82  
GLN CA  CB   sing N N 83  
GLN CA  HA   sing N N 84  
GLN C   O    doub N N 85  
GLN C   OXT  sing N N 86  
GLN CB  CG   sing N N 87  
GLN CB  HB2  sing N N 88  
GLN CB  HB3  sing N N 89  
GLN CG  CD   sing N N 90  
GLN CG  HG2  sing N N 91  
GLN CG  HG3  sing N N 92  
GLN CD  OE1  doub N N 93  
GLN CD  NE2  sing N N 94  
GLN NE2 HE21 sing N N 95  
GLN NE2 HE22 sing N N 96  
GLN OXT HXT  sing N N 97  
GLU N   CA   sing N N 98  
GLU N   H    sing N N 99  
GLU N   H2   sing N N 100 
GLU CA  C    sing N N 101 
GLU CA  CB   sing N N 102 
GLU CA  HA   sing N N 103 
GLU C   O    doub N N 104 
GLU C   OXT  sing N N 105 
GLU CB  CG   sing N N 106 
GLU CB  HB2  sing N N 107 
GLU CB  HB3  sing N N 108 
GLU CG  CD   sing N N 109 
GLU CG  HG2  sing N N 110 
GLU CG  HG3  sing N N 111 
GLU CD  OE1  doub N N 112 
GLU CD  OE2  sing N N 113 
GLU OE2 HE2  sing N N 114 
GLU OXT HXT  sing N N 115 
GLY N   CA   sing N N 116 
GLY N   H    sing N N 117 
GLY N   H2   sing N N 118 
GLY CA  C    sing N N 119 
GLY CA  HA2  sing N N 120 
GLY CA  HA3  sing N N 121 
GLY C   O    doub N N 122 
GLY C   OXT  sing N N 123 
GLY OXT HXT  sing N N 124 
HOH O   H1   sing N N 125 
HOH O   H2   sing N N 126 
ILE N   CA   sing N N 127 
ILE N   H    sing N N 128 
ILE N   H2   sing N N 129 
ILE CA  C    sing N N 130 
ILE CA  CB   sing N N 131 
ILE CA  HA   sing N N 132 
ILE C   O    doub N N 133 
ILE C   OXT  sing N N 134 
ILE CB  CG1  sing N N 135 
ILE CB  CG2  sing N N 136 
ILE CB  HB   sing N N 137 
ILE CG1 CD1  sing N N 138 
ILE CG1 HG12 sing N N 139 
ILE CG1 HG13 sing N N 140 
ILE CG2 HG21 sing N N 141 
ILE CG2 HG22 sing N N 142 
ILE CG2 HG23 sing N N 143 
ILE CD1 HD11 sing N N 144 
ILE CD1 HD12 sing N N 145 
ILE CD1 HD13 sing N N 146 
ILE OXT HXT  sing N N 147 
LEU N   CA   sing N N 148 
LEU N   H    sing N N 149 
LEU N   H2   sing N N 150 
LEU CA  C    sing N N 151 
LEU CA  CB   sing N N 152 
LEU CA  HA   sing N N 153 
LEU C   O    doub N N 154 
LEU C   OXT  sing N N 155 
LEU CB  CG   sing N N 156 
LEU CB  HB2  sing N N 157 
LEU CB  HB3  sing N N 158 
LEU CG  CD1  sing N N 159 
LEU CG  CD2  sing N N 160 
LEU CG  HG   sing N N 161 
LEU CD1 HD11 sing N N 162 
LEU CD1 HD12 sing N N 163 
LEU CD1 HD13 sing N N 164 
LEU CD2 HD21 sing N N 165 
LEU CD2 HD22 sing N N 166 
LEU CD2 HD23 sing N N 167 
LEU OXT HXT  sing N N 168 
LYS N   CA   sing N N 169 
LYS N   H    sing N N 170 
LYS N   H2   sing N N 171 
LYS CA  C    sing N N 172 
LYS CA  CB   sing N N 173 
LYS CA  HA   sing N N 174 
LYS C   O    doub N N 175 
LYS C   OXT  sing N N 176 
LYS CB  CG   sing N N 177 
LYS CB  HB2  sing N N 178 
LYS CB  HB3  sing N N 179 
LYS CG  CD   sing N N 180 
LYS CG  HG2  sing N N 181 
LYS CG  HG3  sing N N 182 
LYS CD  CE   sing N N 183 
LYS CD  HD2  sing N N 184 
LYS CD  HD3  sing N N 185 
LYS CE  NZ   sing N N 186 
LYS CE  HE2  sing N N 187 
LYS CE  HE3  sing N N 188 
LYS NZ  HZ1  sing N N 189 
LYS NZ  HZ2  sing N N 190 
LYS NZ  HZ3  sing N N 191 
LYS OXT HXT  sing N N 192 
MET N   CA   sing N N 193 
MET N   H    sing N N 194 
MET N   H2   sing N N 195 
MET CA  C    sing N N 196 
MET CA  CB   sing N N 197 
MET CA  HA   sing N N 198 
MET C   O    doub N N 199 
MET C   OXT  sing N N 200 
MET CB  CG   sing N N 201 
MET CB  HB2  sing N N 202 
MET CB  HB3  sing N N 203 
MET CG  SD   sing N N 204 
MET CG  HG2  sing N N 205 
MET CG  HG3  sing N N 206 
MET SD  CE   sing N N 207 
MET CE  HE1  sing N N 208 
MET CE  HE2  sing N N 209 
MET CE  HE3  sing N N 210 
MET OXT HXT  sing N N 211 
PHE N   CA   sing N N 212 
PHE N   H    sing N N 213 
PHE N   H2   sing N N 214 
PHE CA  C    sing N N 215 
PHE CA  CB   sing N N 216 
PHE CA  HA   sing N N 217 
PHE C   O    doub N N 218 
PHE C   OXT  sing N N 219 
PHE CB  CG   sing N N 220 
PHE CB  HB2  sing N N 221 
PHE CB  HB3  sing N N 222 
PHE CG  CD1  doub Y N 223 
PHE CG  CD2  sing Y N 224 
PHE CD1 CE1  sing Y N 225 
PHE CD1 HD1  sing N N 226 
PHE CD2 CE2  doub Y N 227 
PHE CD2 HD2  sing N N 228 
PHE CE1 CZ   doub Y N 229 
PHE CE1 HE1  sing N N 230 
PHE CE2 CZ   sing Y N 231 
PHE CE2 HE2  sing N N 232 
PHE CZ  HZ   sing N N 233 
PHE OXT HXT  sing N N 234 
PRO N   CA   sing N N 235 
PRO N   CD   sing N N 236 
PRO N   H    sing N N 237 
PRO CA  C    sing N N 238 
PRO CA  CB   sing N N 239 
PRO CA  HA   sing N N 240 
PRO C   O    doub N N 241 
PRO C   OXT  sing N N 242 
PRO CB  CG   sing N N 243 
PRO CB  HB2  sing N N 244 
PRO CB  HB3  sing N N 245 
PRO CG  CD   sing N N 246 
PRO CG  HG2  sing N N 247 
PRO CG  HG3  sing N N 248 
PRO CD  HD2  sing N N 249 
PRO CD  HD3  sing N N 250 
PRO OXT HXT  sing N N 251 
SER N   CA   sing N N 252 
SER N   H    sing N N 253 
SER N   H2   sing N N 254 
SER CA  C    sing N N 255 
SER CA  CB   sing N N 256 
SER CA  HA   sing N N 257 
SER C   O    doub N N 258 
SER C   OXT  sing N N 259 
SER CB  OG   sing N N 260 
SER CB  HB2  sing N N 261 
SER CB  HB3  sing N N 262 
SER OG  HG   sing N N 263 
SER OXT HXT  sing N N 264 
THR N   CA   sing N N 265 
THR N   H    sing N N 266 
THR N   H2   sing N N 267 
THR CA  C    sing N N 268 
THR CA  CB   sing N N 269 
THR CA  HA   sing N N 270 
THR C   O    doub N N 271 
THR C   OXT  sing N N 272 
THR CB  OG1  sing N N 273 
THR CB  CG2  sing N N 274 
THR CB  HB   sing N N 275 
THR OG1 HG1  sing N N 276 
THR CG2 HG21 sing N N 277 
THR CG2 HG22 sing N N 278 
THR CG2 HG23 sing N N 279 
THR OXT HXT  sing N N 280 
TRP N   CA   sing N N 281 
TRP N   H    sing N N 282 
TRP N   H2   sing N N 283 
TRP CA  C    sing N N 284 
TRP CA  CB   sing N N 285 
TRP CA  HA   sing N N 286 
TRP C   O    doub N N 287 
TRP C   OXT  sing N N 288 
TRP CB  CG   sing N N 289 
TRP CB  HB2  sing N N 290 
TRP CB  HB3  sing N N 291 
TRP CG  CD1  doub Y N 292 
TRP CG  CD2  sing Y N 293 
TRP CD1 NE1  sing Y N 294 
TRP CD1 HD1  sing N N 295 
TRP CD2 CE2  doub Y N 296 
TRP CD2 CE3  sing Y N 297 
TRP NE1 CE2  sing Y N 298 
TRP NE1 HE1  sing N N 299 
TRP CE2 CZ2  sing Y N 300 
TRP CE3 CZ3  doub Y N 301 
TRP CE3 HE3  sing N N 302 
TRP CZ2 CH2  doub Y N 303 
TRP CZ2 HZ2  sing N N 304 
TRP CZ3 CH2  sing Y N 305 
TRP CZ3 HZ3  sing N N 306 
TRP CH2 HH2  sing N N 307 
TRP OXT HXT  sing N N 308 
TYR N   CA   sing N N 309 
TYR N   H    sing N N 310 
TYR N   H2   sing N N 311 
TYR CA  C    sing N N 312 
TYR CA  CB   sing N N 313 
TYR CA  HA   sing N N 314 
TYR C   O    doub N N 315 
TYR C   OXT  sing N N 316 
TYR CB  CG   sing N N 317 
TYR CB  HB2  sing N N 318 
TYR CB  HB3  sing N N 319 
TYR CG  CD1  doub Y N 320 
TYR CG  CD2  sing Y N 321 
TYR CD1 CE1  sing Y N 322 
TYR CD1 HD1  sing N N 323 
TYR CD2 CE2  doub Y N 324 
TYR CD2 HD2  sing N N 325 
TYR CE1 CZ   doub Y N 326 
TYR CE1 HE1  sing N N 327 
TYR CE2 CZ   sing Y N 328 
TYR CE2 HE2  sing N N 329 
TYR CZ  OH   sing N N 330 
TYR OH  HH   sing N N 331 
TYR OXT HXT  sing N N 332 
VAL N   CA   sing N N 333 
VAL N   H    sing N N 334 
VAL N   H2   sing N N 335 
VAL CA  C    sing N N 336 
VAL CA  CB   sing N N 337 
VAL CA  HA   sing N N 338 
VAL C   O    doub N N 339 
VAL C   OXT  sing N N 340 
VAL CB  CG1  sing N N 341 
VAL CB  CG2  sing N N 342 
VAL CB  HB   sing N N 343 
VAL CG1 HG11 sing N N 344 
VAL CG1 HG12 sing N N 345 
VAL CG1 HG13 sing N N 346 
VAL CG2 HG21 sing N N 347 
VAL CG2 HG22 sing N N 348 
VAL CG2 HG23 sing N N 349 
VAL OXT HXT  sing N N 350 
# 
_pdbx_initial_refinement_model.id               1 
_pdbx_initial_refinement_model.entity_id_list   ? 
_pdbx_initial_refinement_model.type             'experimental model' 
_pdbx_initial_refinement_model.source_name      PDB 
_pdbx_initial_refinement_model.accession_code   4LIJ 
_pdbx_initial_refinement_model.details          ? 
# 
_atom_sites.entry_id                    6Y24 
_atom_sites.Cartn_transf_matrix[1][1]   ? 
_atom_sites.Cartn_transf_matrix[1][2]   ? 
_atom_sites.Cartn_transf_matrix[1][3]   ? 
_atom_sites.Cartn_transf_matrix[2][1]   ? 
_atom_sites.Cartn_transf_matrix[2][2]   ? 
_atom_sites.Cartn_transf_matrix[2][3]   ? 
_atom_sites.Cartn_transf_matrix[3][1]   ? 
_atom_sites.Cartn_transf_matrix[3][2]   ? 
_atom_sites.Cartn_transf_matrix[3][3]   ? 
_atom_sites.Cartn_transf_vector[1]      ? 
_atom_sites.Cartn_transf_vector[2]      ? 
_atom_sites.Cartn_transf_vector[3]      ? 
_atom_sites.fract_transf_matrix[1][1]   0.00619972 
_atom_sites.fract_transf_matrix[1][2]   -0.00674894 
_atom_sites.fract_transf_matrix[1][3]   -0.01096055 
_atom_sites.fract_transf_matrix[2][1]   -0.00621010 
_atom_sites.fract_transf_matrix[2][2]   0.00597994 
_atom_sites.fract_transf_matrix[2][3]   -0.00719482 
_atom_sites.fract_transf_matrix[3][1]   0.02477194 
_atom_sites.fract_transf_matrix[3][2]   0.02446174 
_atom_sites.fract_transf_matrix[3][3]   -0.00105030 
_atom_sites.fract_transf_vector[1]      0.232069 
_atom_sites.fract_transf_vector[2]      0.140239 
_atom_sites.fract_transf_vector[3]      0.412307 
_atom_sites.solution_primary            ? 
_atom_sites.solution_secondary          ? 
_atom_sites.solution_hydrogens          ? 
_atom_sites.special_details             ? 
# 
loop_
_atom_type.symbol 
C 
N 
O 
S 
# 
loop_
_atom_site.group_PDB 
_atom_site.id 
_atom_site.type_symbol 
_atom_site.label_atom_id 
_atom_site.label_alt_id 
_atom_site.label_comp_id 
_atom_site.label_asym_id 
_atom_site.label_entity_id 
_atom_site.label_seq_id 
_atom_site.pdbx_PDB_ins_code 
_atom_site.Cartn_x 
_atom_site.Cartn_y 
_atom_site.Cartn_z 
_atom_site.occupancy 
_atom_site.B_iso_or_equiv 
_atom_site.pdbx_formal_charge 
_atom_site.auth_seq_id 
_atom_site.auth_comp_id 
_atom_site.auth_asym_id 
_atom_site.auth_atom_id 
_atom_site.pdbx_PDB_model_num 
ATOM   1   N N   . GLY A 1 13 ? -9.690  8.172   -15.596 1.00 49.12 ? 375  GLY A N   1 
ATOM   2   C CA  . GLY A 1 13 ? -10.573 8.248   -14.360 1.00 45.44 ? 375  GLY A CA  1 
ATOM   3   C C   . GLY A 1 13 ? -9.874  7.652   -13.137 1.00 40.47 ? 375  GLY A C   1 
ATOM   4   O O   . GLY A 1 13 ? -9.623  6.386   -13.172 1.00 37.63 ? 375  GLY A O   1 
ATOM   5   N N   . LEU A 1 14 ? -9.560  8.497   -12.111 1.00 38.79 ? 376  LEU A N   1 
ATOM   6   C CA  . LEU A 1 14 ? -8.761  8.095   -10.892 1.00 32.56 ? 376  LEU A CA  1 
ATOM   7   C C   . LEU A 1 14 ? -9.714  7.665   -9.777  1.00 29.83 ? 376  LEU A C   1 
ATOM   8   O O   . LEU A 1 14 ? -10.690 8.375   -9.501  1.00 29.95 ? 376  LEU A O   1 
ATOM   9   C CB  . LEU A 1 14 ? -7.826  9.207   -10.369 1.00 34.68 ? 376  LEU A CB  1 
ATOM   10  C CG  . LEU A 1 14 ? -6.645  9.638   -11.275 1.00 37.57 ? 376  LEU A CG  1 
ATOM   11  C CD1 . LEU A 1 14 ? -5.773  10.655  -10.554 1.00 40.72 ? 376  LEU A CD1 1 
ATOM   12  C CD2 . LEU A 1 14 ? -5.780  8.475   -11.742 1.00 35.81 ? 376  LEU A CD2 1 
ATOM   13  N N   . GLN A 1 15 ? -9.382  6.546   -9.134  1.00 25.32 ? 377  GLN A N   1 
ATOM   14  C CA  . GLN A 1 15 ? -10.115 5.967   -8.012  1.00 23.27 ? 377  GLN A CA  1 
ATOM   15  C C   . GLN A 1 15 ? -9.063  5.612   -6.930  1.00 22.47 ? 377  GLN A C   1 
ATOM   16  O O   . GLN A 1 15 ? -7.855  5.929   -7.141  1.00 21.12 ? 377  GLN A O   1 
ATOM   17  C CB  . GLN A 1 15 ? -10.958 4.767   -8.507  1.00 23.10 ? 377  GLN A CB  1 
ATOM   18  C CG  . GLN A 1 15 ? -12.022 5.142   -9.556  1.00 23.04 ? 377  GLN A CG  1 
ATOM   19  C CD  . GLN A 1 15 ? -12.814 3.966   -10.081 1.00 24.16 ? 377  GLN A CD  1 
ATOM   20  O OE1 . GLN A 1 15 ? -12.874 2.902   -9.464  1.00 23.55 ? 377  GLN A OE1 1 
ATOM   21  N NE2 . GLN A 1 15 ? -13.460 4.162   -11.237 1.00 22.67 ? 377  GLN A NE2 1 
ATOM   22  N N   . GLU A 1 16 ? -9.533  5.163   -5.780  1.00 22.70 ? 378  GLU A N   1 
ATOM   23  C CA  . GLU A 1 16 ? -8.739  4.927   -4.564  1.00 22.69 ? 378  GLU A CA  1 
ATOM   24  C C   . GLU A 1 16 ? -9.061  3.540   -3.996  1.00 22.04 ? 378  GLU A C   1 
ATOM   25  O O   . GLU A 1 16 ? -10.253 3.156   -3.940  1.00 21.23 ? 378  GLU A O   1 
ATOM   26  C CB  . GLU A 1 16 ? -8.994  5.986   -3.476  1.00 25.19 ? 378  GLU A CB  1 
ATOM   27  C CG  . GLU A 1 16 ? -8.435  7.332   -3.830  1.00 29.13 ? 378  GLU A CG  1 
ATOM   28  C CD  . GLU A 1 16 ? -8.725  8.415   -2.801  1.00 31.33 ? 378  GLU A CD  1 
ATOM   29  O OE1 . GLU A 1 16 ? -9.457  8.142   -1.867  1.00 33.53 ? 378  GLU A OE1 1 
ATOM   30  O OE2 . GLU A 1 16 ? -8.182  9.495   -2.944  1.00 35.20 ? 378  GLU A OE2 1 
ATOM   31  N N   . PHE A 1 17 ? -8.040  2.844   -3.519  1.00 21.06 ? 379  PHE A N   1 
ATOM   32  C CA  . PHE A 1 17 ? -8.217  1.575   -2.742  1.00 20.59 ? 379  PHE A CA  1 
ATOM   33  C C   . PHE A 1 17 ? -7.457  1.688   -1.421  1.00 19.89 ? 379  PHE A C   1 
ATOM   34  O O   . PHE A 1 17 ? -6.234  1.868   -1.467  1.00 20.78 ? 379  PHE A O   1 
ATOM   35  C CB  . PHE A 1 17 ? -7.712  0.382   -3.545  1.00 21.21 ? 379  PHE A CB  1 
ATOM   36  C CG  . PHE A 1 17 ? -7.546  -0.900  -2.750  1.00 22.37 ? 379  PHE A CG  1 
ATOM   37  C CD1 . PHE A 1 17 ? -8.623  -1.476  -2.095  1.00 23.66 ? 379  PHE A CD1 1 
ATOM   38  C CD2 . PHE A 1 17 ? -6.350  -1.598  -2.761  1.00 22.92 ? 379  PHE A CD2 1 
ATOM   39  C CE1 . PHE A 1 17 ? -8.471  -2.667  -1.375  1.00 24.10 ? 379  PHE A CE1 1 
ATOM   40  C CE2 . PHE A 1 17 ? -6.214  -2.795  -2.053  1.00 23.43 ? 379  PHE A CE2 1 
ATOM   41  C CZ  . PHE A 1 17 ? -7.274  -3.339  -1.389  1.00 22.81 ? 379  PHE A CZ  1 
ATOM   42  N N   . ASN A 1 18 ? -8.171  1.624   -0.299  1.00 21.43 ? 380  ASN A N   1 
ATOM   43  C CA  . ASN A 1 18 ? -7.595  1.672   1.080   1.00 21.69 ? 380  ASN A CA  1 
ATOM   44  C C   . ASN A 1 18 ? -7.418  0.244   1.596   1.00 21.44 ? 380  ASN A C   1 
ATOM   45  O O   . ASN A 1 18 ? -8.403  -0.577  1.521   1.00 21.72 ? 380  ASN A O   1 
ATOM   46  C CB  . ASN A 1 18 ? -8.486  2.503   2.018   1.00 22.76 ? 380  ASN A CB  1 
ATOM   47  C CG  . ASN A 1 18 ? -8.669  3.919   1.520   1.00 25.56 ? 380  ASN A CG  1 
ATOM   48  O OD1 . ASN A 1 18 ? -7.701  4.657   1.381   1.00 24.63 ? 380  ASN A OD1 1 
ATOM   49  N ND2 . ASN A 1 18 ? -9.895  4.268   1.146   1.00 27.16 ? 380  ASN A ND2 1 
ATOM   50  N N   . PHE A 1 19 ? -6.281  -0.045  2.224   1.00 21.50 ? 381  PHE A N   1 
ATOM   51  C CA  . PHE A 1 19 ? -6.023  -1.367  2.837   1.00 21.63 ? 381  PHE A CA  1 
ATOM   52  C C   . PHE A 1 19 ? -5.177  -1.169  4.102   1.00 22.11 ? 381  PHE A C   1 
ATOM   53  O O   . PHE A 1 19 ? -4.492  -0.067  4.249   1.00 20.69 ? 381  PHE A O   1 
ATOM   54  C CB  . PHE A 1 19 ? -5.347  -2.307  1.824   1.00 21.17 ? 381  PHE A CB  1 
ATOM   55  C CG  . PHE A 1 19 ? -3.886  -2.037  1.497   1.00 22.30 ? 381  PHE A CG  1 
ATOM   56  C CD1 . PHE A 1 19 ? -2.863  -2.580  2.275   1.00 22.96 ? 381  PHE A CD1 1 
ATOM   57  C CD2 . PHE A 1 19 ? -3.529  -1.431  0.284   1.00 22.02 ? 381  PHE A CD2 1 
ATOM   58  C CE1 . PHE A 1 19 ? -1.536  -2.366  1.950   1.00 22.99 ? 381  PHE A CE1 1 
ATOM   59  C CE2 . PHE A 1 19 ? -2.207  -1.262  -0.068  1.00 22.58 ? 381  PHE A CE2 1 
ATOM   60  C CZ  . PHE A 1 19 ? -1.202  -1.728  0.768   1.00 24.14 ? 381  PHE A CZ  1 
ATOM   61  N N   . ILE A 1 20 ? -5.179  -2.161  4.983   1.00 23.56 ? 382  ILE A N   1 
ATOM   62  C CA  . ILE A 1 20 ? -4.278  -2.150  6.194   1.00 23.83 ? 382  ILE A CA  1 
ATOM   63  C C   . ILE A 1 20 ? -3.399  -3.386  6.212   1.00 24.05 ? 382  ILE A C   1 
ATOM   64  O O   . ILE A 1 20 ? -3.846  -4.456  5.754   1.00 23.22 ? 382  ILE A O   1 
ATOM   65  C CB  . ILE A 1 20 ? -5.056  -2.019  7.511   1.00 26.07 ? 382  ILE A CB  1 
ATOM   66  C CG1 . ILE A 1 20 ? -6.120  -3.114  7.660   1.00 28.19 ? 382  ILE A CG1 1 
ATOM   67  C CG2 . ILE A 1 20 ? -5.632  -0.609  7.645   1.00 26.90 ? 382  ILE A CG2 1 
ATOM   68  C CD1 . ILE A 1 20 ? -6.845  -3.114  8.997   1.00 30.48 ? 382  ILE A CD1 1 
ATOM   69  N N   . VAL A 1 21 ? -2.211  -3.241  6.803   1.00 23.96 ? 383  VAL A N   1 
ATOM   70  C CA  . VAL A 1 21 ? -1.330  -4.367  7.195   1.00 25.40 ? 383  VAL A CA  1 
ATOM   71  C C   . VAL A 1 21 ? -0.837  -4.095  8.605   1.00 24.95 ? 383  VAL A C   1 
ATOM   72  O O   . VAL A 1 21 ? -0.750  -2.929  9.019   1.00 24.21 ? 383  VAL A O   1 
ATOM   73  C CB  . VAL A 1 21 ? -0.136  -4.519  6.228   1.00 26.34 ? 383  VAL A CB  1 
ATOM   74  C CG1 . VAL A 1 21 ? -0.595  -4.926  4.838   1.00 26.47 ? 383  VAL A CG1 1 
ATOM   75  C CG2 . VAL A 1 21 ? 0.690   -3.230  6.170   1.00 27.75 ? 383  VAL A CG2 1 
ATOM   76  N N   . PRO A 1 22 ? -0.378  -5.149  9.322   1.00 26.07 ? 384  PRO A N   1 
ATOM   77  C CA  . PRO A 1 22 ? 0.341   -4.974  10.576  1.00 27.74 ? 384  PRO A CA  1 
ATOM   78  C C   . PRO A 1 22 ? 1.536   -4.043  10.356  1.00 26.53 ? 384  PRO A C   1 
ATOM   79  O O   . PRO A 1 22 ? 2.207   -4.183  9.282   1.00 25.07 ? 384  PRO A O   1 
ATOM   80  C CB  . PRO A 1 22 ? 0.801   -6.404  10.947  1.00 28.82 ? 384  PRO A CB  1 
ATOM   81  C CG  . PRO A 1 22 ? -0.210  -7.285  10.256  1.00 29.99 ? 384  PRO A CG  1 
ATOM   82  C CD  . PRO A 1 22 ? -0.565  -6.562  8.968   1.00 27.68 ? 384  PRO A CD  1 
ATOM   83  N N   . THR A 1 23 ? 1.832   -3.188  11.341  1.00 26.26 ? 385  THR A N   1 
ATOM   84  C CA  . THR A 1 23 ? 2.944   -2.205  11.286  1.00 26.47 ? 385  THR A CA  1 
ATOM   85  C C   . THR A 1 23 ? 4.249   -2.904  10.863  1.00 27.44 ? 385  THR A C   1 
ATOM   86  O O   . THR A 1 23 ? 4.951   -2.357  10.033  1.00 26.13 ? 385  THR A O   1 
ATOM   87  C CB  . THR A 1 23 ? 3.066   -1.489  12.628  1.00 28.12 ? 385  THR A CB  1 
ATOM   88  O OG1 . THR A 1 23 ? 1.775   -0.930  12.885  1.00 32.33 ? 385  THR A OG1 1 
ATOM   89  C CG2 . THR A 1 23 ? 4.157   -0.450  12.673  1.00 28.65 ? 385  THR A CG2 1 
ATOM   90  N N   . GLY A 1 24 ? 4.509   -4.110  11.378  1.00 29.39 ? 386  GLY A N   1 
ATOM   91  C CA  . GLY A 1 24 ? 5.761   -4.875  11.126  1.00 31.40 ? 386  GLY A CA  1 
ATOM   92  C C   . GLY A 1 24 ? 5.954   -5.239  9.658   1.00 30.77 ? 386  GLY A C   1 
ATOM   93  O O   . GLY A 1 24 ? 7.092   -5.502  9.265   1.00 33.00 ? 386  GLY A O   1 
ATOM   94  N N   . LYS A 1 25 ? 4.885   -5.334  8.861   1.00 30.01 ? 387  LYS A N   1 
ATOM   95  C CA  . LYS A 1 25 ? 5.005   -5.727  7.434   1.00 29.70 ? 387  LYS A CA  1 
ATOM   96  C C   . LYS A 1 25 ? 5.299   -4.504  6.574   1.00 28.06 ? 387  LYS A C   1 
ATOM   97  O O   . LYS A 1 25 ? 5.505   -4.687  5.348   1.00 27.45 ? 387  LYS A O   1 
ATOM   98  C CB  . LYS A 1 25 ? 3.757   -6.471  6.959   1.00 33.23 ? 387  LYS A CB  1 
ATOM   99  C CG  . LYS A 1 25 ? 3.487   -7.743  7.761   1.00 38.70 ? 387  LYS A CG  1 
ATOM   100 C CD  . LYS A 1 25 ? 2.463   -8.669  7.149   1.00 43.23 ? 387  LYS A CD  1 
ATOM   101 C CE  . LYS A 1 25 ? 2.637   -10.113 7.593   1.00 46.64 ? 387  LYS A CE  1 
ATOM   102 N NZ  . LYS A 1 25 ? 3.450   -10.892 6.606   1.00 49.25 ? 387  LYS A NZ  1 
ATOM   103 N N   . THR A 1 26 ? 5.314   -3.288  7.134   1.00 26.51 ? 388  THR A N   1 
ATOM   104 C CA  . THR A 1 26 ? 5.421   -2.074  6.278   1.00 25.76 ? 388  THR A CA  1 
ATOM   105 C C   . THR A 1 26 ? 6.761   -2.083  5.535   1.00 25.20 ? 388  THR A C   1 
ATOM   106 O O   . THR A 1 26 ? 6.774   -1.653  4.370   1.00 24.42 ? 388  THR A O   1 
ATOM   107 C CB  . THR A 1 26 ? 5.191   -0.768  7.042   1.00 26.67 ? 388  THR A CB  1 
ATOM   108 O OG1 . THR A 1 26 ? 6.184   -0.679  8.051   1.00 30.66 ? 388  THR A OG1 1 
ATOM   109 C CG2 . THR A 1 26 ? 3.816   -0.675  7.660   1.00 25.82 ? 388  THR A CG2 1 
ATOM   110 N N   . GLY A 1 27 ? 7.841   -2.521  6.196   1.00 25.40 ? 389  GLY A N   1 
ATOM   111 C CA  . GLY A 1 27 ? 9.172   -2.697  5.605   1.00 25.92 ? 389  GLY A CA  1 
ATOM   112 C C   . GLY A 1 27 ? 9.155   -3.481  4.293   1.00 25.69 ? 389  GLY A C   1 
ATOM   113 O O   . GLY A 1 27 ? 10.033  -3.229  3.493   1.00 26.87 ? 389  GLY A O   1 
ATOM   114 N N   . LEU A 1 28 ? 8.309   -4.505  4.190   1.00 24.98 ? 390  LEU A N   1 
ATOM   115 C CA  . LEU A 1 28 ? 8.307   -5.483  3.059   1.00 26.33 ? 390  LEU A CA  1 
ATOM   116 C C   . LEU A 1 28 ? 7.743   -4.740  1.849   1.00 25.84 ? 390  LEU A C   1 
ATOM   117 O O   . LEU A 1 28 ? 8.163   -5.019  0.739   1.00 27.10 ? 390  LEU A O   1 
ATOM   118 C CB  . LEU A 1 28 ? 7.475   -6.738  3.403   1.00 26.13 ? 390  LEU A CB  1 
ATOM   119 C CG  . LEU A 1 28 ? 8.049   -7.676  4.479   1.00 28.42 ? 390  LEU A CG  1 
ATOM   120 C CD1 . LEU A 1 28 ? 7.005   -8.650  4.989   1.00 28.39 ? 390  LEU A CD1 1 
ATOM   121 C CD2 . LEU A 1 28 ? 9.247   -8.447  3.943   1.00 31.30 ? 390  LEU A CD2 1 
ATOM   122 N N   . ILE A 1 29 ? 6.919   -3.712  2.094   1.00 25.08 ? 391  ILE A N   1 
ATOM   123 C CA  . ILE A 1 29 ? 6.308   -2.893  1.016   1.00 24.49 ? 391  ILE A CA  1 
ATOM   124 C C   . ILE A 1 29 ? 7.283   -1.758  0.670   1.00 26.14 ? 391  ILE A C   1 
ATOM   125 O O   . ILE A 1 29 ? 7.505   -1.515  -0.576  1.00 25.13 ? 391  ILE A O   1 
ATOM   126 C CB  . ILE A 1 29 ? 4.914   -2.376  1.438   1.00 23.16 ? 391  ILE A CB  1 
ATOM   127 C CG1 . ILE A 1 29 ? 3.938   -3.524  1.677   1.00 23.41 ? 391  ILE A CG1 1 
ATOM   128 C CG2 . ILE A 1 29 ? 4.374   -1.367  0.403   1.00 23.16 ? 391  ILE A CG2 1 
ATOM   129 C CD1 . ILE A 1 29 ? 2.620   -3.131  2.345   1.00 22.98 ? 391  ILE A CD1 1 
ATOM   130 N N   . ILE A 1 30 ? 7.883   -1.112  1.707   1.00 26.76 ? 392  ILE A N   1 
ATOM   131 C CA  . ILE A 1 30 ? 8.772   0.089   1.519   1.00 29.33 ? 392  ILE A CA  1 
ATOM   132 C C   . ILE A 1 30 ? 10.093  -0.356  0.895   1.00 30.61 ? 392  ILE A C   1 
ATOM   133 O O   . ILE A 1 30 ? 10.513  0.256   -0.113  1.00 31.52 ? 392  ILE A O   1 
ATOM   134 C CB  . ILE A 1 30 ? 9.004   0.833   2.825   1.00 31.46 ? 392  ILE A CB  1 
ATOM   135 C CG1 . ILE A 1 30 ? 7.703   1.307   3.452   1.00 32.77 ? 392  ILE A CG1 1 
ATOM   136 C CG2 . ILE A 1 30 ? 9.996   1.962   2.628   1.00 32.68 ? 392  ILE A CG2 1 
ATOM   137 C CD1 . ILE A 1 30 ? 6.830   1.979   2.515   1.00 34.94 ? 392  ILE A CD1 1 
ATOM   138 N N   . GLY A 1 31 ? 10.704  -1.396  1.473   1.00 31.85 ? 393  GLY A N   1 
ATOM   139 C CA  . GLY A 1 31 ? 11.968  -1.988  1.019   1.00 34.94 ? 393  GLY A CA  1 
ATOM   140 C C   . GLY A 1 31 ? 13.109  -1.325  1.743   1.00 39.02 ? 393  GLY A C   1 
ATOM   141 O O   . GLY A 1 31 ? 12.931  -0.194  2.232   1.00 39.22 ? 393  GLY A O   1 
ATOM   142 N N   . LYS A 1 32 ? 14.239  -1.988  1.886   1.00 44.67 ? 394  LYS A N   1 
ATOM   143 C CA  . LYS A 1 32 ? 15.452  -1.289  2.360   1.00 48.96 ? 394  LYS A CA  1 
ATOM   144 C C   . LYS A 1 32 ? 15.715  -0.168  1.326   1.00 50.16 ? 394  LYS A C   1 
ATOM   145 O O   . LYS A 1 32 ? 15.529  -0.436  0.082   1.00 55.72 ? 394  LYS A O   1 
ATOM   146 C CB  . LYS A 1 32 ? 16.581  -2.308  2.578   1.00 53.47 ? 394  LYS A CB  1 
ATOM   147 C CG  . LYS A 1 32 ? 17.094  -2.979  1.311   1.00 54.32 ? 394  LYS A CG  1 
ATOM   148 C CD  . LYS A 1 32 ? 18.091  -4.095  1.527   1.00 55.14 ? 394  LYS A CD  1 
ATOM   149 C CE  . LYS A 1 32 ? 18.414  -4.776  0.215   1.00 58.01 ? 394  LYS A CE  1 
ATOM   150 N NZ  . LYS A 1 32 ? 19.745  -5.399  0.235   1.00 62.76 ? 394  LYS A NZ  1 
ATOM   151 N N   . GLY A 1 33 ? 15.818  1.080   1.792   1.00 48.83 ? 395  GLY A N   1 
ATOM   152 C CA  . GLY A 1 33 ? 16.076  2.256   0.939   1.00 49.46 ? 395  GLY A CA  1 
ATOM   153 C C   . GLY A 1 33 ? 14.825  2.976   0.461   1.00 47.68 ? 395  GLY A C   1 
ATOM   154 O O   . GLY A 1 33 ? 14.968  4.110   0.012   1.00 52.46 ? 395  GLY A O   1 
ATOM   155 N N   . GLY A 1 34 ? 13.644  2.365   0.548   1.00 42.23 ? 396  GLY A N   1 
ATOM   156 C CA  . GLY A 1 34 ? 12.411  2.857   -0.121  1.00 40.37 ? 396  GLY A CA  1 
ATOM   157 C C   . GLY A 1 34 ? 12.370  2.466   -1.585  1.00 38.66 ? 396  GLY A C   1 
ATOM   158 O O   . GLY A 1 34 ? 11.511  3.008   -2.324  1.00 39.87 ? 396  GLY A O   1 
ATOM   159 N N   . GLU A 1 35 ? 13.213  1.521   -1.977  1.00 38.73 ? 397  GLU A N   1 
ATOM   160 C CA  . GLU A 1 35 ? 13.394  1.048   -3.375  1.00 41.66 ? 397  GLU A CA  1 
ATOM   161 C C   . GLU A 1 35 ? 12.138  0.267   -3.829  1.00 37.06 ? 397  GLU A C   1 
ATOM   162 O O   . GLU A 1 35 ? 11.797  0.323   -5.037  1.00 37.81 ? 397  GLU A O   1 
ATOM   163 C CB  . GLU A 1 35 ? 14.642  0.160   -3.478  1.00 47.60 ? 397  GLU A CB  1 
ATOM   164 C CG  . GLU A 1 35 ? 14.424  -1.207  -2.831  1.00 52.86 ? 397  GLU A CG  1 
ATOM   165 C CD  . GLU A 1 35 ? 15.644  -2.004  -2.388  1.00 59.87 ? 397  GLU A CD  1 
ATOM   166 O OE1 . GLU A 1 35 ? 16.674  -1.974  -3.104  1.00 62.01 ? 397  GLU A OE1 1 
ATOM   167 O OE2 . GLU A 1 35 ? 15.533  -2.717  -1.341  1.00 63.90 ? 397  GLU A OE2 1 
ATOM   168 N N   . THR A 1 36 ? 11.504  -0.486  -2.928  1.00 33.60 ? 398  THR A N   1 
ATOM   169 C CA  . THR A 1 36 ? 10.416  -1.427  -3.293  1.00 31.82 ? 398  THR A CA  1 
ATOM   170 C C   . THR A 1 36 ? 9.156   -0.625  -3.617  1.00 28.86 ? 398  THR A C   1 
ATOM   171 O O   . THR A 1 36 ? 8.527   -0.907  -4.652  1.00 29.64 ? 398  THR A O   1 
ATOM   172 C CB  . THR A 1 36 ? 10.171  -2.501  -2.223  1.00 31.29 ? 398  THR A CB  1 
ATOM   173 O OG1 . THR A 1 36 ? 11.380  -3.194  -1.963  1.00 33.26 ? 398  THR A OG1 1 
ATOM   174 C CG2 . THR A 1 36 ? 9.148   -3.518  -2.649  1.00 30.85 ? 398  THR A CG2 1 
ATOM   175 N N   . ILE A 1 37 ? 8.763   0.317   -2.765  1.00 27.16 ? 399  ILE A N   1 
ATOM   176 C CA  . ILE A 1 37 ? 7.539   1.130   -3.010  1.00 25.87 ? 399  ILE A CA  1 
ATOM   177 C C   . ILE A 1 37 ? 7.744   1.968   -4.293  1.00 27.81 ? 399  ILE A C   1 
ATOM   178 O O   . ILE A 1 37 ? 6.786   2.045   -5.111  1.00 26.80 ? 399  ILE A O   1 
ATOM   179 C CB  . ILE A 1 37 ? 7.128   1.970   -1.779  1.00 25.17 ? 399  ILE A CB  1 
ATOM   180 C CG1 . ILE A 1 37 ? 5.757   2.620   -2.005  1.00 23.86 ? 399  ILE A CG1 1 
ATOM   181 C CG2 . ILE A 1 37 ? 8.213   2.971   -1.398  1.00 27.10 ? 399  ILE A CG2 1 
ATOM   182 C CD1 . ILE A 1 37 ? 5.126   3.263   -0.771  1.00 23.43 ? 399  ILE A CD1 1 
ATOM   183 N N   . LYS A 1 38 ? 8.915   2.562   -4.483  1.00 30.74 ? 400  LYS A N   1 
ATOM   184 C CA  . LYS A 1 38 ? 9.247   3.300   -5.735  1.00 34.10 ? 400  LYS A CA  1 
ATOM   185 C C   . LYS A 1 38 ? 9.138   2.387   -6.953  1.00 32.54 ? 400  LYS A C   1 
ATOM   186 O O   . LYS A 1 38 ? 8.523   2.820   -7.969  1.00 32.94 ? 400  LYS A O   1 
ATOM   187 C CB  . LYS A 1 38 ? 10.661  3.862   -5.708  1.00 40.14 ? 400  LYS A CB  1 
ATOM   188 C CG  . LYS A 1 38 ? 10.746  5.283   -5.212  1.00 45.93 ? 400  LYS A CG  1 
ATOM   189 C CD  . LYS A 1 38 ? 12.079  5.951   -5.568  1.00 51.91 ? 400  LYS A CD  1 
ATOM   190 C CE  . LYS A 1 38 ? 12.052  7.451   -5.369  1.00 55.21 ? 400  LYS A CE  1 
ATOM   191 N NZ  . LYS A 1 38 ? 13.396  7.965   -5.004  1.00 61.39 ? 400  LYS A NZ  1 
ATOM   192 N N   . SER A 1 39 ? 9.716   1.199   -6.896  1.00 30.76 ? 401  SER A N   1 
ATOM   193 C CA  . SER A 1 39 ? 9.656   0.222   -8.013  1.00 32.01 ? 401  SER A CA  1 
ATOM   194 C C   . SER A 1 39 ? 8.187   -0.203  -8.320  1.00 30.25 ? 401  SER A C   1 
ATOM   195 O O   . SER A 1 39 ? 7.847   -0.293  -9.522  1.00 29.73 ? 401  SER A O   1 
ATOM   196 C CB  . SER A 1 39 ? 10.517  -0.968  -7.757  1.00 32.24 ? 401  SER A CB  1 
ATOM   197 O OG  . SER A 1 39 ? 10.305  -1.946  -8.766  1.00 33.07 ? 401  SER A OG  1 
ATOM   198 N N   . ILE A 1 40 ? 7.354   -0.437  -7.299  1.00 28.20 ? 402  ILE A N   1 
ATOM   199 C CA  . ILE A 1 40 ? 5.917   -0.821  -7.495  1.00 27.33 ? 402  ILE A CA  1 
ATOM   200 C C   . ILE A 1 40 ? 5.138   0.367   -8.105  1.00 26.97 ? 402  ILE A C   1 
ATOM   201 O O   . ILE A 1 40 ? 4.333   0.140   -9.046  1.00 26.31 ? 402  ILE A O   1 
ATOM   202 C CB  . ILE A 1 40 ? 5.282   -1.353  -6.196  1.00 25.38 ? 402  ILE A CB  1 
ATOM   203 C CG1 . ILE A 1 40 ? 5.932   -2.685  -5.767  1.00 26.18 ? 402  ILE A CG1 1 
ATOM   204 C CG2 . ILE A 1 40 ? 3.753   -1.486  -6.380  1.00 25.04 ? 402  ILE A CG2 1 
ATOM   205 C CD1 . ILE A 1 40 ? 5.437   -3.231  -4.395  1.00 24.91 ? 402  ILE A CD1 1 
ATOM   206 N N   . SER A 1 41 ? 5.401   1.586   -7.649  1.00 28.04 ? 403  SER A N   1 
ATOM   207 C CA  . SER A 1 41 ? 4.769   2.811   -8.195  1.00 28.47 ? 403  SER A CA  1 
ATOM   208 C C   . SER A 1 41 ? 5.166   2.970   -9.666  1.00 30.91 ? 403  SER A C   1 
ATOM   209 O O   . SER A 1 41 ? 4.231   3.138   -10.524 1.00 29.58 ? 403  SER A O   1 
ATOM   210 C CB  . SER A 1 41 ? 5.089   4.066   -7.381  1.00 29.39 ? 403  SER A CB  1 
ATOM   211 O OG  . SER A 1 41 ? 4.565   5.269   -8.055  1.00 30.81 ? 403  SER A OG  1 
ATOM   212 N N   . GLN A 1 42 ? 6.455   2.844   -9.992  1.00 34.04 ? 404  GLN A N   1 
ATOM   213 C CA  . GLN A 1 42 ? 6.958   2.940   -11.386 1.00 37.39 ? 404  GLN A CA  1 
ATOM   214 C C   . GLN A 1 42 ? 6.325   1.869   -12.298 1.00 36.92 ? 404  GLN A C   1 
ATOM   215 O O   . GLN A 1 42 ? 5.837   2.248   -13.413 1.00 37.02 ? 404  GLN A O   1 
ATOM   216 C CB  . GLN A 1 42 ? 8.472   2.809   -11.419 1.00 44.25 ? 404  GLN A CB  1 
ATOM   217 C CG  . GLN A 1 42 ? 9.191   4.124   -11.157 1.00 49.55 ? 404  GLN A CG  1 
ATOM   218 C CD  . GLN A 1 42 ? 10.669  3.969   -11.382 1.00 56.85 ? 404  GLN A CD  1 
ATOM   219 O OE1 . GLN A 1 42 ? 11.155  4.122   -12.505 1.00 73.21 ? 404  GLN A OE1 1 
ATOM   220 N NE2 . GLN A 1 42 ? 11.384  3.575   -10.339 1.00 61.21 ? 404  GLN A NE2 1 
ATOM   221 N N   . GLN A 1 43 ? 6.353   0.590   -11.904 1.00 34.98 ? 405  GLN A N   1 
ATOM   222 C CA  . GLN A 1 43 ? 5.875   -0.530  -12.758 1.00 35.47 ? 405  GLN A CA  1 
ATOM   223 C C   . GLN A 1 43 ? 4.355   -0.414  -12.960 1.00 33.17 ? 405  GLN A C   1 
ATOM   224 O O   . GLN A 1 43 ? 3.892   -0.822  -14.023 1.00 30.97 ? 405  GLN A O   1 
ATOM   225 C CB  . GLN A 1 43 ? 6.135   -1.911  -12.148 1.00 38.05 ? 405  GLN A CB  1 
ATOM   226 C CG  . GLN A 1 43 ? 7.595   -2.357  -12.070 1.00 41.63 ? 405  GLN A CG  1 
ATOM   227 C CD  . GLN A 1 43 ? 7.656   -3.641  -11.255 1.00 43.99 ? 405  GLN A CD  1 
ATOM   228 O OE1 . GLN A 1 43 ? 7.181   -4.692  -11.699 1.00 45.94 ? 405  GLN A OE1 1 
ATOM   229 N NE2 . GLN A 1 43 ? 8.090   -3.533  -9.994  1.00 42.94 ? 405  GLN A NE2 1 
ATOM   230 N N   . SER A 1 44 ? 3.588   -0.041  -11.913 1.00 29.57 ? 406  SER A N   1 
ATOM   231 C CA  . SER A 1 44 ? 2.094   -0.050  -11.917 1.00 28.26 ? 406  SER A CA  1 
ATOM   232 C C   . SER A 1 44 ? 1.529   1.204   -12.605 1.00 27.78 ? 406  SER A C   1 
ATOM   233 O O   . SER A 1 44 ? 0.382   1.111   -13.204 1.00 26.25 ? 406  SER A O   1 
ATOM   234 C CB  . SER A 1 44 ? 1.517   -0.214  -10.522 1.00 26.82 ? 406  SER A CB  1 
ATOM   235 O OG  . SER A 1 44 ? 1.739   0.950   -9.712  1.00 25.14 ? 406  SER A OG  1 
ATOM   236 N N   . GLY A 1 45 ? 2.228   2.334   -12.480 1.00 27.61 ? 407  GLY A N   1 
ATOM   237 C CA  . GLY A 1 45 ? 1.738   3.679   -12.866 1.00 27.62 ? 407  GLY A CA  1 
ATOM   238 C C   . GLY A 1 45 ? 0.866   4.320   -11.773 1.00 26.55 ? 407  GLY A C   1 
ATOM   239 O O   . GLY A 1 45 ? 0.330   5.396   -12.002 1.00 28.64 ? 407  GLY A O   1 
ATOM   240 N N   . ALA A 1 46 ? 0.703   3.681   -10.619 1.00 25.60 ? 408  ALA A N   1 
ATOM   241 C CA  . ALA A 1 46 ? -0.149  4.180   -9.512  1.00 23.90 ? 408  ALA A CA  1 
ATOM   242 C C   . ALA A 1 46 ? 0.711   4.869   -8.439  1.00 24.57 ? 408  ALA A C   1 
ATOM   243 O O   . ALA A 1 46 ? 1.903   4.486   -8.290  1.00 25.19 ? 408  ALA A O   1 
ATOM   244 C CB  . ALA A 1 46 ? -0.909  3.018   -8.905  1.00 24.11 ? 408  ALA A CB  1 
ATOM   245 N N   . ARG A 1 47 ? 0.088   5.731   -7.623  1.00 23.40 ? 409  ARG A N   1 
ATOM   246 C CA  . ARG A 1 47 ? 0.686   6.265   -6.381  1.00 22.80 ? 409  ARG A CA  1 
ATOM   247 C C   . ARG A 1 47 ? 0.327   5.317   -5.207  1.00 21.79 ? 409  ARG A C   1 
ATOM   248 O O   . ARG A 1 47 ? -0.767  4.743   -5.183  1.00 20.54 ? 409  ARG A O   1 
ATOM   249 C CB  . ARG A 1 47 ? 0.241   7.714   -6.090  1.00 23.45 ? 409  ARG A CB  1 
ATOM   250 C CG  . ARG A 1 47 ? 1.187   8.813   -6.576  1.00 24.82 ? 409  ARG A CG  1 
ATOM   251 C CD  . ARG A 1 47 ? 1.366   8.862   -8.084  1.00 27.01 ? 409  ARG A CD  1 
ATOM   252 N NE  . ARG A 1 47 ? 0.030   8.898   -8.714  1.00 27.16 ? 409  ARG A NE  1 
ATOM   253 C CZ  . ARG A 1 47 ? -0.276  8.279   -9.805  1.00 26.32 ? 409  ARG A CZ  1 
ATOM   254 N NH1 . ARG A 1 47 ? 0.686   7.752   -10.554 1.00 28.05 ? 409  ARG A NH1 1 
ATOM   255 N NH2 . ARG A 1 47 ? -1.516  8.259   -10.192 1.00 25.35 ? 409  ARG A NH2 1 
ATOM   256 N N   . ILE A 1 48 ? 1.269   5.171   -4.269  1.00 21.84 ? 410  ILE A N   1 
ATOM   257 C CA  . ILE A 1 48 ? 1.087   4.356   -3.019  1.00 21.86 ? 410  ILE A CA  1 
ATOM   258 C C   . ILE A 1 48 ? 1.402   5.238   -1.839  1.00 20.01 ? 410  ILE A C   1 
ATOM   259 O O   . ILE A 1 48 ? 2.597   5.571   -1.646  1.00 21.14 ? 410  ILE A O   1 
ATOM   260 C CB  . ILE A 1 48 ? 1.944   3.085   -3.070  1.00 25.08 ? 410  ILE A CB  1 
ATOM   261 C CG1 . ILE A 1 48 ? 1.710   2.356   -4.378  1.00 28.28 ? 410  ILE A CG1 1 
ATOM   262 C CG2 . ILE A 1 48 ? 1.619   2.170   -1.879  1.00 24.45 ? 410  ILE A CG2 1 
ATOM   263 C CD1 . ILE A 1 48 ? 2.728   1.335   -4.692  1.00 32.41 ? 410  ILE A CD1 1 
ATOM   264 N N   . GLU A 1 49 ? 0.352   5.651   -1.132  1.00 20.39 ? 411  GLU A N   1 
ATOM   265 C CA  . GLU A 1 49 ? 0.380   6.625   -0.024  1.00 23.10 ? 411  GLU A CA  1 
ATOM   266 C C   . GLU A 1 49 ? 0.306   5.866   1.331   1.00 22.75 ? 411  GLU A C   1 
ATOM   267 O O   . GLU A 1 49 ? -0.667  5.171   1.565   1.00 22.39 ? 411  GLU A O   1 
ATOM   268 C CB  . GLU A 1 49 ? -0.775  7.609   -0.189  1.00 25.09 ? 411  GLU A CB  1 
ATOM   269 C CG  . GLU A 1 49 ? -0.816  8.740   0.831   1.00 28.10 ? 411  GLU A CG  1 
ATOM   270 C CD  . GLU A 1 49 ? -2.042  9.626   0.674   1.00 33.09 ? 411  GLU A CD  1 
ATOM   271 O OE1 . GLU A 1 49 ? -2.104  10.418  -0.294  1.00 33.63 ? 411  GLU A OE1 1 
ATOM   272 O OE2 . GLU A 1 49 ? -2.964  9.463   1.466   1.00 43.84 ? 411  GLU A OE2 1 
ATOM   273 N N   . LEU A 1 50 ? 1.246   6.112   2.216   1.00 23.90 ? 412  LEU A N   1 
ATOM   274 C CA  . LEU A 1 50 ? 1.180   5.680   3.648   1.00 26.53 ? 412  LEU A CA  1 
ATOM   275 C C   . LEU A 1 50 ? 0.521   6.808   4.465   1.00 27.91 ? 412  LEU A C   1 
ATOM   276 O O   . LEU A 1 50 ? 0.968   7.939   4.355   1.00 28.69 ? 412  LEU A O   1 
ATOM   277 C CB  . LEU A 1 50 ? 2.609   5.342   4.098   1.00 27.86 ? 412  LEU A CB  1 
ATOM   278 C CG  . LEU A 1 50 ? 2.819   4.971   5.585   1.00 31.22 ? 412  LEU A CG  1 
ATOM   279 C CD1 . LEU A 1 50 ? 1.871   3.870   6.065   1.00 30.79 ? 412  LEU A CD1 1 
ATOM   280 C CD2 . LEU A 1 50 ? 4.251   4.549   5.819   1.00 33.68 ? 412  LEU A CD2 1 
ATOM   281 N N   . GLN A 1 51 ? -0.545  6.518   5.209   1.00 31.15 ? 413  GLN A N   1 
ATOM   282 C CA  . GLN A 1 51 ? -1.260  7.526   6.049   1.00 32.12 ? 413  GLN A CA  1 
ATOM   283 C C   . GLN A 1 51 ? -0.247  8.202   6.999   1.00 35.48 ? 413  GLN A C   1 
ATOM   284 O O   . GLN A 1 51 ? 0.455   7.500   7.682   1.00 30.98 ? 413  GLN A O   1 
ATOM   285 C CB  . GLN A 1 51 ? -2.399  6.874   6.803   1.00 32.54 ? 413  GLN A CB  1 
ATOM   286 C CG  . GLN A 1 51 ? -3.138  7.823   7.747   1.00 34.03 ? 413  GLN A CG  1 
ATOM   287 C CD  . GLN A 1 51 ? -4.313  7.157   8.414   1.00 33.23 ? 413  GLN A CD  1 
ATOM   288 O OE1 . GLN A 1 51 ? -4.185  6.114   9.049   1.00 31.55 ? 413  GLN A OE1 1 
ATOM   289 N NE2 . GLN A 1 51 ? -5.489  7.738   8.225   1.00 32.02 ? 413  GLN A NE2 1 
ATOM   290 N N   . ARG A 1 52 ? -0.192  9.539   6.996   1.00 40.57 ? 414  ARG A N   1 
ATOM   291 C CA  . ARG A 1 52 ? 0.850   10.349  7.678   1.00 43.67 ? 414  ARG A CA  1 
ATOM   292 C C   . ARG A 1 52 ? 0.395   10.636  9.114   1.00 45.68 ? 414  ARG A C   1 
ATOM   293 O O   . ARG A 1 52 ? 1.217   10.499  10.038  1.00 49.89 ? 414  ARG A O   1 
ATOM   294 C CB  . ARG A 1 52 ? 1.097   11.643  6.893   1.00 45.12 ? 414  ARG A CB  1 
ATOM   295 N N   . ASN A 1 53 ? -0.860  11.010  9.301   1.00 43.73 ? 415  ASN A N   1 
ATOM   296 C CA  . ASN A 1 53 ? -1.352  11.461  10.631  1.00 48.50 ? 415  ASN A CA  1 
ATOM   297 C C   . ASN A 1 53 ? -2.646  10.727  10.944  1.00 45.73 ? 415  ASN A C   1 
ATOM   298 O O   . ASN A 1 53 ? -3.734  11.278  10.739  1.00 47.44 ? 415  ASN A O   1 
ATOM   299 C CB  . ASN A 1 53 ? -1.583  12.979  10.701  1.00 52.59 ? 415  ASN A CB  1 
ATOM   300 C CG  . ASN A 1 53 ? -0.365  13.804  10.345  1.00 54.17 ? 415  ASN A CG  1 
ATOM   301 O OD1 . ASN A 1 53 ? 0.585   13.870  11.107  1.00 55.89 ? 415  ASN A OD1 1 
ATOM   302 N ND2 . ASN A 1 53 ? -0.428  14.501  9.219   1.00 56.42 ? 415  ASN A ND2 1 
ATOM   303 N N   . PRO A 1 54 ? -2.563  9.477   11.440  1.00 41.74 ? 416  PRO A N   1 
ATOM   304 C CA  . PRO A 1 54 ? -3.759  8.697   11.745  1.00 40.81 ? 416  PRO A CA  1 
ATOM   305 C C   . PRO A 1 54 ? -4.622  9.369   12.833  1.00 40.93 ? 416  PRO A C   1 
ATOM   306 O O   . PRO A 1 54 ? -4.107  10.067  13.710  1.00 41.87 ? 416  PRO A O   1 
ATOM   307 C CB  . PRO A 1 54 ? -3.207  7.319   12.168  1.00 39.44 ? 416  PRO A CB  1 
ATOM   308 C CG  . PRO A 1 54 ? -1.763  7.575   12.556  1.00 42.34 ? 416  PRO A CG  1 
ATOM   309 C CD  . PRO A 1 54 ? -1.317  8.784   11.763  1.00 41.54 ? 416  PRO A CD  1 
ATOM   310 N N   . PRO A 1 55 ? -5.971  9.256   12.772  1.00 40.31 ? 417  PRO A N   1 
ATOM   311 C CA  . PRO A 1 55 ? -6.820  9.785   13.848  1.00 40.83 ? 417  PRO A CA  1 
ATOM   312 C C   . PRO A 1 55 ? -6.636  9.002   15.150  1.00 40.02 ? 417  PRO A C   1 
ATOM   313 O O   . PRO A 1 55 ? -6.162  7.865   15.139  1.00 38.91 ? 417  PRO A O   1 
ATOM   314 C CB  . PRO A 1 55 ? -8.260  9.651   13.284  1.00 40.76 ? 417  PRO A CB  1 
ATOM   315 C CG  . PRO A 1 55 ? -8.155  8.520   12.263  1.00 40.29 ? 417  PRO A CG  1 
ATOM   316 C CD  . PRO A 1 55 ? -6.749  8.618   11.685  1.00 38.51 ? 417  PRO A CD  1 
ATOM   317 N N   . PRO A 1 56 ? -6.967  9.609   16.312  1.00 40.25 ? 418  PRO A N   1 
ATOM   318 C CA  . PRO A 1 56 ? -6.764  8.975   17.613  1.00 41.14 ? 418  PRO A CA  1 
ATOM   319 C C   . PRO A 1 56 ? -7.501  7.634   17.853  1.00 40.44 ? 418  PRO A C   1 
ATOM   320 O O   . PRO A 1 56 ? -7.106  6.940   18.775  1.00 39.53 ? 418  PRO A O   1 
ATOM   321 C CB  . PRO A 1 56 ? -7.269  9.990   18.658  1.00 42.97 ? 418  PRO A CB  1 
ATOM   322 C CG  . PRO A 1 56 ? -7.682  11.239  17.891  1.00 44.29 ? 418  PRO A CG  1 
ATOM   323 C CD  . PRO A 1 56 ? -7.456  10.982  16.410  1.00 42.19 ? 418  PRO A CD  1 
ATOM   324 N N   . ASN A 1 57 ? -8.550  7.302   17.079  1.00 39.23 ? 419  ASN A N   1 
ATOM   325 C CA  . ASN A 1 57 ? -9.260  5.994   17.201  1.00 39.56 ? 419  ASN A CA  1 
ATOM   326 C C   . ASN A 1 57 ? -8.625  4.941   16.260  1.00 38.48 ? 419  ASN A C   1 
ATOM   327 O O   . ASN A 1 57 ? -9.090  3.792   16.301  1.00 39.40 ? 419  ASN A O   1 
ATOM   328 C CB  . ASN A 1 57 ? -10.772 6.122   16.997  1.00 40.15 ? 419  ASN A CB  1 
ATOM   329 C CG  . ASN A 1 57 ? -11.184 6.606   15.621  1.00 40.54 ? 419  ASN A CG  1 
ATOM   330 O OD1 . ASN A 1 57 ? -10.521 7.440   14.994  1.00 40.44 ? 419  ASN A OD1 1 
ATOM   331 N ND2 . ASN A 1 57 ? -12.302 6.096   15.140  1.00 39.46 ? 419  ASN A ND2 1 
ATOM   332 N N   . ALA A 1 58 ? -7.562  5.283   15.510  1.00 37.00 ? 420  ALA A N   1 
ATOM   333 C CA  . ALA A 1 58 ? -6.814  4.334   14.653  1.00 36.03 ? 420  ALA A CA  1 
ATOM   334 C C   . ALA A 1 58 ? -5.962  3.371   15.514  1.00 35.59 ? 420  ALA A C   1 
ATOM   335 O O   . ALA A 1 58 ? -5.378  3.797   16.544  1.00 37.13 ? 420  ALA A O   1 
ATOM   336 C CB  . ALA A 1 58 ? -5.965  5.078   13.680  1.00 35.46 ? 420  ALA A CB  1 
ATOM   337 N N   . ASP A 1 59 ? -5.939  2.097   15.149  1.00 34.48 ? 421  ASP A N   1 
ATOM   338 C CA  . ASP A 1 59 ? -5.078  1.063   15.802  1.00 34.68 ? 421  ASP A CA  1 
ATOM   339 C C   . ASP A 1 59 ? -3.604  1.377   15.525  1.00 34.59 ? 421  ASP A C   1 
ATOM   340 O O   . ASP A 1 59 ? -3.196  1.448   14.361  1.00 34.56 ? 421  ASP A O   1 
ATOM   341 C CB  . ASP A 1 59 ? -5.413  -0.322  15.258  1.00 33.87 ? 421  ASP A CB  1 
ATOM   342 C CG  . ASP A 1 59 ? -4.792  -1.477  16.003  1.00 35.07 ? 421  ASP A CG  1 
ATOM   343 O OD1 . ASP A 1 59 ? -3.861  -1.245  16.806  1.00 34.05 ? 421  ASP A OD1 1 
ATOM   344 O OD2 . ASP A 1 59 ? -5.325  -2.567  15.852  1.00 35.60 ? 421  ASP A OD2 1 
ATOM   345 N N   . PRO A 1 60 ? -2.772  1.599   16.563  1.00 36.44 ? 422  PRO A N   1 
ATOM   346 C CA  . PRO A 1 60 ? -1.330  1.776   16.380  1.00 36.61 ? 422  PRO A CA  1 
ATOM   347 C C   . PRO A 1 60 ? -0.547  0.514   15.932  1.00 36.54 ? 422  PRO A C   1 
ATOM   348 O O   . PRO A 1 60 ? 0.570   0.650   15.492  1.00 40.71 ? 422  PRO A O   1 
ATOM   349 C CB  . PRO A 1 60 ? -0.797  2.140   17.769  1.00 39.41 ? 422  PRO A CB  1 
ATOM   350 C CG  . PRO A 1 60 ? -2.011  2.548   18.558  1.00 40.82 ? 422  PRO A CG  1 
ATOM   351 C CD  . PRO A 1 60 ? -3.187  1.801   17.951  1.00 39.10 ? 422  PRO A CD  1 
ATOM   352 N N   . ASN A 1 61 ? -1.168  -0.663  16.027  1.00 35.30 ? 423  ASN A N   1 
ATOM   353 C CA  . ASN A 1 61 ? -0.622  -1.951  15.525  1.00 36.04 ? 423  ASN A CA  1 
ATOM   354 C C   . ASN A 1 61 ? -0.900  -2.180  14.011  1.00 34.48 ? 423  ASN A C   1 
ATOM   355 O O   . ASN A 1 61 ? -0.449  -3.223  13.482  1.00 32.96 ? 423  ASN A O   1 
ATOM   356 C CB  . ASN A 1 61 ? -1.163  -3.112  16.359  1.00 38.49 ? 423  ASN A CB  1 
ATOM   357 C CG  . ASN A 1 61 ? -0.690  -3.023  17.795  1.00 43.18 ? 423  ASN A CG  1 
ATOM   358 O OD1 . ASN A 1 61 ? 0.371   -2.468  18.061  1.00 44.97 ? 423  ASN A OD1 1 
ATOM   359 N ND2 . ASN A 1 61 ? -1.527  -3.434  18.732  1.00 44.63 ? 423  ASN A ND2 1 
ATOM   360 N N   . MET A 1 62 ? -1.612  -1.279  13.328  1.00 33.16 ? 424  MET A N   1 
ATOM   361 C CA  . MET A 1 62 ? -1.968  -1.453  11.892  1.00 31.50 ? 424  MET A CA  1 
ATOM   362 C C   . MET A 1 62 ? -1.560  -0.180  11.129  1.00 29.94 ? 424  MET A C   1 
ATOM   363 O O   . MET A 1 62 ? -1.495  0.922   11.728  1.00 30.42 ? 424  MET A O   1 
ATOM   364 C CB  . MET A 1 62 ? -3.478  -1.726  11.703  1.00 34.01 ? 424  MET A CB  1 
ATOM   365 C CG  . MET A 1 62 ? -3.976  -3.040  12.345  1.00 37.16 ? 424  MET A CG  1 
ATOM   366 S SD  . MET A 1 62 ? -3.367  -4.521  11.472  1.00 40.73 ? 424  MET A SD  1 
ATOM   367 C CE  . MET A 1 62 ? -3.768  -5.813  12.641  1.00 43.44 ? 424  MET A CE  1 
ATOM   368 N N   . LYS A 1 63 ? -1.182  -0.317  9.885   1.00 26.92 ? 425  LYS A N   1 
ATOM   369 C CA  . LYS A 1 63 ? -0.842  0.870   9.080   1.00 26.81 ? 425  LYS A CA  1 
ATOM   370 C C   . LYS A 1 63 ? -1.741  0.891   7.854   1.00 24.45 ? 425  LYS A C   1 
ATOM   371 O O   . LYS A 1 63 ? -1.815  -0.106  7.175   1.00 22.71 ? 425  LYS A O   1 
ATOM   372 C CB  . LYS A 1 63 ? 0.638   0.893   8.717   1.00 28.54 ? 425  LYS A CB  1 
ATOM   373 C CG  . LYS A 1 63 ? 1.597   1.154   9.870   1.00 31.97 ? 425  LYS A CG  1 
ATOM   374 C CD  . LYS A 1 63 ? 1.380   2.459   10.589  1.00 35.03 ? 425  LYS A CD  1 
ATOM   375 C CE  . LYS A 1 63 ? 1.457   2.276   12.085  1.00 41.00 ? 425  LYS A CE  1 
ATOM   376 N NZ  . LYS A 1 63 ? 1.932   3.510   12.721  1.00 46.12 ? 425  LYS A NZ  1 
ATOM   377 N N   A LEU A 1 64 ? -2.378  2.033   7.603   0.50 24.09 ? 426  LEU A N   1 
ATOM   378 N N   B LEU A 1 64 ? -2.377  2.034   7.603   0.50 24.09 ? 426  LEU A N   1 
ATOM   379 C CA  A LEU A 1 64 ? -3.248  2.243   6.419   0.50 23.98 ? 426  LEU A CA  1 
ATOM   380 C CA  B LEU A 1 64 ? -3.249  2.244   6.419   0.50 23.97 ? 426  LEU A CA  1 
ATOM   381 C C   A LEU A 1 64 ? -2.376  2.700   5.248   0.50 22.74 ? 426  LEU A C   1 
ATOM   382 C C   B LEU A 1 64 ? -2.376  2.700   5.247   0.50 22.74 ? 426  LEU A C   1 
ATOM   383 O O   A LEU A 1 64 ? -1.477  3.602   5.480   0.50 22.80 ? 426  LEU A O   1 
ATOM   384 O O   B LEU A 1 64 ? -1.478  3.604   5.479   0.50 22.79 ? 426  LEU A O   1 
ATOM   385 C CB  A LEU A 1 64 ? -4.322  3.285   6.762   0.50 25.92 ? 426  LEU A CB  1 
ATOM   386 C CB  B LEU A 1 64 ? -4.322  3.286   6.763   0.50 25.91 ? 426  LEU A CB  1 
ATOM   387 C CG  A LEU A 1 64 ? -5.376  3.489   5.681   0.50 27.44 ? 426  LEU A CG  1 
ATOM   388 C CG  B LEU A 1 64 ? -5.376  3.492   5.682   0.50 27.42 ? 426  LEU A CG  1 
ATOM   389 C CD1 A LEU A 1 64 ? -6.739  3.691   6.292   0.50 30.95 ? 426  LEU A CD1 1 
ATOM   390 C CD1 B LEU A 1 64 ? -6.737  3.702   6.293   0.50 30.93 ? 426  LEU A CD1 1 
ATOM   391 C CD2 A LEU A 1 64 ? -5.004  4.641   4.799   0.50 28.58 ? 426  LEU A CD2 1 
ATOM   392 C CD2 B LEU A 1 64 ? -4.999  4.639   4.796   0.50 28.55 ? 426  LEU A CD2 1 
ATOM   393 N N   . PHE A 1 65 ? -2.656  2.123   4.052   1.00 21.38 ? 427  PHE A N   1 
ATOM   394 C CA  . PHE A 1 65 ? -2.119  2.536   2.737   1.00 20.56 ? 427  PHE A CA  1 
ATOM   395 C C   . PHE A 1 65 ? -3.317  2.901   1.818   1.00 20.23 ? 427  PHE A C   1 
ATOM   396 O O   . PHE A 1 65 ? -4.428  2.259   1.994   1.00 19.08 ? 427  PHE A O   1 
ATOM   397 C CB  . PHE A 1 65 ? -1.300  1.390   2.124   1.00 20.43 ? 427  PHE A CB  1 
ATOM   398 C CG  . PHE A 1 65 ? 0.081   1.167   2.715   1.00 21.18 ? 427  PHE A CG  1 
ATOM   399 C CD1 . PHE A 1 65 ? 0.237   0.426   3.896   1.00 22.39 ? 427  PHE A CD1 1 
ATOM   400 C CD2 . PHE A 1 65 ? 1.215   1.716   2.117   1.00 21.94 ? 427  PHE A CD2 1 
ATOM   401 C CE1 . PHE A 1 65 ? 1.502   0.211   4.424   1.00 23.34 ? 427  PHE A CE1 1 
ATOM   402 C CE2 . PHE A 1 65 ? 2.489   1.496   2.635   1.00 23.24 ? 427  PHE A CE2 1 
ATOM   403 C CZ  . PHE A 1 65 ? 2.635   0.709   3.773   1.00 24.23 ? 427  PHE A CZ  1 
ATOM   404 N N   . THR A 1 66 ? -3.107  3.844   0.886   1.00 20.16 ? 428  THR A N   1 
ATOM   405 C CA  . THR A 1 66 ? -4.046  4.204   -0.214  1.00 20.36 ? 428  THR A CA  1 
ATOM   406 C C   . THR A 1 66 ? -3.325  4.080   -1.588  1.00 19.54 ? 428  THR A C   1 
ATOM   407 O O   . THR A 1 66 ? -2.293  4.724   -1.767  1.00 21.39 ? 428  THR A O   1 
ATOM   408 C CB  . THR A 1 66 ? -4.603  5.624   -0.050  1.00 21.83 ? 428  THR A CB  1 
ATOM   409 O OG1 . THR A 1 66 ? -5.163  5.759   1.272   1.00 22.51 ? 428  THR A OG1 1 
ATOM   410 C CG2 . THR A 1 66 ? -5.643  5.939   -1.107  1.00 22.63 ? 428  THR A CG2 1 
ATOM   411 N N   . ILE A 1 67 ? -3.826  3.225   -2.489  1.00 19.28 ? 429  ILE A N   1 
ATOM   412 C CA  . ILE A 1 67 ? -3.366  3.161   -3.899  1.00 18.70 ? 429  ILE A CA  1 
ATOM   413 C C   . ILE A 1 67 ? -4.293  4.079   -4.735  1.00 19.44 ? 429  ILE A C   1 
ATOM   414 O O   . ILE A 1 67 ? -5.531  3.933   -4.626  1.00 18.38 ? 429  ILE A O   1 
ATOM   415 C CB  . ILE A 1 67 ? -3.338  1.733   -4.421  1.00 19.41 ? 429  ILE A CB  1 
ATOM   416 C CG1 . ILE A 1 67 ? -2.828  0.691   -3.385  1.00 19.74 ? 429  ILE A CG1 1 
ATOM   417 C CG2 . ILE A 1 67 ? -2.559  1.688   -5.710  1.00 20.25 ? 429  ILE A CG2 1 
ATOM   418 C CD1 . ILE A 1 67 ? -2.755  -0.791  -3.937  1.00 19.31 ? 429  ILE A CD1 1 
ATOM   419 N N   . ARG A 1 68 ? -3.705  5.052   -5.440  1.00 20.28 ? 430  ARG A N   1 
ATOM   420 C CA  . ARG A 1 68 ? -4.451  6.056   -6.237  1.00 22.75 ? 430  ARG A CA  1 
ATOM   421 C C   . ARG A 1 68 ? -4.033  5.908   -7.723  1.00 22.44 ? 430  ARG A C   1 
ATOM   422 O O   . ARG A 1 68 ? -2.827  6.126   -8.065  1.00 27.21 ? 430  ARG A O   1 
ATOM   423 C CB  . ARG A 1 68 ? -4.182  7.428   -5.627  1.00 24.58 ? 430  ARG A CB  1 
ATOM   424 C CG  . ARG A 1 68 ? -5.001  8.578   -6.188  1.00 27.02 ? 430  ARG A CG  1 
ATOM   425 C CD  . ARG A 1 68 ? -4.721  9.872   -5.400  1.00 29.44 ? 430  ARG A CD  1 
ATOM   426 N NE  . ARG A 1 68 ? -5.206  9.794   -4.035  1.00 29.20 ? 430  ARG A NE  1 
ATOM   427 C CZ  . ARG A 1 68 ? -4.453  9.715   -2.929  1.00 28.86 ? 430  ARG A CZ  1 
ATOM   428 N NH1 . ARG A 1 68 ? -3.143  9.826   -2.992  1.00 29.47 ? 430  ARG A NH1 1 
ATOM   429 N NH2 . ARG A 1 68 ? -5.043  9.656   -1.747  1.00 29.17 ? 430  ARG A NH2 1 
ATOM   430 N N   . GLY A 1 69 ? -5.007  5.701   -8.609  1.00 22.39 ? 431  GLY A N   1 
ATOM   431 C CA  . GLY A 1 69 ? -4.745  5.478   -10.043 1.00 21.53 ? 431  GLY A CA  1 
ATOM   432 C C   . GLY A 1 69 ? -6.039  5.131   -10.793 1.00 21.22 ? 431  GLY A C   1 
ATOM   433 O O   . GLY A 1 69 ? -7.113  5.215   -10.209 1.00 20.58 ? 431  GLY A O   1 
ATOM   434 N N   . THR A 1 70 ? -5.922  4.684   -12.020 1.00 21.92 ? 432  THR A N   1 
ATOM   435 C CA  . THR A 1 70 ? -7.001  4.019   -12.743 1.00 22.60 ? 432  THR A CA  1 
ATOM   436 C C   . THR A 1 70 ? -7.198  2.665   -12.075 1.00 22.38 ? 432  THR A C   1 
ATOM   437 O O   . THR A 1 70 ? -6.278  2.126   -11.420 1.00 20.69 ? 432  THR A O   1 
ATOM   438 C CB  . THR A 1 70 ? -6.686  3.833   -14.237 1.00 23.92 ? 432  THR A CB  1 
ATOM   439 O OG1 . THR A 1 70 ? -5.601  2.892   -14.359 1.00 22.44 ? 432  THR A OG1 1 
ATOM   440 C CG2 . THR A 1 70 ? -6.356  5.130   -14.948 1.00 25.34 ? 432  THR A CG2 1 
ATOM   441 N N   . PRO A 1 71 ? -8.393  2.077   -12.185 1.00 23.58 ? 433  PRO A N   1 
ATOM   442 C CA  . PRO A 1 71 ? -8.592  0.736   -11.653 1.00 23.70 ? 433  PRO A CA  1 
ATOM   443 C C   . PRO A 1 71 ? -7.527  -0.279  -12.122 1.00 23.26 ? 433  PRO A C   1 
ATOM   444 O O   . PRO A 1 71 ? -7.160  -1.129  -11.311 1.00 22.39 ? 433  PRO A O   1 
ATOM   445 C CB  . PRO A 1 71 ? -10.012 0.377   -12.094 1.00 25.47 ? 433  PRO A CB  1 
ATOM   446 C CG  . PRO A 1 71 ? -10.712 1.734   -12.230 1.00 25.92 ? 433  PRO A CG  1 
ATOM   447 C CD  . PRO A 1 71 ? -9.640  2.701   -12.705 1.00 25.35 ? 433  PRO A CD  1 
ATOM   448 N N   . GLN A 1 72 ? -7.144  -0.244  -13.390 1.00 23.54 ? 434  GLN A N   1 
ATOM   449 C CA  . GLN A 1 72 ? -6.166  -1.166  -13.987 1.00 24.49 ? 434  GLN A CA  1 
ATOM   450 C C   . GLN A 1 72 ? -4.832  -1.003  -13.230 1.00 24.05 ? 434  GLN A C   1 
ATOM   451 O O   . GLN A 1 72 ? -4.182  -2.048  -12.861 1.00 23.59 ? 434  GLN A O   1 
ATOM   452 C CB  . GLN A 1 72 ? -6.018  -0.873  -15.491 1.00 27.14 ? 434  GLN A CB  1 
ATOM   453 C CG  . GLN A 1 72 ? -7.256  -1.216  -16.309 1.00 29.57 ? 434  GLN A CG  1 
ATOM   454 C CD  . GLN A 1 72 ? -8.314  -0.110  -16.469 1.00 30.71 ? 434  GLN A CD  1 
ATOM   455 O OE1 . GLN A 1 72 ? -8.341  0.906   -15.730 1.00 28.40 ? 434  GLN A OE1 1 
ATOM   456 N NE2 . GLN A 1 72 ? -9.219  -0.324  -17.434 1.00 31.47 ? 434  GLN A NE2 1 
ATOM   457 N N   . GLN A 1 73 ? -4.445  0.227   -12.957 1.00 22.45 ? 435  GLN A N   1 
ATOM   458 C CA  . GLN A 1 73 ? -3.165  0.528   -12.257 1.00 22.79 ? 435  GLN A CA  1 
ATOM   459 C C   . GLN A 1 73 ? -3.247  0.003   -10.817 1.00 22.50 ? 435  GLN A C   1 
ATOM   460 O O   . GLN A 1 73 ? -2.175  -0.588  -10.280 1.00 22.19 ? 435  GLN A O   1 
ATOM   461 C CB  . GLN A 1 73 ? -2.892  2.041   -12.297 1.00 23.41 ? 435  GLN A CB  1 
ATOM   462 C CG  . GLN A 1 73 ? -2.556  2.559   -13.697 1.00 25.23 ? 435  GLN A CG  1 
ATOM   463 C CD  . GLN A 1 73 ? -2.541  4.080   -13.827 1.00 25.36 ? 435  GLN A CD  1 
ATOM   464 O OE1 . GLN A 1 73 ? -3.179  4.828   -13.070 1.00 24.22 ? 435  GLN A OE1 1 
ATOM   465 N NE2 . GLN A 1 73 ? -1.784  4.544   -14.813 1.00 26.66 ? 435  GLN A NE2 1 
ATOM   466 N N   . ILE A 1 74 ? -4.368  0.283   -10.158 1.00 21.08 ? 436  ILE A N   1 
ATOM   467 C CA  . ILE A 1 74 ? -4.616  -0.110  -8.744  1.00 21.51 ? 436  ILE A CA  1 
ATOM   468 C C   . ILE A 1 74 ? -4.519  -1.651  -8.623  1.00 22.25 ? 436  ILE A C   1 
ATOM   469 O O   . ILE A 1 74 ? -3.818  -2.130  -7.685  1.00 21.72 ? 436  ILE A O   1 
ATOM   470 C CB  . ILE A 1 74 ? -5.959  0.412   -8.233  1.00 21.15 ? 436  ILE A CB  1 
ATOM   471 C CG1 . ILE A 1 74 ? -5.946  1.916   -8.078  1.00 20.73 ? 436  ILE A CG1 1 
ATOM   472 C CG2 . ILE A 1 74 ? -6.359  -0.278  -6.898  1.00 20.91 ? 436  ILE A CG2 1 
ATOM   473 C CD1 . ILE A 1 74 ? -7.319  2.496   -7.791  1.00 20.98 ? 436  ILE A CD1 1 
ATOM   474 N N   . ASP A 1 75 ? -5.187  -2.388  -9.503  1.00 22.53 ? 437  ASP A N   1 
ATOM   475 C CA  . ASP A 1 75 ? -5.206  -3.893  -9.516  1.00 24.09 ? 437  ASP A CA  1 
ATOM   476 C C   . ASP A 1 75 ? -3.751  -4.433  -9.624  1.00 24.00 ? 437  ASP A C   1 
ATOM   477 O O   . ASP A 1 75 ? -3.370  -5.383  -8.842  1.00 23.76 ? 437  ASP A O   1 
ATOM   478 C CB  . ASP A 1 75 ? -6.086  -4.408  -10.668 1.00 24.78 ? 437  ASP A CB  1 
ATOM   479 C CG  . ASP A 1 75 ? -6.285  -5.907  -10.717 1.00 27.06 ? 437  ASP A CG  1 
ATOM   480 O OD1 . ASP A 1 75 ? -6.244  -6.548  -9.659  1.00 26.68 ? 437  ASP A OD1 1 
ATOM   481 O OD2 . ASP A 1 75 ? -6.535  -6.391  -11.780 1.00 27.88 ? 437  ASP A OD2 1 
ATOM   482 N N   . TYR A 1 76 ? -2.970  -3.910  -10.545 1.00 29.10 ? 438  TYR A N   1 
ATOM   483 C CA  . TYR A 1 76 ? -1.550  -4.329  -10.767 1.00 30.61 ? 438  TYR A CA  1 
ATOM   484 C C   . TYR A 1 76 ? -0.679  -4.066  -9.517  1.00 28.03 ? 438  TYR A C   1 
ATOM   485 O O   . TYR A 1 76 ? 0.078   -4.984  -9.087  1.00 27.59 ? 438  TYR A O   1 
ATOM   486 C CB  . TYR A 1 76 ? -1.008  -3.632  -12.014 1.00 34.37 ? 438  TYR A CB  1 
ATOM   487 C CG  . TYR A 1 76 ? 0.281   -4.186  -12.552 1.00 37.96 ? 438  TYR A CG  1 
ATOM   488 C CD1 . TYR A 1 76 ? 0.699   -5.476  -12.269 1.00 40.37 ? 438  TYR A CD1 1 
ATOM   489 C CD2 . TYR A 1 76 ? 1.066   -3.414  -13.373 1.00 41.59 ? 438  TYR A CD2 1 
ATOM   490 C CE1 . TYR A 1 76 ? 1.895   -5.973  -12.779 1.00 44.14 ? 438  TYR A CE1 1 
ATOM   491 C CE2 . TYR A 1 76 ? 2.253   -3.888  -13.885 1.00 46.06 ? 438  TYR A CE2 1 
ATOM   492 C CZ  . TYR A 1 76 ? 2.669   -5.169  -13.589 1.00 46.69 ? 438  TYR A CZ  1 
ATOM   493 O OH  . TYR A 1 76 ? 3.813   -5.615  -14.157 1.00 51.69 ? 438  TYR A OH  1 
ATOM   494 N N   . ALA A 1 77 ? -0.733  -2.853  -8.968  1.00 25.94 ? 439  ALA A N   1 
ATOM   495 C CA  . ALA A 1 77 ? -0.007  -2.451  -7.732  1.00 25.02 ? 439  ALA A CA  1 
ATOM   496 C C   . ALA A 1 77 ? -0.410  -3.374  -6.572  1.00 24.29 ? 439  ALA A C   1 
ATOM   497 O O   . ALA A 1 77 ? 0.497   -3.820  -5.831  1.00 24.75 ? 439  ALA A O   1 
ATOM   498 C CB  . ALA A 1 77 ? -0.291  -0.983  -7.393  1.00 23.70 ? 439  ALA A CB  1 
ATOM   499 N N   . ARG A 1 78 ? -1.710  -3.663  -6.407  1.00 23.45 ? 440  ARG A N   1 
ATOM   500 C CA  . ARG A 1 78 ? -2.175  -4.558  -5.332  1.00 25.02 ? 440  ARG A CA  1 
ATOM   501 C C   . ARG A 1 78 ? -1.525  -5.945  -5.501  1.00 26.26 ? 440  ARG A C   1 
ATOM   502 O O   . ARG A 1 78 ? -1.004  -6.500  -4.483  1.00 25.73 ? 440  ARG A O   1 
ATOM   503 C CB  . ARG A 1 78 ? -3.710  -4.613  -5.292  1.00 27.15 ? 440  ARG A CB  1 
ATOM   504 C CG  . ARG A 1 78 ? -4.247  -5.352  -4.068  1.00 28.33 ? 440  ARG A CG  1 
ATOM   505 C CD  . ARG A 1 78 ? -5.662  -5.850  -4.186  1.00 30.60 ? 440  ARG A CD  1 
ATOM   506 N NE  . ARG A 1 78 ? -5.510  -7.127  -4.879  1.00 36.03 ? 440  ARG A NE  1 
ATOM   507 C CZ  . ARG A 1 78 ? -5.681  -7.320  -6.153  1.00 36.73 ? 440  ARG A CZ  1 
ATOM   508 N NH1 . ARG A 1 78 ? -5.401  -8.494  -6.673  1.00 41.00 ? 440  ARG A NH1 1 
ATOM   509 N NH2 . ARG A 1 78 ? -6.216  -6.388  -6.896  1.00 37.32 ? 440  ARG A NH2 1 
ATOM   510 N N   . GLN A 1 79 ? -1.505  -6.502  -6.716  1.00 26.81 ? 441  GLN A N   1 
ATOM   511 C CA  . GLN A 1 79 ? -0.910  -7.851  -6.951  1.00 28.76 ? 441  GLN A CA  1 
ATOM   512 C C   . GLN A 1 79 ? 0.585   -7.820  -6.593  1.00 27.42 ? 441  GLN A C   1 
ATOM   513 O O   . GLN A 1 79 ? 1.067   -8.809  -5.970  1.00 27.40 ? 441  GLN A O   1 
ATOM   514 C CB  . GLN A 1 79 ? -1.142  -8.312  -8.385  1.00 32.49 ? 441  GLN A CB  1 
ATOM   515 C CG  . GLN A 1 79 ? -2.610  -8.660  -8.675  1.00 34.71 ? 441  GLN A CG  1 
ATOM   516 C CD  . GLN A 1 79 ? -2.842  -8.977  -10.125 1.00 39.65 ? 441  GLN A CD  1 
ATOM   517 O OE1 . GLN A 1 79 ? -2.044  -9.687  -10.764 1.00 43.78 ? 441  GLN A OE1 1 
ATOM   518 N NE2 . GLN A 1 79 ? -3.919  -8.426  -10.677 1.00 40.47 ? 441  GLN A NE2 1 
ATOM   519 N N   . LEU A 1 80 ? 1.313   -6.785  -6.983  1.00 26.42 ? 442  LEU A N   1 
ATOM   520 C CA  . LEU A 1 80 ? 2.771   -6.666  -6.665  1.00 26.63 ? 442  LEU A CA  1 
ATOM   521 C C   . LEU A 1 80 ? 2.997   -6.566  -5.147  1.00 26.34 ? 442  LEU A C   1 
ATOM   522 O O   . LEU A 1 80 ? 3.919   -7.250  -4.608  1.00 27.13 ? 442  LEU A O   1 
ATOM   523 C CB  . LEU A 1 80 ? 3.359   -5.453  -7.403  1.00 27.32 ? 442  LEU A CB  1 
ATOM   524 C CG  . LEU A 1 80 ? 3.407   -5.541  -8.946  1.00 29.32 ? 442  LEU A CG  1 
ATOM   525 C CD1 . LEU A 1 80 ? 3.862   -4.216  -9.555  1.00 30.43 ? 442  LEU A CD1 1 
ATOM   526 C CD2 . LEU A 1 80 ? 4.327   -6.664  -9.432  1.00 31.88 ? 442  LEU A CD2 1 
ATOM   527 N N   . ILE A 1 81 ? 2.192   -5.781  -4.434  1.00 25.07 ? 443  ILE A N   1 
ATOM   528 C CA  . ILE A 1 81 ? 2.269   -5.675  -2.942  1.00 23.93 ? 443  ILE A CA  1 
ATOM   529 C C   . ILE A 1 81 ? 2.010   -7.069  -2.306  1.00 24.96 ? 443  ILE A C   1 
ATOM   530 O O   . ILE A 1 81 ? 2.777   -7.490  -1.360  1.00 25.99 ? 443  ILE A O   1 
ATOM   531 C CB  . ILE A 1 81 ? 1.280   -4.593  -2.456  1.00 22.90 ? 443  ILE A CB  1 
ATOM   532 C CG1 . ILE A 1 81 ? 1.777   -3.192  -2.841  1.00 23.21 ? 443  ILE A CG1 1 
ATOM   533 C CG2 . ILE A 1 81 ? 1.004   -4.718  -0.962  1.00 22.05 ? 443  ILE A CG2 1 
ATOM   534 C CD1 . ILE A 1 81 ? 0.727   -2.100  -2.688  1.00 23.62 ? 443  ILE A CD1 1 
ATOM   535 N N   . GLU A 1 82 ? 1.013   -7.795  -2.800  1.00 26.03 ? 444  GLU A N   1 
ATOM   536 C CA  . GLU A 1 82 ? 0.634   -9.112  -2.250  1.00 28.62 ? 444  GLU A CA  1 
ATOM   537 C C   . GLU A 1 82 ? 1.793   -10.132 -2.458  1.00 31.20 ? 444  GLU A C   1 
ATOM   538 O O   . GLU A 1 82 ? 2.031   -10.929 -1.503  1.00 31.40 ? 444  GLU A O   1 
ATOM   539 C CB  . GLU A 1 82 ? -0.756  -9.522  -2.758  1.00 29.74 ? 444  GLU A CB  1 
ATOM   540 C CG  . GLU A 1 82 ? -1.870  -8.695  -2.106  1.00 28.23 ? 444  GLU A CG  1 
ATOM   541 C CD  . GLU A 1 82 ? -3.304  -9.020  -2.529  1.00 30.55 ? 444  GLU A CD  1 
ATOM   542 O OE1 . GLU A 1 82 ? -3.469  -9.674  -3.551  1.00 30.52 ? 444  GLU A OE1 1 
ATOM   543 O OE2 . GLU A 1 82 ? -4.249  -8.575  -1.821  1.00 30.89 ? 444  GLU A OE2 1 
ATOM   544 N N   . GLU A 1 83 ? 2.527   -10.102 -3.577  1.00 31.69 ? 445  GLU A N   1 
ATOM   545 C CA  . GLU A 1 83 ? 3.736   -10.965 -3.724  1.00 36.65 ? 445  GLU A CA  1 
ATOM   546 C C   . GLU A 1 83 ? 4.695   -10.681 -2.556  1.00 35.57 ? 445  GLU A C   1 
ATOM   547 O O   . GLU A 1 83 ? 5.179   -11.639 -1.957  1.00 37.40 ? 445  GLU A O   1 
ATOM   548 C CB  . GLU A 1 83 ? 4.522   -10.716 -5.003  1.00 40.54 ? 445  GLU A CB  1 
ATOM   549 C CG  . GLU A 1 83 ? 3.718   -10.899 -6.259  1.00 44.55 ? 445  GLU A CG  1 
ATOM   550 C CD  . GLU A 1 83 ? 4.538   -10.911 -7.546  1.00 49.90 ? 445  GLU A CD  1 
ATOM   551 O OE1 . GLU A 1 83 ? 5.702   -10.442 -7.523  1.00 50.26 ? 445  GLU A OE1 1 
ATOM   552 O OE2 . GLU A 1 83 ? 4.000   -11.382 -8.581  1.00 54.94 ? 445  GLU A OE2 1 
ATOM   553 N N   . LYS A 1 84 ? 4.952   -9.411  -2.256  1.00 33.00 ? 446  LYS A N   1 
ATOM   554 C CA  . LYS A 1 84 ? 5.987   -8.995  -1.269  1.00 33.49 ? 446  LYS A CA  1 
ATOM   555 C C   . LYS A 1 84 ? 5.594   -9.411  0.154   1.00 33.66 ? 446  LYS A C   1 
ATOM   556 O O   . LYS A 1 84 ? 6.510   -9.789  0.947   1.00 34.86 ? 446  LYS A O   1 
ATOM   557 C CB  . LYS A 1 84 ? 6.228   -7.496  -1.332  1.00 33.84 ? 446  LYS A CB  1 
ATOM   558 C CG  . LYS A 1 84 ? 6.976   -7.045  -2.579  1.00 36.22 ? 446  LYS A CG  1 
ATOM   559 C CD  . LYS A 1 84 ? 8.340   -7.624  -2.713  1.00 40.42 ? 446  LYS A CD  1 
ATOM   560 C CE  . LYS A 1 84 ? 9.231   -6.790  -3.599  1.00 44.05 ? 446  LYS A CE  1 
ATOM   561 N NZ  . LYS A 1 84 ? 9.534   -7.498  -4.869  1.00 48.39 ? 446  LYS A NZ  1 
ATOM   562 N N   . ILE A 1 85 ? 4.342   -9.273  0.537   1.00 31.81 ? 447  ILE A N   1 
ATOM   563 C CA  . ILE A 1 85 ? 3.941   -9.580  1.928   1.00 33.15 ? 447  ILE A CA  1 
ATOM   564 C C   . ILE A 1 85 ? 3.541   -11.059 2.031   1.00 34.52 ? 447  ILE A C   1 
ATOM   565 O O   . ILE A 1 85 ? 3.358   -11.474 3.152   1.00 36.79 ? 447  ILE A O   1 
ATOM   566 C CB  . ILE A 1 85 ? 2.854   -8.622  2.433   1.00 31.96 ? 447  ILE A CB  1 
ATOM   567 C CG1 . ILE A 1 85 ? 1.503   -8.899  1.774   1.00 31.56 ? 447  ILE A CG1 1 
ATOM   568 C CG2 . ILE A 1 85 ? 3.313   -7.170  2.263   1.00 31.10 ? 447  ILE A CG2 1 
ATOM   569 C CD1 . ILE A 1 85 ? 0.353   -8.077  2.317   1.00 31.27 ? 447  ILE A CD1 1 
ATOM   570 N N   . GLY A 1 86 ? 3.483   -11.817 0.908   1.00 33.99 ? 448  GLY A N   1 
ATOM   571 C CA  . GLY A 1 86 ? 3.189   -13.271 0.896   1.00 36.68 ? 448  GLY A CA  1 
ATOM   572 C C   . GLY A 1 86 ? 1.728   -13.597 1.267   1.00 37.43 ? 448  GLY A C   1 
ATOM   573 O O   . GLY A 1 86 ? 1.483   -14.658 1.957   1.00 38.83 ? 448  GLY A O   1 
ATOM   574 N N   . GLY A 1 87 ? 0.768   -12.756 0.860   1.00 33.77 ? 449  GLY A N   1 
ATOM   575 C CA  . GLY A 1 87 ? -0.676  -13.033 1.032   1.00 34.52 ? 449  GLY A CA  1 
ATOM   576 C C   . GLY A 1 87 ? -1.539  -11.781 0.807   1.00 32.49 ? 449  GLY A C   1 
ATOM   577 O O   . GLY A 1 87 ? -1.017  -10.709 0.542   1.00 29.83 ? 449  GLY A O   1 
ATOM   578 N N   . PRO A 1 88 ? -2.878  -11.884 0.946   1.00 33.72 ? 450  PRO A N   1 
ATOM   579 C CA  . PRO A 1 88 ? -3.764  -10.782 0.576   1.00 31.30 ? 450  PRO A CA  1 
ATOM   580 C C   . PRO A 1 88 ? -3.663  -9.615  1.580   1.00 30.31 ? 450  PRO A C   1 
ATOM   581 O O   . PRO A 1 88 ? -3.387  -9.870  2.757   1.00 29.57 ? 450  PRO A O   1 
ATOM   582 C CB  . PRO A 1 88 ? -5.155  -11.440 0.548   1.00 34.02 ? 450  PRO A CB  1 
ATOM   583 C CG  . PRO A 1 88 ? -5.035  -12.645 1.486   1.00 36.82 ? 450  PRO A CG  1 
ATOM   584 C CD  . PRO A 1 88 ? -3.608  -13.120 1.331   1.00 36.71 ? 450  PRO A CD  1 
ATOM   585 N N   . VAL A 1 89 ? -3.814  -8.360  1.119   1.00 27.09 ? 451  VAL A N   1 
ATOM   586 C CA  . VAL A 1 89 ? -4.002  -7.198  2.025   1.00 27.00 ? 451  VAL A CA  1 
ATOM   587 C C   . VAL A 1 89 ? -5.387  -7.304  2.674   1.00 27.40 ? 451  VAL A C   1 
ATOM   588 O O   . VAL A 1 89 ? -6.191  -7.999  2.154   1.00 28.42 ? 451  VAL A O   1 
ATOM   589 C CB  . VAL A 1 89 ? -3.828  -5.853  1.302   1.00 26.61 ? 451  VAL A CB  1 
ATOM   590 C CG1 . VAL A 1 89 ? -2.445  -5.728  0.705   1.00 27.44 ? 451  VAL A CG1 1 
ATOM   591 C CG2 . VAL A 1 89 ? -4.924  -5.615  0.266   1.00 26.25 ? 451  VAL A CG2 1 
ATOM   592 N N   . ASN A 1 90 ? -5.595  -6.636  3.797   1.00 28.09 ? 452  ASN A N   1 
ATOM   593 C CA  . ASN A 1 90 ? -6.902  -6.462  4.460   1.00 31.61 ? 452  ASN A CA  1 
ATOM   594 C C   . ASN A 1 90 ? -7.563  -5.195  3.877   1.00 30.86 ? 452  ASN A C   1 
ATOM   595 O O   . ASN A 1 90 ? -7.234  -4.079  4.273   1.00 28.42 ? 452  ASN A O   1 
ATOM   596 C CB  . ASN A 1 90 ? -6.723  -6.436  5.982   1.00 35.23 ? 452  ASN A CB  1 
ATOM   597 C CG  . ASN A 1 90 ? -8.020  -6.501  6.758   1.00 40.13 ? 452  ASN A CG  1 
ATOM   598 O OD1 . ASN A 1 90 ? -9.094  -6.482  6.184   1.00 44.84 ? 452  ASN A OD1 1 
ATOM   599 N ND2 . ASN A 1 90 ? -7.947  -6.628  8.077   1.00 44.21 ? 452  ASN A ND2 1 
ATOM   600 N N   . PRO A 1 91 ? -8.602  -5.326  3.009   1.00 32.59 ? 453  PRO A N   1 
ATOM   601 C CA  . PRO A 1 91 ? -9.310  -4.149  2.472   1.00 32.80 ? 453  PRO A CA  1 
ATOM   602 C C   . PRO A 1 91 ? -10.229 -3.481  3.521   1.00 36.46 ? 453  PRO A C   1 
ATOM   603 O O   . PRO A 1 91 ? -10.799 -4.196  4.323   1.00 36.12 ? 453  PRO A O   1 
ATOM   604 C CB  . PRO A 1 91 ? -10.144 -4.752  1.335   1.00 32.87 ? 453  PRO A CB  1 
ATOM   605 C CG  . PRO A 1 91 ? -10.450 -6.161  1.786   1.00 34.64 ? 453  PRO A CG  1 
ATOM   606 C CD  . PRO A 1 91 ? -9.264  -6.585  2.643   1.00 34.36 ? 453  PRO A CD  1 
ATOM   607 N N   . LEU A 1 92 ? -10.376 -2.140  3.491   1.00 39.00 ? 454  LEU A N   1 
ATOM   608 C CA  . LEU A 1 92 ? -11.333 -1.388  4.365   1.00 43.92 ? 454  LEU A CA  1 
ATOM   609 C C   . LEU A 1 92 ? -12.687 -1.231  3.658   1.00 45.19 ? 454  LEU A C   1 
ATOM   610 O O   . LEU A 1 92 ? -12.619 -0.808  2.494   1.00 41.11 ? 454  LEU A O   1 
ATOM   611 C CB  . LEU A 1 92 ? -10.734 -0.017  4.697   1.00 46.40 ? 454  LEU A CB  1 
ATOM   612 C CG  . LEU A 1 92 ? -9.946  0.031   5.998   1.00 51.00 ? 454  LEU A CG  1 
ATOM   613 C CD1 . LEU A 1 92 ? -8.942  -1.097  6.046   1.00 51.55 ? 454  LEU A CD1 1 
ATOM   614 C CD2 . LEU A 1 92 ? -9.257  1.386   6.170   1.00 53.00 ? 454  LEU A CD2 1 
HETATM 615 C C1  . EDO B 2 .  ? -12.669 3.203   -15.571 1.00 46.02 ? 1101 EDO A C1  1 
HETATM 616 O O1  . EDO B 2 .  ? -11.746 2.150   -15.792 1.00 42.65 ? 1101 EDO A O1  1 
HETATM 617 C C2  . EDO B 2 .  ? -12.037 4.450   -15.057 1.00 51.97 ? 1101 EDO A C2  1 
HETATM 618 O O2  . EDO B 2 .  ? -12.863 5.590   -15.249 1.00 60.47 ? 1101 EDO A O2  1 
HETATM 619 C C1  . EDO C 2 .  ? 3.079   -16.829 3.399   1.00 63.94 ? 1102 EDO A C1  1 
HETATM 620 O O1  . EDO C 2 .  ? 3.792   -16.901 2.173   1.00 67.84 ? 1102 EDO A O1  1 
HETATM 621 C C2  . EDO C 2 .  ? 3.408   -15.606 4.177   1.00 62.94 ? 1102 EDO A C2  1 
HETATM 622 O O2  . EDO C 2 .  ? 2.341   -15.101 4.951   1.00 61.06 ? 1102 EDO A O2  1 
HETATM 623 C C1  . EDO D 2 .  ? -13.172 4.928   -1.664  1.00 55.68 ? 1103 EDO A C1  1 
HETATM 624 O O1  . EDO D 2 .  ? -12.756 5.859   -2.671  1.00 58.52 ? 1103 EDO A O1  1 
HETATM 625 C C2  . EDO D 2 .  ? -12.724 3.539   -1.930  1.00 55.96 ? 1103 EDO A C2  1 
HETATM 626 O O2  . EDO D 2 .  ? -13.100 3.044   -3.224  1.00 52.02 ? 1103 EDO A O2  1 
HETATM 627 C C1  . EDO E 2 .  ? -1.382  -0.989  -16.076 1.00 54.39 ? 1104 EDO A C1  1 
HETATM 628 O O1  . EDO E 2 .  ? -0.584  -0.623  -14.962 1.00 45.84 ? 1104 EDO A O1  1 
HETATM 629 C C2  . EDO E 2 .  ? -2.038  -2.310  -15.915 1.00 56.88 ? 1104 EDO A C2  1 
HETATM 630 O O2  . EDO E 2 .  ? -3.199  -2.454  -16.717 1.00 62.65 ? 1104 EDO A O2  1 
HETATM 631 C C1  . EDO F 2 .  ? -2.136  10.895  -8.481  1.00 35.82 ? 1105 EDO A C1  1 
HETATM 632 O O1  . EDO F 2 .  ? -1.785  10.291  -7.312  1.00 31.87 ? 1105 EDO A O1  1 
HETATM 633 C C2  . EDO F 2 .  ? -3.329  11.625  -8.336  1.00 32.92 ? 1105 EDO A C2  1 
HETATM 634 O O2  . EDO F 2 .  ? -3.374  12.247  -7.140  1.00 38.04 ? 1105 EDO A O2  1 
HETATM 635 O O   . HOH G 3 .  ? -2.806  -10.948 -5.397  1.00 39.42 ? 1201 HOH A O   1 
HETATM 636 O O   . HOH G 3 .  ? -1.369  10.588  -4.835  1.00 25.28 ? 1202 HOH A O   1 
HETATM 637 O O   . HOH G 3 .  ? -4.800  2.560   -16.735 1.00 38.47 ? 1203 HOH A O   1 
HETATM 638 O O   . HOH G 3 .  ? -10.924 6.542   -0.509  1.00 41.66 ? 1204 HOH A O   1 
HETATM 639 O O   . HOH G 3 .  ? 9.061   -10.095 0.674   1.00 40.03 ? 1205 HOH A O   1 
HETATM 640 O O   . HOH G 3 .  ? -0.023  -11.184 -6.113  1.00 35.20 ? 1206 HOH A O   1 
HETATM 641 O O   . HOH G 3 .  ? 6.196   7.031   -9.159  1.00 24.95 ? 1207 HOH A O   1 
HETATM 642 O O   . HOH G 3 .  ? -3.738  12.498  -0.297  1.00 30.45 ? 1208 HOH A O   1 
HETATM 643 O O   . HOH G 3 .  ? -2.534  7.425   -12.727 1.00 26.33 ? 1209 HOH A O   1 
HETATM 644 O O   . HOH G 3 .  ? -10.891 -1.144  0.421   1.00 32.89 ? 1210 HOH A O   1 
HETATM 645 O O   . HOH G 3 .  ? -2.004  3.463   12.619  1.00 44.76 ? 1211 HOH A O   1 
HETATM 646 O O   . HOH G 3 .  ? -9.297  -2.530  -19.080 1.00 44.05 ? 1212 HOH A O   1 
HETATM 647 O O   . HOH G 3 .  ? -5.882  4.210   10.149  1.00 37.03 ? 1213 HOH A O   1 
HETATM 648 O O   . HOH G 3 .  ? 3.333   -5.638  13.419  1.00 37.28 ? 1214 HOH A O   1 
HETATM 649 O O   . HOH G 3 .  ? -3.327  6.655   3.264   1.00 39.80 ? 1215 HOH A O   1 
HETATM 650 O O   . HOH G 3 .  ? -11.050 1.521   -0.571  1.00 28.16 ? 1216 HOH A O   1 
HETATM 651 O O   . HOH G 3 .  ? -1.949  4.304   9.640   1.00 29.59 ? 1217 HOH A O   1 
HETATM 652 O O   . HOH G 3 .  ? -0.884  -16.491 1.760   1.00 46.81 ? 1218 HOH A O   1 
# 
loop_
_atom_site_anisotrop.id 
_atom_site_anisotrop.type_symbol 
_atom_site_anisotrop.pdbx_label_atom_id 
_atom_site_anisotrop.pdbx_label_alt_id 
_atom_site_anisotrop.pdbx_label_comp_id 
_atom_site_anisotrop.pdbx_label_asym_id 
_atom_site_anisotrop.pdbx_label_seq_id 
_atom_site_anisotrop.pdbx_PDB_ins_code 
_atom_site_anisotrop.U[1][1] 
_atom_site_anisotrop.U[2][2] 
_atom_site_anisotrop.U[3][3] 
_atom_site_anisotrop.U[1][2] 
_atom_site_anisotrop.U[1][3] 
_atom_site_anisotrop.U[2][3] 
_atom_site_anisotrop.pdbx_auth_seq_id 
_atom_site_anisotrop.pdbx_auth_comp_id 
_atom_site_anisotrop.pdbx_auth_asym_id 
_atom_site_anisotrop.pdbx_auth_atom_id 
1   N N   . GLY A 13 ? 0.6485 0.6838 0.5340 -0.0305 -0.1026 0.1196  375 GLY A N   
2   C CA  . GLY A 13 ? 0.5950 0.6256 0.5059 -0.0189 -0.1032 0.1171  375 GLY A CA  
3   C C   . GLY A 13 ? 0.5290 0.5560 0.4526 -0.0211 -0.0921 0.1044  375 GLY A C   
4   O O   . GLY A 13 ? 0.4869 0.5284 0.4146 -0.0264 -0.0894 0.0923  375 GLY A O   
5   N N   . LEU A 14 ? 0.5132 0.5198 0.4408 -0.0167 -0.0869 0.1066  376 LEU A N   
6   C CA  . LEU A 14 ? 0.4330 0.4351 0.3692 -0.0189 -0.0771 0.0958  376 LEU A CA  
7   C C   . LEU A 14 ? 0.3892 0.3979 0.3463 -0.0085 -0.0760 0.0907  376 LEU A C   
8   O O   . LEU A 14 ? 0.3897 0.3943 0.3538 0.0029  -0.0800 0.0966  376 LEU A O   
9   C CB  . LEU A 14 ? 0.4709 0.4488 0.3979 -0.0222 -0.0728 0.0993  376 LEU A CB  
10  C CG  . LEU A 14 ? 0.5152 0.4891 0.4234 -0.0364 -0.0710 0.1053  376 LEU A CG  
11  C CD1 . LEU A 14 ? 0.5645 0.5147 0.4682 -0.0421 -0.0676 0.1075  376 LEU A CD1 
12  C CD2 . LEU A 14 ? 0.4855 0.4832 0.3919 -0.0450 -0.0651 0.0963  376 LEU A CD2 
13  N N   . GLN A 15 ? 0.3256 0.3442 0.2921 -0.0118 -0.0704 0.0805  377 GLN A N   
14  C CA  . GLN A 15 ? 0.2907 0.3178 0.2757 -0.0052 -0.0675 0.0765  377 GLN A CA  
15  C C   . GLN A 15 ? 0.2830 0.3032 0.2676 -0.0078 -0.0589 0.0688  377 GLN A C   
16  O O   . GLN A 15 ? 0.2731 0.2840 0.2452 -0.0142 -0.0564 0.0671  377 GLN A O   
17  C CB  . GLN A 15 ? 0.2778 0.3256 0.2742 -0.0086 -0.0723 0.0743  377 GLN A CB  
18  C CG  . GLN A 15 ? 0.2730 0.3320 0.2707 -0.0060 -0.0827 0.0819  377 GLN A CG  
19  C CD  . GLN A 15 ? 0.2765 0.3562 0.2851 -0.0123 -0.0894 0.0786  377 GLN A CD  
20  O OE1 . GLN A 15 ? 0.2633 0.3481 0.2833 -0.0171 -0.0862 0.0725  377 GLN A OE1 
21  N NE2 . GLN A 15 ? 0.2556 0.3460 0.2598 -0.0131 -0.1001 0.0834  377 GLN A NE2 
22  N N   . GLU A 16 ? 0.2798 0.3056 0.2771 -0.0024 -0.0548 0.0662  378 GLU A N   
23  C CA  . GLU A 16 ? 0.2816 0.3021 0.2785 -0.0021 -0.0477 0.0607  378 GLU A CA  
24  C C   . GLU A 16 ? 0.2650 0.2984 0.2741 -0.0036 -0.0452 0.0583  378 GLU A C   
25  O O   . GLU A 16 ? 0.2459 0.2925 0.2682 -0.0015 -0.0467 0.0622  378 GLU A O   
26  C CB  . GLU A 16 ? 0.3170 0.3275 0.3127 0.0078  -0.0446 0.0610  378 GLU A CB  
27  C CG  . GLU A 16 ? 0.3788 0.3679 0.3602 0.0074  -0.0473 0.0625  378 GLU A CG  
28  C CD  . GLU A 16 ? 0.4132 0.3863 0.3908 0.0184  -0.0458 0.0604  378 GLU A CD  
29  O OE1 . GLU A 16 ? 0.4346 0.4184 0.4209 0.0280  -0.0415 0.0581  378 GLU A OE1 
30  O OE2 . GLU A 16 ? 0.4740 0.4241 0.4391 0.0165  -0.0485 0.0607  378 GLU A OE2 
31  N N   . PHE A 17 ? 0.2548 0.2851 0.2604 -0.0071 -0.0417 0.0532  379 PHE A N   
32  C CA  . PHE A 17 ? 0.2439 0.2800 0.2585 -0.0078 -0.0391 0.0526  379 PHE A CA  
33  C C   . PHE A 17 ? 0.2379 0.2698 0.2481 -0.0036 -0.0336 0.0508  379 PHE A C   
34  O O   . PHE A 17 ? 0.2540 0.2802 0.2554 -0.0054 -0.0334 0.0460  379 PHE A O   
35  C CB  . PHE A 17 ? 0.2524 0.2872 0.2662 -0.0143 -0.0423 0.0478  379 PHE A CB  
36  C CG  . PHE A 17 ? 0.2662 0.2984 0.2853 -0.0149 -0.0405 0.0474  379 PHE A CG  
37  C CD1 . PHE A 17 ? 0.2768 0.3145 0.3077 -0.0164 -0.0399 0.0540  379 PHE A CD1 
38  C CD2 . PHE A 17 ? 0.2776 0.3029 0.2905 -0.0144 -0.0401 0.0413  379 PHE A CD2 
39  C CE1 . PHE A 17 ? 0.2834 0.3149 0.3175 -0.0184 -0.0387 0.0561  379 PHE A CE1 
40  C CE2 . PHE A 17 ? 0.2849 0.3037 0.3017 -0.0135 -0.0398 0.0423  379 PHE A CE2 
41  C CZ  . PHE A 17 ? 0.2736 0.2932 0.2999 -0.0165 -0.0395 0.0503  379 PHE A CZ  
42  N N   . ASN A 18 ? 0.2536 0.2914 0.2693 0.0014  -0.0295 0.0546  380 ASN A N   
43  C CA  . ASN A 18 ? 0.2596 0.2958 0.2688 0.0060  -0.0247 0.0534  380 ASN A CA  
44  C C   . ASN A 18 ? 0.2541 0.2930 0.2675 0.0031  -0.0236 0.0567  380 ASN A C   
45  O O   . ASN A 18 ? 0.2516 0.2973 0.2764 -0.0004 -0.0234 0.0630  380 ASN A O   
46  C CB  . ASN A 18 ? 0.2713 0.3131 0.2805 0.0150  -0.0198 0.0553  380 ASN A CB  
47  C CG  . ASN A 18 ? 0.3115 0.3444 0.3154 0.0197  -0.0222 0.0522  380 ASN A CG  
48  O OD1 . ASN A 18 ? 0.3084 0.3267 0.3007 0.0177  -0.0247 0.0469  380 ASN A OD1 
49  N ND2 . ASN A 18 ? 0.3255 0.3672 0.3392 0.0250  -0.0223 0.0564  380 ASN A ND2 
50  N N   . PHE A 19 ? 0.2589 0.2934 0.2644 0.0046  -0.0233 0.0538  381 PHE A N   
51  C CA  . PHE A 19 ? 0.2604 0.2937 0.2677 0.0042  -0.0230 0.0584  381 PHE A CA  
52  C C   . PHE A 19 ? 0.2696 0.3044 0.2660 0.0099  -0.0212 0.0579  381 PHE A C   
53  O O   . PHE A 19 ? 0.2543 0.2894 0.2424 0.0119  -0.0219 0.0508  381 PHE A O   
54  C CB  . PHE A 19 ? 0.2567 0.2815 0.2663 0.0008  -0.0280 0.0544  381 PHE A CB  
55  C CG  . PHE A 19 ? 0.2732 0.2977 0.2763 0.0033  -0.0300 0.0461  381 PHE A CG  
56  C CD1 . PHE A 19 ? 0.2825 0.3076 0.2822 0.0086  -0.0307 0.0459  381 PHE A CD1 
57  C CD2 . PHE A 19 ? 0.2695 0.2957 0.2713 -0.0002 -0.0316 0.0397  381 PHE A CD2 
58  C CE1 . PHE A 19 ? 0.2816 0.3131 0.2790 0.0106  -0.0325 0.0387  381 PHE A CE1 
59  C CE2 . PHE A 19 ? 0.2761 0.3076 0.2743 0.0005  -0.0323 0.0333  381 PHE A CE2 
60  C CZ  . PHE A 19 ? 0.2946 0.3305 0.2923 0.0061  -0.0326 0.0323  381 PHE A CZ  
61  N N   . ILE A 20 ? 0.2881 0.3232 0.2837 0.0115  -0.0201 0.0655  382 ILE A N   
62  C CA  . ILE A 20 ? 0.2946 0.3326 0.2783 0.0175  -0.0203 0.0659  382 ILE A CA  
63  C C   . ILE A 20 ? 0.2995 0.3305 0.2840 0.0194  -0.0249 0.0689  382 ILE A C   
64  O O   . ILE A 20 ? 0.2897 0.3107 0.2817 0.0162  -0.0261 0.0745  382 ILE A O   
65  C CB  . ILE A 20 ? 0.3223 0.3694 0.2988 0.0209  -0.0141 0.0737  382 ILE A CB  
66  C CG1 . ILE A 20 ? 0.3460 0.3940 0.3311 0.0163  -0.0107 0.0873  382 ILE A CG1 
67  C CG2 . ILE A 20 ? 0.3323 0.3854 0.3043 0.0239  -0.0102 0.0668  382 ILE A CG2 
68  C CD1 . ILE A 20 ? 0.3729 0.4349 0.3504 0.0191  -0.0029 0.0973  382 ILE A CD1 
69  N N   . VAL A 21 ? 0.2993 0.3353 0.2760 0.0249  -0.0282 0.0654  383 VAL A N   
70  C CA  . VAL A 21 ? 0.3190 0.3515 0.2947 0.0313  -0.0330 0.0701  383 VAL A CA  
71  C C   . VAL A 21 ? 0.3142 0.3572 0.2765 0.0368  -0.0342 0.0736  383 VAL A C   
72  O O   . VAL A 21 ? 0.3041 0.3570 0.2588 0.0357  -0.0330 0.0668  383 VAL A O   
73  C CB  . VAL A 21 ? 0.3281 0.3622 0.3105 0.0342  -0.0378 0.0601  383 VAL A CB  
74  C CG1 . VAL A 21 ? 0.3303 0.3536 0.3219 0.0297  -0.0373 0.0560  383 VAL A CG1 
75  C CG2 . VAL A 21 ? 0.3413 0.3917 0.3215 0.0320  -0.0387 0.0501  383 VAL A CG2 
76  N N   . PRO A 22 ? 0.3309 0.3706 0.2889 0.0436  -0.0380 0.0832  384 PRO A N   
77  C CA  . PRO A 22 ? 0.3524 0.4047 0.2968 0.0502  -0.0417 0.0860  384 PRO A CA  
78  C C   . PRO A 22 ? 0.3313 0.3993 0.2772 0.0509  -0.0469 0.0719  384 PRO A C   
79  O O   . PRO A 22 ? 0.3081 0.3770 0.2675 0.0509  -0.0494 0.0645  384 PRO A O   
80  C CB  . PRO A 22 ? 0.3697 0.4118 0.3135 0.0586  -0.0472 0.0985  384 PRO A CB  
81  C CG  . PRO A 22 ? 0.3889 0.4091 0.3415 0.0529  -0.0435 0.1058  384 PRO A CG  
82  C CD  . PRO A 22 ? 0.3556 0.3764 0.3200 0.0452  -0.0401 0.0922  384 PRO A CD  
83  N N   . THR A 23 ? 0.3282 0.4091 0.2604 0.0511  -0.0489 0.0681  385 THR A N   
84  C CA  . THR A 23 ? 0.3254 0.4221 0.2583 0.0482  -0.0552 0.0549  385 THR A CA  
85  C C   . THR A 23 ? 0.3291 0.4381 0.2753 0.0540  -0.0626 0.0543  385 THR A C   
86  O O   . THR A 23 ? 0.3053 0.4245 0.2629 0.0487  -0.0641 0.0445  385 THR A O   
87  C CB  . THR A 23 ? 0.3499 0.4562 0.2625 0.0489  -0.0583 0.0524  385 THR A CB  
88  O OG1 . THR A 23 ? 0.4103 0.5056 0.3125 0.0464  -0.0496 0.0523  385 THR A OG1 
89  C CG2 . THR A 23 ? 0.3519 0.4726 0.2641 0.0429  -0.0664 0.0388  385 THR A CG2 
90  N N   . GLY A 24 ? 0.3548 0.4623 0.2995 0.0652  -0.0664 0.0654  386 GLY A N   
91  C CA  . GLY A 24 ? 0.3718 0.4924 0.3289 0.0758  -0.0741 0.0654  386 GLY A CA  
92  C C   . GLY A 24 ? 0.3593 0.4751 0.3347 0.0762  -0.0708 0.0589  386 GLY A C   
93  O O   . GLY A 24 ? 0.3771 0.5116 0.3652 0.0837  -0.0755 0.0539  386 GLY A O   
94  N N   . LYS A 25 ? 0.3565 0.4502 0.3336 0.0697  -0.0632 0.0589  387 LYS A N   
95  C CA  . LYS A 25 ? 0.3500 0.4379 0.3406 0.0704  -0.0604 0.0518  387 LYS A CA  
96  C C   . LYS A 25 ? 0.3218 0.4258 0.3185 0.0590  -0.0572 0.0401  387 LYS A C   
97  O O   . LYS A 25 ? 0.3105 0.4157 0.3168 0.0590  -0.0544 0.0334  387 LYS A O   
98  C CB  . LYS A 25 ? 0.4053 0.4630 0.3943 0.0678  -0.0561 0.0574  387 LYS A CB  
99  C CG  . LYS A 25 ? 0.4831 0.5211 0.4661 0.0768  -0.0596 0.0713  387 LYS A CG  
100 C CD  . LYS A 25 ? 0.5501 0.5574 0.5348 0.0732  -0.0574 0.0759  387 LYS A CD  
101 C CE  . LYS A 25 ? 0.6021 0.5859 0.5842 0.0845  -0.0634 0.0869  387 LYS A CE  
102 N NZ  . LYS A 25 ? 0.6353 0.6099 0.6260 0.0970  -0.0676 0.0765  387 LYS A NZ  
103 N N   . THR A 26 ? 0.3010 0.4152 0.2910 0.0494  -0.0577 0.0373  388 THR A N   
104 C CA  . THR A 26 ? 0.2878 0.4091 0.2819 0.0362  -0.0546 0.0285  388 THR A CA  
105 C C   . THR A 26 ? 0.2669 0.4151 0.2755 0.0369  -0.0565 0.0220  388 THR A C   
106 O O   . THR A 26 ? 0.2544 0.4050 0.2686 0.0291  -0.0519 0.0173  388 THR A O   
107 C CB  . THR A 26 ? 0.3033 0.4241 0.2858 0.0262  -0.0560 0.0257  388 THR A CB  
108 O OG1 . THR A 26 ? 0.3479 0.4886 0.3282 0.0289  -0.0638 0.0246  388 THR A OG1 
109 C CG2 . THR A 26 ? 0.3042 0.4035 0.2735 0.0269  -0.0519 0.0309  388 THR A CG2 
110 N N   . GLY A 27 ? 0.2600 0.4308 0.2743 0.0458  -0.0631 0.0225  389 GLY A N   
111 C CA  . GLY A 27 ? 0.2498 0.4537 0.2813 0.0500  -0.0648 0.0172  389 GLY A CA  
112 C C   . GLY A 27 ? 0.2453 0.4456 0.2854 0.0577  -0.0584 0.0137  389 GLY A C   
113 O O   . GLY A 27 ? 0.2466 0.4752 0.2993 0.0555  -0.0559 0.0078  389 GLY A O   
114 N N   . LEU A 28 ? 0.2485 0.4184 0.2822 0.0675  -0.0569 0.0174  390 LEU A N   
115 C CA  . LEU A 28 ? 0.2668 0.4282 0.3057 0.0781  -0.0530 0.0123  390 LEU A CA  
116 C C   . LEU A 28 ? 0.2626 0.4199 0.2992 0.0637  -0.0458 0.0070  390 LEU A C   
117 O O   . LEU A 28 ? 0.2731 0.4415 0.3152 0.0676  -0.0416 -0.0006 390 LEU A O   
118 C CB  . LEU A 28 ? 0.2792 0.4034 0.3103 0.0891  -0.0556 0.0186  390 LEU A CB  
119 C CG  . LEU A 28 ? 0.3083 0.4318 0.3398 0.1064  -0.0633 0.0260  390 LEU A CG  
120 C CD1 . LEU A 28 ? 0.3252 0.4076 0.3457 0.1098  -0.0655 0.0365  390 LEU A CD1 
121 C CD2 . LEU A 28 ? 0.3340 0.4765 0.3786 0.1258  -0.0653 0.0185  390 LEU A CD2 
122 N N   . ILE A 29 ? 0.2595 0.4056 0.2876 0.0479  -0.0446 0.0107  391 ILE A N   
123 C CA  . ILE A 29 ? 0.2552 0.3954 0.2797 0.0342  -0.0391 0.0081  391 ILE A CA  
124 C C   . ILE A 29 ? 0.2643 0.4342 0.2946 0.0225  -0.0377 0.0052  391 ILE A C   
125 O O   . ILE A 29 ? 0.2471 0.4281 0.2795 0.0172  -0.0324 0.0014  391 ILE A O   
126 C CB  . ILE A 29 ? 0.2512 0.3640 0.2648 0.0257  -0.0389 0.0140  391 ILE A CB  
127 C CG1 . ILE A 29 ? 0.2640 0.3513 0.2742 0.0337  -0.0398 0.0184  391 ILE A CG1 
128 C CG2 . ILE A 29 ? 0.2537 0.3626 0.2636 0.0125  -0.0351 0.0126  391 ILE A CG2 
129 C CD1 . ILE A 29 ? 0.2672 0.3360 0.2698 0.0275  -0.0390 0.0257  391 ILE A CD1 
130 N N   . ILE A 30 ? 0.2668 0.4508 0.2992 0.0177  -0.0426 0.0068  392 ILE A N   
131 C CA  . ILE A 30 ? 0.2889 0.4984 0.3272 0.0018  -0.0430 0.0051  392 ILE A CA  
132 C C   . ILE A 30 ? 0.2860 0.5360 0.3411 0.0071  -0.0408 0.0011  392 ILE A C   
133 O O   . ILE A 30 ? 0.2900 0.5581 0.3495 -0.0046 -0.0354 0.0000  392 ILE A O   
134 C CB  . ILE A 30 ? 0.3167 0.5276 0.3511 -0.0051 -0.0506 0.0061  392 ILE A CB  
135 C CG1 . ILE A 30 ? 0.3512 0.5254 0.3684 -0.0080 -0.0513 0.0086  392 ILE A CG1 
136 C CG2 . ILE A 30 ? 0.3210 0.5574 0.3630 -0.0233 -0.0526 0.0040  392 ILE A CG2 
137 C CD1 . ILE A 30 ? 0.3877 0.5411 0.3987 -0.0172 -0.0461 0.0097  392 ILE A CD1 
138 N N   . GLY A 31 ? 0.2940 0.5586 0.3575 0.0251  -0.0446 -0.0002 393 GLY A N   
139 C CA  . GLY A 31 ? 0.3134 0.6195 0.3948 0.0363  -0.0428 -0.0047 393 GLY A CA  
140 C C   . GLY A 31 ? 0.3474 0.6928 0.4423 0.0280  -0.0491 -0.0039 393 GLY A C   
141 O O   . GLY A 31 ? 0.3544 0.6928 0.4429 0.0084  -0.0530 -0.0016 393 GLY A O   
142 N N   . LYS A 32 ? 0.3999 0.7848 0.5127 0.0427  -0.0514 -0.0062 394 LYS A N   
143 C CA  . LYS A 32 ? 0.4322 0.8655 0.5626 0.0317  -0.0572 -0.0060 394 LYS A CA  
144 C C   . LYS A 32 ? 0.4393 0.8915 0.5751 0.0066  -0.0493 -0.0064 394 LYS A C   
145 O O   . LYS A 32 ? 0.5100 0.9622 0.6447 0.0100  -0.0381 -0.0085 394 LYS A O   
146 C CB  . LYS A 32 ? 0.4681 0.9442 0.6194 0.0558  -0.0606 -0.0083 394 LYS A CB  
147 C CG  . LYS A 32 ? 0.4656 0.9683 0.6302 0.0702  -0.0495 -0.0143 394 LYS A CG  
148 C CD  . LYS A 32 ? 0.4576 0.9962 0.6414 0.1000  -0.0528 -0.0175 394 LYS A CD  
149 C CE  . LYS A 32 ? 0.4854 1.0421 0.6768 0.1165  -0.0403 -0.0261 394 LYS A CE  
150 N NZ  . LYS A 32 ? 0.5168 1.1325 0.7354 0.1393  -0.0411 -0.0302 394 LYS A NZ  
151 N N   . GLY A 33 ? 0.4232 0.8756 0.5566 -0.0187 -0.0549 -0.0037 395 GLY A N   
152 C CA  . GLY A 33 ? 0.4257 0.8909 0.5625 -0.0462 -0.0494 -0.0012 395 GLY A CA  
153 C C   . GLY A 33 ? 0.4286 0.8410 0.5420 -0.0590 -0.0454 0.0018  395 GLY A C   
154 O O   . GLY A 33 ? 0.4891 0.9026 0.6016 -0.0839 -0.0441 0.0057  395 GLY A O   
155 N N   . GLY A 34 ? 0.3799 0.7486 0.4759 -0.0437 -0.0440 0.0011  396 GLY A N   
156 C CA  . GLY A 34 ? 0.3774 0.7022 0.4543 -0.0513 -0.0391 0.0039  396 GLY A CA  
157 C C   . GLY A 34 ? 0.3520 0.6872 0.4299 -0.0478 -0.0280 0.0041  396 GLY A C   
158 O O   . GLY A 34 ? 0.3814 0.6886 0.4448 -0.0570 -0.0240 0.0078  396 GLY A O   
159 N N   . GLU A 35 ? 0.3355 0.7081 0.4280 -0.0326 -0.0235 -0.0005 397 GLU A N   
160 C CA  . GLU A 35 ? 0.3659 0.7575 0.4595 -0.0264 -0.0122 -0.0032 397 GLU A CA  
161 C C   . GLU A 35 ? 0.3281 0.6762 0.4036 -0.0122 -0.0103 -0.0065 397 GLU A C   
162 O O   . GLU A 35 ? 0.3417 0.6874 0.4076 -0.0154 -0.0027 -0.0070 397 GLU A O   
163 C CB  . GLU A 35 ? 0.4168 0.8601 0.5316 -0.0090 -0.0089 -0.0095 397 GLU A CB  
164 C CG  . GLU A 35 ? 0.4892 0.9154 0.6040 0.0200  -0.0139 -0.0158 397 GLU A CG  
165 C CD  . GLU A 35 ? 0.5557 1.0265 0.6925 0.0400  -0.0161 -0.0203 397 GLU A CD  
166 O OE1 . GLU A 35 ? 0.5598 1.0829 0.7134 0.0410  -0.0084 -0.0233 397 GLU A OE1 
167 O OE2 . GLU A 35 ? 0.6123 1.0663 0.7493 0.0563  -0.0253 -0.0203 397 GLU A OE2 
168 N N   . THR A 36 ? 0.2959 0.6139 0.3668 0.0025  -0.0170 -0.0083 398 THR A N   
169 C CA  . THR A 36 ? 0.2901 0.5711 0.3478 0.0163  -0.0162 -0.0117 398 THR A CA  
170 C C   . THR A 36 ? 0.2696 0.5155 0.3112 0.0012  -0.0163 -0.0062 398 THR A C   
171 O O   . THR A 36 ? 0.2871 0.5203 0.3186 0.0028  -0.0123 -0.0086 398 THR A O   
172 C CB  . THR A 36 ? 0.2897 0.5508 0.3485 0.0348  -0.0232 -0.0128 398 THR A CB  
173 O OG1 . THR A 36 ? 0.2982 0.5931 0.3726 0.0506  -0.0240 -0.0172 398 THR A OG1 
174 C CG2 . THR A 36 ? 0.2998 0.5248 0.3476 0.0462  -0.0229 -0.0162 398 THR A CG2 
175 N N   . ILE A 37 ? 0.2548 0.4846 0.2927 -0.0113 -0.0213 0.0001  399 ILE A N   
176 C CA  . ILE A 37 ? 0.2542 0.4509 0.2779 -0.0227 -0.0219 0.0055  399 ILE A CA  
177 C C   . ILE A 37 ? 0.2764 0.4847 0.2957 -0.0373 -0.0164 0.0087  399 ILE A C   
178 O O   . ILE A 37 ? 0.2743 0.4623 0.2816 -0.0388 -0.0148 0.0108  399 ILE A O   
179 C CB  . ILE A 37 ? 0.2533 0.4304 0.2728 -0.0300 -0.0283 0.0095  399 ILE A CB  
180 C CG1 . ILE A 37 ? 0.2525 0.3952 0.2587 -0.0355 -0.0287 0.0140  399 ILE A CG1 
181 C CG2 . ILE A 37 ? 0.2682 0.4672 0.2944 -0.0447 -0.0308 0.0105  399 ILE A CG2 
182 C CD1 . ILE A 37 ? 0.2569 0.3769 0.2567 -0.0370 -0.0338 0.0156  399 ILE A CD1 
183 N N   . LYS A 38 ? 0.2995 0.5406 0.3280 -0.0486 -0.0139 0.0103  400 LYS A N   
184 C CA  . LYS A 38 ? 0.3379 0.5954 0.3623 -0.0637 -0.0074 0.0157  400 LYS A CA  
185 C C   . LYS A 38 ? 0.3163 0.5850 0.3351 -0.0519 0.0001  0.0104  400 LYS A C   
186 O O   . LYS A 38 ? 0.3300 0.5873 0.3344 -0.0595 0.0028  0.0153  400 LYS A O   
187 C CB  . LYS A 38 ? 0.3954 0.6952 0.4345 -0.0773 -0.0049 0.0182  400 LYS A CB  
188 C CG  . LYS A 38 ? 0.4737 0.7601 0.5111 -0.1007 -0.0106 0.0265  400 LYS A CG  
189 C CD  . LYS A 38 ? 0.5303 0.8604 0.5815 -0.1207 -0.0070 0.0319  400 LYS A CD  
190 C CE  . LYS A 38 ? 0.5817 0.8895 0.6266 -0.1477 -0.0128 0.0415  400 LYS A CE  
191 N NZ  . LYS A 38 ? 0.6401 0.9880 0.7042 -0.1666 -0.0147 0.0436  400 LYS A NZ  
192 N N   . SER A 39 ? 0.2836 0.5733 0.3119 -0.0334 0.0024  0.0006  401 SER A N   
193 C CA  . SER A 39 ? 0.2991 0.5971 0.3202 -0.0193 0.0088  -0.0082 401 SER A CA  
194 C C   . SER A 39 ? 0.2971 0.5511 0.3013 -0.0142 0.0045  -0.0100 401 SER A C   
195 O O   . SER A 39 ? 0.2948 0.5495 0.2852 -0.0150 0.0086  -0.0123 401 SER A O   
196 C CB  . SER A 39 ? 0.2895 0.6116 0.3240 0.0022  0.0107  -0.0192 401 SER A CB  
197 O OG  . SER A 39 ? 0.3042 0.6241 0.3282 0.0175  0.0152  -0.0304 401 SER A OG  
198 N N   . ILE A 40 ? 0.2820 0.5026 0.2869 -0.0100 -0.0033 -0.0086 402 ILE A N   
199 C CA  . ILE A 40 ? 0.2876 0.4708 0.2802 -0.0072 -0.0080 -0.0089 402 ILE A CA  
200 C C   . ILE A 40 ? 0.2907 0.4622 0.2716 -0.0235 -0.0085 0.0007  402 ILE A C   
201 O O   . ILE A 40 ? 0.2903 0.4504 0.2590 -0.0231 -0.0093 -0.0008 402 ILE A O   
202 C CB  . ILE A 40 ? 0.2698 0.4266 0.2677 0.0002  -0.0148 -0.0079 402 ILE A CB  
203 C CG1 . ILE A 40 ? 0.2753 0.4377 0.2816 0.0185  -0.0154 -0.0164 402 ILE A CG1 
204 C CG2 . ILE A 40 ? 0.2792 0.4039 0.2681 -0.0019 -0.0191 -0.0053 402 ILE A CG2 
205 C CD1 . ILE A 40 ? 0.2657 0.4046 0.2763 0.0252  -0.0220 -0.0125 402 ILE A CD1 
206 N N   . SER A 41 ? 0.3028 0.4762 0.2863 -0.0371 -0.0092 0.0099  403 SER A N   
207 C CA  . SER A 41 ? 0.3168 0.4760 0.2889 -0.0517 -0.0105 0.0206  403 SER A CA  
208 C C   . SER A 41 ? 0.3442 0.5246 0.3058 -0.0578 -0.0042 0.0224  403 SER A C   
209 O O   . SER A 41 ? 0.3371 0.5026 0.2843 -0.0596 -0.0063 0.0262  403 SER A O   
210 C CB  . SER A 41 ? 0.3295 0.4822 0.3051 -0.0649 -0.0132 0.0285  403 SER A CB  
211 O OG  . SER A 41 ? 0.3572 0.4934 0.3201 -0.0784 -0.0146 0.0397  403 SER A OG  
212 N N   . GLN A 42 ? 0.3694 0.5862 0.3376 -0.0597 0.0031  0.0197  404 GLN A N   
213 C CA  . GLN A 42 ? 0.4062 0.6508 0.3639 -0.0650 0.0114  0.0212  404 GLN A CA  
214 C C   . GLN A 42 ? 0.4062 0.6460 0.3505 -0.0506 0.0119  0.0104  404 GLN A C   
215 O O   . GLN A 42 ? 0.4142 0.6524 0.3399 -0.0572 0.0129  0.0157  404 GLN A O   
216 C CB  . GLN A 42 ? 0.4729 0.7640 0.4445 -0.0661 0.0200  0.0182  404 GLN A CB  
217 C CG  . GLN A 42 ? 0.5330 0.8377 0.5119 -0.0888 0.0211  0.0319  404 GLN A CG  
218 C CD  . GLN A 42 ? 0.6020 0.9617 0.5962 -0.0914 0.0305  0.0298  404 GLN A CD  
219 O OE1 . GLN A 42 ? 0.8012 1.1922 0.7884 -0.0979 0.0403  0.0337  404 GLN A OE1 
220 N NE2 . GLN A 42 ? 0.6449 1.0208 0.6602 -0.0843 0.0281  0.0233  404 GLN A NE2 
221 N N   . GLN A 43 ? 0.3803 0.6174 0.3316 -0.0323 0.0107  -0.0040 405 GLN A N   
222 C CA  . GLN A 43 ? 0.3929 0.6236 0.3311 -0.0188 0.0104  -0.0173 405 GLN A CA  
223 C C   . GLN A 43 ? 0.3799 0.5746 0.3059 -0.0230 0.0011  -0.0132 405 GLN A C   
224 O O   . GLN A 43 ? 0.3581 0.5514 0.2674 -0.0204 0.0003  -0.0195 405 GLN A O   
225 C CB  . GLN A 43 ? 0.4242 0.6490 0.3727 0.0012  0.0087  -0.0322 405 GLN A CB  
226 C CG  . GLN A 43 ? 0.4525 0.7157 0.4136 0.0124  0.0170  -0.0402 405 GLN A CG  
227 C CD  . GLN A 43 ? 0.4847 0.7306 0.4558 0.0326  0.0121  -0.0515 405 GLN A CD  
228 O OE1 . GLN A 43 ? 0.5200 0.7449 0.4808 0.0453  0.0091  -0.0641 405 GLN A OE1 
229 N NE2 . GLN A 43 ? 0.4648 0.7126 0.4540 0.0339  0.0091  -0.0458 405 GLN A NE2 
230 N N   . SER A 44 ? 0.3401 0.5081 0.2752 -0.0266 -0.0061 -0.0055 406 SER A N   
231 C CA  . SER A 44 ? 0.3355 0.4734 0.2648 -0.0282 -0.0151 -0.0022 406 SER A CA  
232 C C   . SER A 44 ? 0.3344 0.4695 0.2517 -0.0411 -0.0170 0.0116  406 SER A C   
233 O O   . SER A 44 ? 0.3228 0.4442 0.2303 -0.0413 -0.0239 0.0127  406 SER A O   
234 C CB  . SER A 44 ? 0.3196 0.4358 0.2637 -0.0250 -0.0204 0.0003  406 SER A CB  
235 O OG  . SER A 44 ? 0.2967 0.4115 0.2471 -0.0331 -0.0197 0.0112  406 SER A OG  
236 N N   . GLY A 45 ? 0.3286 0.4735 0.2470 -0.0518 -0.0128 0.0224  407 GLY A N   
237 C CA  . GLY A 45 ? 0.3357 0.4697 0.2441 -0.0642 -0.0158 0.0384  407 GLY A CA  
238 C C   . GLY A 45 ? 0.3289 0.4338 0.2461 -0.0642 -0.0228 0.0450  407 GLY A C   
239 O O   . GLY A 45 ? 0.3629 0.4528 0.2724 -0.0709 -0.0268 0.0573  407 GLY A O   
240 N N   . ALA A 46 ? 0.3148 0.4117 0.2462 -0.0556 -0.0243 0.0376  408 ALA A N   
241 C CA  . ALA A 46 ? 0.2987 0.3718 0.2376 -0.0534 -0.0296 0.0420  408 ALA A CA  
242 C C   . ALA A 46 ? 0.3051 0.3772 0.2513 -0.0583 -0.0275 0.0435  408 ALA A C   
243 O O   . ALA A 46 ? 0.3040 0.3968 0.2561 -0.0598 -0.0227 0.0382  408 ALA A O   
244 C CB  . ALA A 46 ? 0.3004 0.3672 0.2485 -0.0424 -0.0323 0.0341  408 ALA A CB  
245 N N   . ARG A 47 ? 0.2973 0.3473 0.2445 -0.0585 -0.0316 0.0485  409 ARG A N   
246 C CA  . ARG A 47 ? 0.2898 0.3340 0.2427 -0.0611 -0.0317 0.0469  409 ARG A CA  
247 C C   . ARG A 47 ? 0.2740 0.3174 0.2365 -0.0489 -0.0321 0.0392  409 ARG A C   
248 O O   . ARG A 47 ? 0.2598 0.2965 0.2242 -0.0405 -0.0336 0.0390  409 ARG A O   
249 C CB  . ARG A 47 ? 0.3094 0.3267 0.2548 -0.0665 -0.0362 0.0542  409 ARG A CB  
250 C CG  . ARG A 47 ? 0.3297 0.3452 0.2681 -0.0835 -0.0362 0.0616  409 ARG A CG  
251 C CD  . ARG A 47 ? 0.3561 0.3842 0.2859 -0.0912 -0.0336 0.0699  409 ARG A CD  
252 N NE  . ARG A 47 ? 0.3655 0.3785 0.2877 -0.0825 -0.0376 0.0751  409 ARG A NE  
253 C CZ  . ARG A 47 ? 0.3520 0.3794 0.2686 -0.0800 -0.0366 0.0763  409 ARG A CZ  
254 N NH1 . ARG A 47 ? 0.3654 0.4203 0.2798 -0.0862 -0.0304 0.0741  409 ARG A NH1 
255 N NH2 . ARG A 47 ? 0.3447 0.3610 0.2574 -0.0718 -0.0418 0.0797  409 ARG A NH2 
256 N N   . ILE A 48 ? 0.2695 0.3223 0.2380 -0.0494 -0.0311 0.0345  410 ILE A N   
257 C CA  . ILE A 48 ? 0.2677 0.3200 0.2429 -0.0387 -0.0318 0.0294  410 ILE A CA  
258 C C   . ILE A 48 ? 0.2478 0.2918 0.2207 -0.0419 -0.0344 0.0284  410 ILE A C   
259 O O   . ILE A 48 ? 0.2570 0.3140 0.2323 -0.0500 -0.0351 0.0263  410 ILE A O   
260 C CB  . ILE A 48 ? 0.2987 0.3722 0.2818 -0.0331 -0.0294 0.0238  410 ILE A CB  
261 C CG1 . ILE A 48 ? 0.3380 0.4172 0.3195 -0.0309 -0.0273 0.0223  410 ILE A CG1 
262 C CG2 . ILE A 48 ? 0.2907 0.3596 0.2784 -0.0219 -0.0307 0.0218  410 ILE A CG2 
263 C CD1 . ILE A 48 ? 0.3816 0.4815 0.3685 -0.0250 -0.0245 0.0154  410 ILE A CD1 
264 N N   . GLU A 49 ? 0.2606 0.2852 0.2290 -0.0360 -0.0360 0.0292  411 GLU A N   
265 C CA  . GLU A 49 ? 0.3020 0.3120 0.2635 -0.0369 -0.0388 0.0264  411 GLU A CA  
266 C C   . GLU A 49 ? 0.2949 0.3115 0.2579 -0.0269 -0.0383 0.0223  411 GLU A C   
267 O O   . GLU A 49 ? 0.2898 0.3057 0.2553 -0.0173 -0.0356 0.0246  411 GLU A O   
268 C CB  . GLU A 49 ? 0.3380 0.3232 0.2920 -0.0338 -0.0402 0.0295  411 GLU A CB  
269 C CG  . GLU A 49 ? 0.3866 0.3508 0.3303 -0.0332 -0.0436 0.0244  411 GLU A CG  
270 C CD  . GLU A 49 ? 0.4602 0.3998 0.3973 -0.0252 -0.0446 0.0268  411 GLU A CD  
271 O OE1 . GLU A 49 ? 0.4734 0.3978 0.4064 -0.0314 -0.0475 0.0327  411 GLU A OE1 
272 O OE2 . GLU A 49 ? 0.5969 0.5352 0.5337 -0.0117 -0.0422 0.0241  411 GLU A OE2 
273 N N   . LEU A 50 ? 0.3084 0.3309 0.2688 -0.0303 -0.0414 0.0172  412 LEU A N   
274 C CA  . LEU A 50 ? 0.3420 0.3680 0.2981 -0.0214 -0.0422 0.0139  412 LEU A CA  
275 C C   . LEU A 50 ? 0.3713 0.3757 0.3136 -0.0190 -0.0437 0.0092  412 LEU A C   
276 O O   . LEU A 50 ? 0.3878 0.3787 0.3237 -0.0284 -0.0482 0.0051  412 LEU A O   
277 C CB  . LEU A 50 ? 0.3502 0.3976 0.3108 -0.0258 -0.0463 0.0105  412 LEU A CB  
278 C CG  . LEU A 50 ? 0.3928 0.4468 0.3464 -0.0183 -0.0492 0.0076  412 LEU A CG  
279 C CD1 . LEU A 50 ? 0.3879 0.4413 0.3410 -0.0048 -0.0445 0.0134  412 LEU A CD1 
280 C CD2 . LEU A 50 ? 0.4127 0.4926 0.3742 -0.0217 -0.0543 0.0056  412 LEU A CD2 
281 N N   . GLN A 51 ? 0.4151 0.4158 0.3528 -0.0067 -0.0399 0.0100  413 GLN A N   
282 C CA  . GLN A 51 ? 0.4381 0.4208 0.3616 0.0000  -0.0399 0.0037  413 GLN A CA  
283 C C   . GLN A 51 ? 0.4865 0.4649 0.3969 -0.0058 -0.0466 -0.0064 413 GLN A C   
284 O O   . GLN A 51 ? 0.4232 0.4201 0.3338 -0.0058 -0.0485 -0.0070 413 GLN A O   
285 C CB  . GLN A 51 ? 0.4410 0.4316 0.3636 0.0138  -0.0331 0.0070  413 GLN A CB  
286 C CG  . GLN A 51 ? 0.4696 0.4468 0.3767 0.0242  -0.0313 -0.0009 413 GLN A CG  
287 C CD  . GLN A 51 ? 0.4539 0.4461 0.3625 0.0371  -0.0225 0.0044  413 GLN A CD  
288 O OE1 . GLN A 51 ? 0.4263 0.4366 0.3358 0.0382  -0.0197 0.0099  413 GLN A OE1 
289 N NE2 . GLN A 51 ? 0.4401 0.4263 0.3503 0.0468  -0.0180 0.0042  413 GLN A NE2 
290 N N   . ARG A 52 ? 0.5631 0.5161 0.4624 -0.0107 -0.0514 -0.0140 414 ARG A N   
291 C CA  . ARG A 52 ? 0.6090 0.5536 0.4964 -0.0213 -0.0604 -0.0248 414 ARG A CA  
292 C C   . ARG A 52 ? 0.6437 0.5810 0.5112 -0.0090 -0.0608 -0.0357 414 ARG A C   
293 O O   . ARG A 52 ? 0.6957 0.6448 0.5551 -0.0127 -0.0665 -0.0423 414 ARG A O   
294 C CB  . ARG A 52 ? 0.6385 0.5536 0.5225 -0.0345 -0.0661 -0.0267 414 ARG A CB  
295 N N   . ASN A 53 ? 0.6267 0.5484 0.4864 0.0058  -0.0549 -0.0377 415 ASN A N   
296 C CA  . ASN A 53 ? 0.6972 0.6106 0.5349 0.0192  -0.0541 -0.0504 415 ASN A CA  
297 C C   . ASN A 53 ? 0.6552 0.5860 0.4964 0.0375  -0.0418 -0.0435 415 ASN A C   
298 O O   . ASN A 53 ? 0.6816 0.5992 0.5217 0.0497  -0.0367 -0.0448 415 ASN A O   
299 C CB  . ASN A 53 ? 0.7685 0.6409 0.5891 0.0208  -0.0596 -0.0640 415 ASN A CB  
300 C CG  . ASN A 53 ? 0.7964 0.6478 0.6140 -0.0009 -0.0722 -0.0695 415 ASN A CG  
301 O OD1 . ASN A 53 ? 0.8193 0.6767 0.6274 -0.0104 -0.0802 -0.0784 415 ASN A OD1 
302 N ND2 . ASN A 53 ? 0.8308 0.6575 0.6553 -0.0091 -0.0747 -0.0640 415 ASN A ND2 
303 N N   . PRO A 54 ? 0.5927 0.5540 0.4390 0.0396  -0.0373 -0.0349 416 PRO A N   
304 C CA  . PRO A 54 ? 0.5729 0.5533 0.4243 0.0531  -0.0257 -0.0258 416 PRO A CA  
305 C C   . PRO A 54 ? 0.5825 0.5591 0.4134 0.0698  -0.0198 -0.0365 416 PRO A C   
306 O O   . PRO A 54 ? 0.6060 0.5709 0.4139 0.0712  -0.0252 -0.0511 416 PRO A O   
307 C CB  . PRO A 54 ? 0.5450 0.5518 0.4014 0.0491  -0.0251 -0.0150 416 PRO A CB  
308 C CG  . PRO A 54 ? 0.5859 0.5903 0.4324 0.0390  -0.0364 -0.0234 416 PRO A CG  
309 C CD  . PRO A 54 ? 0.5842 0.5627 0.4315 0.0292  -0.0438 -0.0329 416 PRO A CD  
310 N N   . PRO A 55 ? 0.5687 0.5557 0.4071 0.0832  -0.0089 -0.0310 417 PRO A N   
311 C CA  . PRO A 55 ? 0.5800 0.5713 0.3999 0.1016  -0.0010 -0.0410 417 PRO A CA  
312 C C   . PRO A 55 ? 0.5665 0.5835 0.3705 0.1043  0.0038  -0.0386 417 PRO A C   
313 O O   . PRO A 55 ? 0.5435 0.5783 0.3565 0.0943  0.0030  -0.0248 417 PRO A O   
314 C CB  . PRO A 55 ? 0.5677 0.5734 0.4077 0.1130  0.0097  -0.0315 417 PRO A CB  
315 C CG  . PRO A 55 ? 0.5482 0.5676 0.4148 0.0983  0.0087  -0.0131 417 PRO A CG  
316 C CD  . PRO A 55 ? 0.5332 0.5318 0.3983 0.0817  -0.0038 -0.0160 417 PRO A CD  
317 N N   . PRO A 56 ? 0.5779 0.5961 0.3554 0.1189  0.0081  -0.0524 418 PRO A N   
318 C CA  . PRO A 56 ? 0.5880 0.6303 0.3446 0.1220  0.0120  -0.0507 418 PRO A CA  
319 C C   . PRO A 56 ? 0.5621 0.6422 0.3322 0.1228  0.0247  -0.0281 418 PRO A C   
320 O O   . PRO A 56 ? 0.5498 0.6475 0.3046 0.1210  0.0254  -0.0218 418 PRO A O   
321 C CB  . PRO A 56 ? 0.6232 0.6602 0.3493 0.1408  0.0168  -0.0712 418 PRO A CB  
322 C CG  . PRO A 56 ? 0.6494 0.6529 0.3805 0.1485  0.0139  -0.0852 418 PRO A CG  
323 C CD  . PRO A 56 ? 0.6157 0.6081 0.3791 0.1333  0.0080  -0.0716 418 PRO A CD  
324 N N   . ASN A 57 ? 0.5340 0.6260 0.3308 0.1248  0.0336  -0.0158 419 ASN A N   
325 C CA  . ASN A 57 ? 0.5217 0.6470 0.3344 0.1211  0.0444  0.0071  419 ASN A CA  
326 C C   . ASN A 57 ? 0.5025 0.6220 0.3378 0.1029  0.0363  0.0225  419 ASN A C   
327 O O   . ASN A 57 ? 0.5031 0.6428 0.3513 0.0971  0.0425  0.0417  419 ASN A O   
328 C CB  . ASN A 57 ? 0.5158 0.6639 0.3458 0.1322  0.0582  0.0122  419 ASN A CB  
329 C CG  . ASN A 57 ? 0.5173 0.6500 0.3731 0.1312  0.0539  0.0105  419 ASN A CG  
330 O OD1 . ASN A 57 ? 0.5282 0.6279 0.3806 0.1295  0.0428  -0.0022 419 ASN A OD1 
331 N ND2 . ASN A 57 ? 0.4864 0.6446 0.3684 0.1313  0.0624  0.0244  419 ASN A ND2 
332 N N   . ALA A 58 ? 0.4914 0.5847 0.3298 0.0940  0.0231  0.0146  420 ALA A N   
333 C CA  . ALA A 58 ? 0.4747 0.5629 0.3312 0.0793  0.0153  0.0260  420 ALA A CA  
334 C C   . ALA A 58 ? 0.4701 0.5679 0.3142 0.0753  0.0117  0.0345  420 ALA A C   
335 O O   . ALA A 58 ? 0.4977 0.5966 0.3165 0.0800  0.0083  0.0253  420 ALA A O   
336 C CB  . ALA A 58 ? 0.4740 0.5373 0.3359 0.0723  0.0042  0.0149  420 ALA A CB  
337 N N   . ASP A 59 ? 0.4488 0.5525 0.3085 0.0678  0.0118  0.0517  421 ASP A N   
338 C CA  . ASP A 59 ? 0.4526 0.5614 0.3036 0.0649  0.0066  0.0625  421 ASP A CA  
339 C C   . ASP A 59 ? 0.4564 0.5532 0.3046 0.0611  -0.0072 0.0514  421 ASP A C   
340 O O   . ASP A 59 ? 0.4538 0.5391 0.3202 0.0546  -0.0123 0.0478  421 ASP A O   
341 C CB  . ASP A 59 ? 0.4354 0.5450 0.3063 0.0578  0.0084  0.0818  421 ASP A CB  
342 C CG  . ASP A 59 ? 0.4528 0.5655 0.3143 0.0572  0.0045  0.0966  421 ASP A CG  
343 O OD1 . ASP A 59 ? 0.4454 0.5612 0.2873 0.0619  -0.0022 0.0913  421 ASP A OD1 
344 O OD2 . ASP A 59 ? 0.4560 0.5683 0.3283 0.0522  0.0081  0.1139  421 ASP A OD2 
345 N N   . PRO A 60 ? 0.4852 0.5880 0.3112 0.0645  -0.0136 0.0457  422 PRO A N   
346 C CA  . PRO A 60 ? 0.4886 0.5876 0.3149 0.0596  -0.0273 0.0375  422 PRO A CA  
347 C C   . PRO A 60 ? 0.4814 0.5834 0.3237 0.0568  -0.0334 0.0507  422 PRO A C   
348 O O   . PRO A 60 ? 0.5315 0.6337 0.3816 0.0528  -0.0433 0.0441  422 PRO A O   
349 C CB  . PRO A 60 ? 0.5304 0.6398 0.3272 0.0647  -0.0328 0.0307  422 PRO A CB  
350 C CG  . PRO A 60 ? 0.5528 0.6669 0.3312 0.0732  -0.0206 0.0293  422 PRO A CG  
351 C CD  . PRO A 60 ? 0.5238 0.6399 0.3221 0.0731  -0.0082 0.0454  422 PRO A CD  
352 N N   . ASN A 61 ? 0.4634 0.5672 0.3107 0.0588  -0.0274 0.0689  423 ASN A N   
353 C CA  . ASN A 61 ? 0.4691 0.5685 0.3316 0.0581  -0.0325 0.0818  423 ASN A CA  
354 C C   . ASN A 61 ? 0.4452 0.5313 0.3335 0.0520  -0.0305 0.0803  423 ASN A C   
355 O O   . ASN A 61 ? 0.4242 0.5036 0.3247 0.0525  -0.0347 0.0878  423 ASN A O   
356 C CB  . ASN A 61 ? 0.5024 0.6042 0.3559 0.0616  -0.0283 0.1027  423 ASN A CB  
357 C CG  . ASN A 61 ? 0.5661 0.6824 0.3923 0.0684  -0.0322 0.1056  423 ASN A CG  
358 O OD1 . ASN A 61 ? 0.5888 0.7125 0.4075 0.0706  -0.0423 0.0937  423 ASN A OD1 
359 N ND2 . ASN A 61 ? 0.5873 0.7111 0.3974 0.0705  -0.0238 0.1202  423 ASN A ND2 
360 N N   . MET A 62 ? 0.4278 0.5093 0.3228 0.0477  -0.0251 0.0710  424 MET A N   
361 C CA  . MET A 62 ? 0.4032 0.4740 0.3197 0.0419  -0.0235 0.0700  424 MET A CA  
362 C C   . MET A 62 ? 0.3836 0.4507 0.3033 0.0378  -0.0264 0.0540  424 MET A C   
363 O O   . MET A 62 ? 0.3937 0.4623 0.2996 0.0391  -0.0268 0.0443  424 MET A O   
364 C CB  . MET A 62 ? 0.4329 0.5027 0.3566 0.0395  -0.0139 0.0788  424 MET A CB  
365 C CG  . MET A 62 ? 0.4726 0.5438 0.3953 0.0394  -0.0107 0.0975  424 MET A CG  
366 S SD  . MET A 62 ? 0.5190 0.5723 0.4564 0.0364  -0.0183 0.1052  424 MET A SD  
367 C CE  . MET A 62 ? 0.5572 0.6084 0.4848 0.0369  -0.0161 0.1281  424 MET A CE  
368 N N   . LYS A 63 ? 0.3420 0.4036 0.2770 0.0329  -0.0291 0.0511  425 LYS A N   
369 C CA  . LYS A 63 ? 0.3413 0.3985 0.2790 0.0271  -0.0314 0.0392  425 LYS A CA  
370 C C   . LYS A 63 ? 0.3100 0.3587 0.2603 0.0234  -0.0272 0.0409  425 LYS A C   
371 O O   . LYS A 63 ? 0.2847 0.3322 0.2459 0.0224  -0.0272 0.0464  425 LYS A O   
372 C CB  . LYS A 63 ? 0.3590 0.4239 0.3016 0.0235  -0.0389 0.0335  425 LYS A CB  
373 C CG  . LYS A 63 ? 0.4025 0.4789 0.3331 0.0254  -0.0454 0.0295  425 LYS A CG  
374 C CD  . LYS A 63 ? 0.4486 0.5194 0.3628 0.0231  -0.0463 0.0200  425 LYS A CD  
375 C CE  . LYS A 63 ? 0.5276 0.6070 0.4234 0.0302  -0.0485 0.0211  425 LYS A CE  
376 N NZ  . LYS A 63 ? 0.5982 0.6756 0.4784 0.0260  -0.0546 0.0074  425 LYS A NZ  
377 N N   A LEU A 64 ? 0.3086 0.3505 0.2560 0.0221  -0.0249 0.0356  426 LEU A N   
378 N N   B LEU A 64 ? 0.3086 0.3505 0.2560 0.0221  -0.0249 0.0356  426 LEU A N   
379 C CA  A LEU A 64 ? 0.3058 0.3412 0.2640 0.0193  -0.0226 0.0370  426 LEU A CA  
380 C CA  B LEU A 64 ? 0.3057 0.3411 0.2638 0.0193  -0.0227 0.0371  426 LEU A CA  
381 C C   A LEU A 64 ? 0.2904 0.3210 0.2527 0.0115  -0.0274 0.0318  426 LEU A C   
382 C C   B LEU A 64 ? 0.2904 0.3210 0.2527 0.0115  -0.0274 0.0318  426 LEU A C   
383 O O   A LEU A 64 ? 0.2945 0.3226 0.2492 0.0078  -0.0313 0.0247  426 LEU A O   
384 O O   B LEU A 64 ? 0.2943 0.3225 0.2491 0.0077  -0.0313 0.0247  426 LEU A O   
385 C CB  A LEU A 64 ? 0.3340 0.3647 0.2864 0.0246  -0.0185 0.0347  426 LEU A CB  
386 C CB  B LEU A 64 ? 0.3337 0.3644 0.2861 0.0246  -0.0185 0.0347  426 LEU A CB  
387 C CG  A LEU A 64 ? 0.3502 0.3782 0.3142 0.0240  -0.0168 0.0381  426 LEU A CG  
388 C CG  B LEU A 64 ? 0.3499 0.3779 0.3139 0.0240  -0.0168 0.0380  426 LEU A CG  
389 C CD1 A LEU A 64 ? 0.3913 0.4275 0.3569 0.0329  -0.0101 0.0414  426 LEU A CD1 
390 C CD1 B LEU A 64 ? 0.3913 0.4273 0.3567 0.0329  -0.0102 0.0413  426 LEU A CD1 
391 C CD2 A LEU A 64 ? 0.3704 0.3841 0.3315 0.0201  -0.0214 0.0319  426 LEU A CD2 
392 C CD2 B LEU A 64 ? 0.3700 0.3838 0.3311 0.0201  -0.0214 0.0320  426 LEU A CD2 
393 N N   . PHE A 65 ? 0.2694 0.3000 0.2427 0.0082  -0.0272 0.0352  427 PHE A N   
394 C CA  . PHE A 65 ? 0.2588 0.2872 0.2352 0.0011  -0.0297 0.0320  427 PHE A CA  
395 C C   . PHE A 65 ? 0.2556 0.2774 0.2357 0.0004  -0.0287 0.0353  427 PHE A C   
396 O O   . PHE A 65 ? 0.2380 0.2626 0.2244 0.0043  -0.0264 0.0405  427 PHE A O   
397 C CB  . PHE A 65 ? 0.2519 0.2890 0.2353 0.0001  -0.0310 0.0316  427 PHE A CB  
398 C CG  . PHE A 65 ? 0.2580 0.3061 0.2405 0.0011  -0.0334 0.0281  427 PHE A CG  
399 C CD1 . PHE A 65 ? 0.2728 0.3245 0.2535 0.0083  -0.0342 0.0308  427 PHE A CD1 
400 C CD2 . PHE A 65 ? 0.2637 0.3218 0.2478 -0.0054 -0.0351 0.0234  427 PHE A CD2 
401 C CE1 . PHE A 65 ? 0.2804 0.3453 0.2612 0.0105  -0.0379 0.0282  427 PHE A CE1 
402 C CE2 . PHE A 65 ? 0.2738 0.3485 0.2607 -0.0044 -0.0380 0.0204  427 PHE A CE2 
403 C CZ  . PHE A 65 ? 0.2855 0.3638 0.2712 0.0045  -0.0400 0.0225  427 PHE A CZ  
404 N N   . THR A 66 ? 0.2578 0.2733 0.2348 -0.0052 -0.0309 0.0340  428 THR A N   
405 C CA  . THR A 66 ? 0.2611 0.2718 0.2405 -0.0062 -0.0319 0.0380  428 THR A CA  
406 C C   . THR A 66 ? 0.2497 0.2643 0.2282 -0.0145 -0.0339 0.0377  428 THR A C   
407 O O   . THR A 66 ? 0.2753 0.2892 0.2484 -0.0210 -0.0345 0.0359  428 THR A O   
408 C CB  . THR A 66 ? 0.2869 0.2830 0.2595 -0.0032 -0.0331 0.0386  428 THR A CB  
409 O OG1 . THR A 66 ? 0.2963 0.2916 0.2673 0.0059  -0.0301 0.0366  428 THR A OG1 
410 C CG2 . THR A 66 ? 0.2968 0.2905 0.2728 -0.0017 -0.0353 0.0442  428 THR A CG2 
411 N N   . ILE A 67 ? 0.2429 0.2634 0.2263 -0.0147 -0.0347 0.0391  429 ILE A N   
412 C CA  . ILE A 67 ? 0.2353 0.2605 0.2145 -0.0209 -0.0362 0.0384  429 ILE A CA  
413 C C   . ILE A 67 ? 0.2485 0.2668 0.2234 -0.0224 -0.0396 0.0447  429 ILE A C   
414 O O   . ILE A 67 ? 0.2332 0.2509 0.2143 -0.0173 -0.0416 0.0478  429 ILE A O   
415 C CB  . ILE A 67 ? 0.2405 0.2731 0.2238 -0.0197 -0.0365 0.0341  429 ILE A CB  
416 C CG1 . ILE A 67 ? 0.2421 0.2765 0.2315 -0.0145 -0.0346 0.0304  429 ILE A CG1 
417 C CG2 . ILE A 67 ? 0.2508 0.2918 0.2268 -0.0245 -0.0362 0.0307  429 ILE A CG2 
418 C CD1 . ILE A 67 ? 0.2358 0.2702 0.2277 -0.0122 -0.0362 0.0251  429 ILE A CD1 
419 N N   . ARG A 68 ? 0.2638 0.2778 0.2289 -0.0290 -0.0404 0.0478  430 ARG A N   
420 C CA  . ARG A 68 ? 0.3007 0.3047 0.2591 -0.0298 -0.0446 0.0560  430 ARG A CA  
421 C C   . ARG A 68 ? 0.2967 0.3103 0.2457 -0.0375 -0.0456 0.0584  430 ARG A C   
422 O O   . ARG A 68 ? 0.3572 0.3768 0.2998 -0.0460 -0.0421 0.0581  430 ARG A O   
423 C CB  . ARG A 68 ? 0.3323 0.3171 0.2844 -0.0311 -0.0454 0.0590  430 ARG A CB  
424 C CG  . ARG A 68 ? 0.3714 0.3387 0.3164 -0.0284 -0.0505 0.0681  430 ARG A CG  
425 C CD  . ARG A 68 ? 0.4132 0.3542 0.3512 -0.0285 -0.0519 0.0685  430 ARG A CD  
426 N NE  . ARG A 68 ? 0.4092 0.3467 0.3535 -0.0173 -0.0499 0.0610  430 ARG A NE  
427 C CZ  . ARG A 68 ? 0.4052 0.3420 0.3493 -0.0193 -0.0472 0.0527  430 ARG A CZ  
428 N NH1 . ARG A 68 ? 0.4137 0.3522 0.3537 -0.0326 -0.0468 0.0509  430 ARG A NH1 
429 N NH2 . ARG A 68 ? 0.4087 0.3438 0.3557 -0.0076 -0.0450 0.0469  430 ARG A NH2 
430 N N   . GLY A 69 ? 0.2955 0.3126 0.2427 -0.0351 -0.0505 0.0619  431 GLY A N   
431 C CA  . GLY A 69 ? 0.2851 0.3128 0.2202 -0.0412 -0.0520 0.0634  431 GLY A CA  
432 C C   . GLY A 69 ? 0.2795 0.3119 0.2148 -0.0373 -0.0597 0.0657  431 GLY A C   
433 O O   . GLY A 69 ? 0.2688 0.2973 0.2158 -0.0305 -0.0633 0.0681  431 GLY A O   
434 N N   . THR A 70 ? 0.2885 0.3322 0.2120 -0.0415 -0.0619 0.0639  432 THR A N   
435 C CA  . THR A 70 ? 0.2942 0.3463 0.2181 -0.0397 -0.0703 0.0619  432 THR A CA  
436 C C   . THR A 70 ? 0.2858 0.3405 0.2241 -0.0375 -0.0694 0.0498  432 THR A C   
437 O O   . THR A 70 ? 0.2638 0.3164 0.2057 -0.0370 -0.0622 0.0424  432 THR A O   
438 C CB  . THR A 70 ? 0.3141 0.3777 0.2171 -0.0450 -0.0728 0.0607  432 THR A CB  
439 O OG1 . THR A 70 ? 0.2944 0.3656 0.1928 -0.0468 -0.0656 0.0476  432 THR A OG1 
440 C CG2 . THR A 70 ? 0.3389 0.3992 0.2247 -0.0493 -0.0729 0.0751  432 THR A CG2 
441 N N   . PRO A 71 ? 0.2961 0.3556 0.2440 -0.0367 -0.0772 0.0487  433 PRO A N   
442 C CA  . PRO A 71 ? 0.2940 0.3528 0.2539 -0.0376 -0.0775 0.0388  433 PRO A CA  
443 C C   . PRO A 71 ? 0.2930 0.3495 0.2413 -0.0393 -0.0743 0.0251  433 PRO A C   
444 O O   . PRO A 71 ? 0.2815 0.3306 0.2386 -0.0373 -0.0705 0.0188  433 PRO A O   
445 C CB  . PRO A 71 ? 0.3103 0.3783 0.2790 -0.0403 -0.0884 0.0406  433 PRO A CB  
446 C CG  . PRO A 71 ? 0.3138 0.3873 0.2839 -0.0356 -0.0918 0.0544  433 PRO A CG  
447 C CD  . PRO A 71 ? 0.3157 0.3817 0.2659 -0.0351 -0.0867 0.0584  433 PRO A CD  
448 N N   . GLN A 72 ? 0.3006 0.3641 0.2297 -0.0416 -0.0763 0.0210  434 GLN A N   
449 C CA  . GLN A 72 ? 0.3166 0.3813 0.2325 -0.0405 -0.0729 0.0063  434 GLN A CA  
450 C C   . GLN A 72 ? 0.3100 0.3747 0.2292 -0.0364 -0.0612 0.0055  434 GLN A C   
451 O O   . GLN A 72 ? 0.3045 0.3646 0.2274 -0.0312 -0.0580 -0.0062 434 GLN A O   
452 C CB  . GLN A 72 ? 0.3542 0.4311 0.2458 -0.0434 -0.0756 0.0045  434 GLN A CB  
453 C CG  . GLN A 72 ? 0.3858 0.4652 0.2726 -0.0474 -0.0891 0.0025  434 GLN A CG  
454 C CD  . GLN A 72 ? 0.3970 0.4824 0.2875 -0.0497 -0.0966 0.0196  434 GLN A CD  
455 O OE1 . GLN A 72 ? 0.3655 0.4475 0.2663 -0.0473 -0.0924 0.0331  434 GLN A OE1 
456 N NE2 . GLN A 72 ? 0.4066 0.5006 0.2884 -0.0534 -0.1091 0.0179  434 GLN A NE2 
457 N N   . GLN A 73 ? 0.2885 0.3571 0.2076 -0.0383 -0.0564 0.0172  435 GLN A N   
458 C CA  . GLN A 73 ? 0.2901 0.3625 0.2132 -0.0368 -0.0468 0.0173  435 GLN A CA  
459 C C   . GLN A 73 ? 0.2840 0.3455 0.2252 -0.0318 -0.0458 0.0154  435 GLN A C   
460 O O   . GLN A 73 ? 0.2773 0.3428 0.2231 -0.0269 -0.0401 0.0082  435 GLN A O   
461 C CB  . GLN A 73 ? 0.2990 0.3730 0.2174 -0.0430 -0.0442 0.0312  435 GLN A CB  
462 C CG  . GLN A 73 ? 0.3246 0.4112 0.2229 -0.0491 -0.0433 0.0357  435 GLN A CG  
463 C CD  . GLN A 73 ? 0.3303 0.4113 0.2221 -0.0567 -0.0435 0.0525  435 GLN A CD  
464 O OE1 . GLN A 73 ? 0.3187 0.3824 0.2188 -0.0557 -0.0474 0.0606  435 GLN A OE1 
465 N NE2 . GLN A 73 ? 0.3475 0.4423 0.2230 -0.0644 -0.0391 0.0578  435 GLN A NE2 
466 N N   . ILE A 74 ? 0.2660 0.3179 0.2172 -0.0320 -0.0503 0.0226  436 ILE A N   
467 C CA  . ILE A 74 ? 0.2690 0.3126 0.2356 -0.0279 -0.0490 0.0235  436 ILE A CA  
468 C C   . ILE A 74 ? 0.2789 0.3168 0.2494 -0.0249 -0.0504 0.0135  436 ILE A C   
469 O O   . ILE A 74 ? 0.2715 0.3060 0.2479 -0.0200 -0.0465 0.0113  436 ILE A O   
470 C CB  . ILE A 74 ? 0.2626 0.3023 0.2387 -0.0280 -0.0528 0.0325  436 ILE A CB  
471 C CG1 . ILE A 74 ? 0.2592 0.2970 0.2315 -0.0278 -0.0513 0.0414  436 ILE A CG1 
472 C CG2 . ILE A 74 ? 0.2565 0.2912 0.2467 -0.0247 -0.0511 0.0332  436 ILE A CG2 
473 C CD1 . ILE A 74 ? 0.2599 0.2965 0.2407 -0.0244 -0.0554 0.0493  436 ILE A CD1 
474 N N   . ASP A 75 ? 0.2847 0.3202 0.2512 -0.0276 -0.0569 0.0078  437 ASP A N   
475 C CA  . ASP A 75 ? 0.3081 0.3310 0.2763 -0.0259 -0.0605 -0.0027 437 ASP A CA  
476 C C   . ASP A 75 ? 0.3091 0.3326 0.2700 -0.0174 -0.0548 -0.0134 437 ASP A C   
477 O O   . ASP A 75 ? 0.3082 0.3191 0.2757 -0.0113 -0.0542 -0.0171 437 ASP A O   
478 C CB  . ASP A 75 ? 0.3199 0.3406 0.2810 -0.0320 -0.0699 -0.0090 437 ASP A CB  
479 C CG  . ASP A 75 ? 0.3548 0.3566 0.3168 -0.0327 -0.0759 -0.0201 437 ASP A CG  
480 O OD1 . ASP A 75 ? 0.3507 0.3391 0.3239 -0.0309 -0.0745 -0.0175 437 ASP A OD1 
481 O OD2 . ASP A 75 ? 0.3699 0.3689 0.3203 -0.0358 -0.0828 -0.0306 437 ASP A OD2 
482 N N   . TYR A 76 ? 0.4125 0.4113 0.2818 -0.0235 -0.1018 -0.0200 438 TYR A N   
483 C CA  . TYR A 76 ? 0.4321 0.4442 0.2870 -0.0110 -0.0820 -0.0323 438 TYR A CA  
484 C C   . TYR A 76 ? 0.3850 0.4017 0.2783 -0.0082 -0.0692 -0.0254 438 TYR A C   
485 O O   . TYR A 76 ? 0.3786 0.3904 0.2795 0.0032  -0.0623 -0.0409 438 TYR A O   
486 C CB  . TYR A 76 ? 0.4807 0.5239 0.3013 -0.0108 -0.0711 -0.0210 438 TYR A CB  
487 C CG  . TYR A 76 ? 0.5261 0.5902 0.3260 0.0042  -0.0489 -0.0366 438 TYR A CG  
488 C CD1 . TYR A 76 ? 0.5614 0.6088 0.3637 0.0189  -0.0462 -0.0678 438 TYR A CD1 
489 C CD2 . TYR A 76 ? 0.5648 0.6676 0.3478 0.0045  -0.0296 -0.0176 438 TYR A CD2 
490 C CE1 . TYR A 76 ? 0.6060 0.6757 0.3956 0.0364  -0.0237 -0.0840 438 TYR A CE1 
491 C CE2 . TYR A 76 ? 0.6170 0.7475 0.3854 0.0199  -0.0044 -0.0305 438 TYR A CE2 
492 C CZ  . TYR A 76 ? 0.6294 0.7435 0.4012 0.0373  -0.0011 -0.0661 438 TYR A CZ  
493 O OH  . TYR A 76 ? 0.6862 0.8308 0.4470 0.0557  0.0253  -0.0806 438 TYR A OH  
494 N N   . ALA A 77 ? 0.3472 0.3725 0.2659 -0.0171 -0.0681 -0.0044 439 ALA A N   
495 C CA  . ALA A 77 ? 0.3227 0.3522 0.2757 -0.0163 -0.0621 -0.0004 439 ALA A CA  
496 C C   . ALA A 77 ? 0.3170 0.3258 0.2802 -0.0117 -0.0688 -0.0114 439 ALA A C   
497 O O   . ALA A 77 ? 0.3173 0.3301 0.2930 -0.0041 -0.0640 -0.0164 439 ALA A O   
498 C CB  . ALA A 77 ? 0.2963 0.3299 0.2742 -0.0270 -0.0656 0.0180  439 ALA A CB  
499 N N   . ARG A 78 ? 0.3125 0.3036 0.2749 -0.0164 -0.0800 -0.0113 440 ARG A N   
500 C CA  . ARG A 78 ? 0.3333 0.3090 0.3083 -0.0139 -0.0843 -0.0142 440 ARG A CA  
501 C C   . ARG A 78 ? 0.3550 0.3189 0.3239 -0.0041 -0.0841 -0.0277 440 ARG A C   
502 O O   . ARG A 78 ? 0.3445 0.3057 0.3275 0.0023  -0.0823 -0.0254 440 ARG A O   
503 C CB  . ARG A 78 ? 0.3608 0.3261 0.3445 -0.0223 -0.0945 -0.0082 440 ARG A CB  
504 C CG  . ARG A 78 ? 0.3724 0.3296 0.3742 -0.0218 -0.0945 -0.0024 440 ARG A CG  
505 C CD  . ARG A 78 ? 0.3984 0.3469 0.4174 -0.0304 -0.1045 0.0037  440 ARG A CD  
506 N NE  . ARG A 78 ? 0.4760 0.4033 0.4896 -0.0300 -0.1151 -0.0083 440 ARG A NE  
507 C CZ  . ARG A 78 ? 0.4930 0.4121 0.4904 -0.0324 -0.1272 -0.0220 440 ARG A CZ  
508 N NH1 . ARG A 78 ? 0.5564 0.4534 0.5478 -0.0287 -0.1363 -0.0401 440 ARG A NH1 
509 N NH2 . ARG A 78 ? 0.4992 0.4308 0.4878 -0.0382 -0.1328 -0.0183 440 ARG A NH2 
510 N N   . GLN A 79 ? 0.3708 0.3282 0.3197 -0.0011 -0.0870 -0.0422 441 GLN A N   
511 C CA  . GLN A 79 ? 0.4013 0.3428 0.3488 0.0115  -0.0874 -0.0614 441 GLN A CA  
512 C C   . GLN A 79 ? 0.3745 0.3348 0.3325 0.0244  -0.0727 -0.0621 441 GLN A C   
513 O O   . GLN A 79 ? 0.3720 0.3194 0.3499 0.0348  -0.0746 -0.0663 441 GLN A O   
514 C CB  . GLN A 79 ? 0.4614 0.3952 0.3780 0.0144  -0.0931 -0.0838 441 GLN A CB  
515 C CG  . GLN A 79 ? 0.4971 0.4085 0.4134 0.0018  -0.1150 -0.0862 441 GLN A CG  
516 C CD  . GLN A 79 ? 0.5741 0.4812 0.4514 0.0039  -0.1253 -0.1108 441 GLN A CD  
517 O OE1 . GLN A 79 ? 0.6344 0.5375 0.4914 0.0191  -0.1193 -0.1378 441 GLN A OE1 
518 N NE2 . GLN A 79 ? 0.5870 0.4983 0.4524 -0.0094 -0.1411 -0.1028 441 GLN A NE2 
519 N N   . LEU A 80 ? 0.3539 0.3442 0.3060 0.0236  -0.0600 -0.0556 442 LEU A N   
520 C CA  . LEU A 80 ? 0.3413 0.3568 0.3140 0.0337  -0.0470 -0.0537 442 LEU A CA  
521 C C   . LEU A 80 ? 0.3286 0.3431 0.3293 0.0321  -0.0545 -0.0411 442 LEU A C   
522 O O   . LEU A 80 ? 0.3299 0.3489 0.3521 0.0445  -0.0540 -0.0431 442 LEU A O   
523 C CB  . LEU A 80 ? 0.3399 0.3896 0.3085 0.0280  -0.0333 -0.0428 442 LEU A CB  
524 C CG  . LEU A 80 ? 0.3727 0.4357 0.3058 0.0326  -0.0216 -0.0521 442 LEU A CG  
525 C CD1 . LEU A 80 ? 0.3746 0.4732 0.3083 0.0227  -0.0086 -0.0291 442 LEU A CD1 
526 C CD2 . LEU A 80 ? 0.4034 0.4736 0.3342 0.0542  -0.0082 -0.0757 442 LEU A CD2 
527 N N   . ILE A 81 ? 0.3140 0.3244 0.3142 0.0195  -0.0620 -0.0292 443 ILE A N   
528 C CA  . ILE A 81 ? 0.2947 0.3059 0.3088 0.0189  -0.0696 -0.0201 443 ILE A CA  
529 C C   . ILE A 81 ? 0.3134 0.3037 0.3312 0.0268  -0.0766 -0.0180 443 ILE A C   
530 O O   . ILE A 81 ? 0.3196 0.3168 0.3512 0.0348  -0.0813 -0.0113 443 ILE A O   
531 C CB  . ILE A 81 ? 0.2839 0.2937 0.2926 0.0070  -0.0731 -0.0136 443 ILE A CB  
532 C CG1 . ILE A 81 ? 0.2787 0.3061 0.2972 -0.0003 -0.0700 -0.0119 443 ILE A CG1 
533 C CG2 . ILE A 81 ? 0.2735 0.2824 0.2822 0.0084  -0.0792 -0.0077 443 ILE A CG2 
534 C CD1 . ILE A 81 ? 0.2858 0.3067 0.3048 -0.0097 -0.0733 -0.0085 443 ILE A CD1 
535 N N   . GLU A 82 ? 0.3374 0.3034 0.3480 0.0241  -0.0800 -0.0215 444 GLU A N   
536 C CA  . GLU A 82 ? 0.3739 0.3159 0.3975 0.0281  -0.0883 -0.0151 444 GLU A CA  
537 C C   . GLU A 82 ? 0.4029 0.3385 0.4442 0.0451  -0.0888 -0.0243 444 GLU A C   
538 O O   . GLU A 82 ? 0.4018 0.3290 0.4623 0.0512  -0.0963 -0.0094 444 GLU A O   
539 C CB  . GLU A 82 ? 0.3964 0.3154 0.4182 0.0175  -0.0949 -0.0165 444 GLU A CB  
540 C CG  . GLU A 82 ? 0.3746 0.3043 0.3937 0.0047  -0.0936 -0.0006 444 GLU A CG  
541 C CD  . GLU A 82 ? 0.4058 0.3204 0.4345 -0.0072 -0.1011 0.0025  444 GLU A CD  
542 O OE1 . GLU A 82 ? 0.4120 0.3066 0.4410 -0.0078 -0.1105 -0.0129 444 GLU A OE1 
543 O OE2 . GLU A 82 ? 0.4035 0.3294 0.4405 -0.0149 -0.0978 0.0186  444 GLU A OE2 
544 N N   . GLU A 83 ? 0.4079 0.3512 0.4449 0.0541  -0.0802 -0.0450 445 GLU A N   
545 C CA  . GLU A 83 ? 0.4623 0.4070 0.5232 0.0744  -0.0770 -0.0556 445 GLU A CA  
546 C C   . GLU A 83 ? 0.4327 0.4024 0.5163 0.0790  -0.0796 -0.0363 445 GLU A C   
547 O O   . GLU A 83 ? 0.4502 0.4096 0.5609 0.0915  -0.0879 -0.0290 445 GLU A O   
548 C CB  . GLU A 83 ? 0.5079 0.4734 0.5591 0.0849  -0.0604 -0.0782 445 GLU A CB  
549 C CG  . GLU A 83 ? 0.5754 0.5235 0.5938 0.0820  -0.0594 -0.1004 445 GLU A CG  
550 C CD  . GLU A 83 ? 0.6412 0.6115 0.6431 0.0974  -0.0405 -0.1249 445 GLU A CD  
551 O OE1 . GLU A 83 ? 0.6274 0.6360 0.6465 0.1058  -0.0239 -0.1186 445 GLU A OE1 
552 O OE2 . GLU A 83 ? 0.7211 0.6735 0.6927 0.1008  -0.0427 -0.1505 445 GLU A OE2 
553 N N   . LYS A 84 ? 0.3928 0.3926 0.4684 0.0690  -0.0759 -0.0285 446 LYS A N   
554 C CA  . LYS A 84 ? 0.3824 0.4106 0.4794 0.0722  -0.0820 -0.0158 446 LYS A CA  
555 C C   . LYS A 84 ? 0.3890 0.4070 0.4830 0.0706  -0.0983 0.0042  446 LYS A C   
556 O O   . LYS A 84 ? 0.3920 0.4243 0.5084 0.0807  -0.1092 0.0154  446 LYS A O   
557 C CB  . LYS A 84 ? 0.3791 0.4354 0.4714 0.0591  -0.0778 -0.0155 446 LYS A CB  
558 C CG  . LYS A 84 ? 0.3974 0.4774 0.5014 0.0615  -0.0603 -0.0249 446 LYS A CG  
559 C CD  . LYS A 84 ? 0.4294 0.5343 0.5722 0.0787  -0.0548 -0.0273 446 LYS A CD  
560 C CE  . LYS A 84 ? 0.4554 0.6004 0.6180 0.0766  -0.0366 -0.0275 446 LYS A CE  
561 N NZ  . LYS A 84 ? 0.5094 0.6611 0.6681 0.0932  -0.0142 -0.0431 446 LYS A NZ  
562 N N   . ILE A 85 ? 0.3794 0.3810 0.4483 0.0588  -0.1002 0.0116  447 ILE A N   
563 C CA  . ILE A 85 ? 0.3997 0.4005 0.4592 0.0571  -0.1110 0.0344  447 ILE A CA  
564 C C   . ILE A 85 ? 0.4215 0.3926 0.4977 0.0632  -0.1163 0.0493  447 ILE A C   
565 O O   . ILE A 85 ? 0.4506 0.4239 0.5233 0.0634  -0.1247 0.0750  447 ILE A O   
566 C CB  . ILE A 85 ? 0.3930 0.3994 0.4220 0.0434  -0.1070 0.0368  447 ILE A CB  
567 C CG1 . ILE A 85 ? 0.3972 0.3800 0.4219 0.0347  -0.0993 0.0360  447 ILE A CG1 
568 C CG2 . ILE A 85 ? 0.3767 0.4050 0.3999 0.0379  -0.1051 0.0203  447 ILE A CG2 
569 C CD1 . ILE A 85 ? 0.3975 0.3885 0.4020 0.0244  -0.0934 0.0406  447 ILE A CD1 
570 N N   . GLY A 86 ? 0.4173 0.3624 0.5118 0.0686  -0.1128 0.0332  448 GLY A N   
571 C CA  . GLY A 86 ? 0.4541 0.3630 0.5763 0.0749  -0.1215 0.0423  448 GLY A CA  
572 C C   . GLY A 86 ? 0.4722 0.3609 0.5891 0.0587  -0.1241 0.0614  448 GLY A C   
573 O O   . GLY A 86 ? 0.4881 0.3573 0.6301 0.0596  -0.1340 0.0892  448 GLY A O   
574 N N   . GLY A 87 ? 0.4316 0.3267 0.5245 0.0443  -0.1160 0.0520  449 GLY A N   
575 C CA  . GLY A 87 ? 0.4445 0.3254 0.5419 0.0287  -0.1169 0.0678  449 GLY A CA  
576 C C   . GLY A 87 ? 0.4204 0.3218 0.4921 0.0163  -0.1069 0.0599  449 GLY A C   
577 O O   . GLY A 87 ? 0.3871 0.3090 0.4372 0.0191  -0.1008 0.0436  449 GLY A O   
578 N N   . PRO A 88 ? 0.4340 0.3316 0.5155 0.0026  -0.1059 0.0741  450 PRO A N   
579 C CA  . PRO A 88 ? 0.4025 0.3165 0.4706 -0.0069 -0.0985 0.0652  450 PRO A CA  
580 C C   . PRO A 88 ? 0.3869 0.3353 0.4295 -0.0041 -0.0862 0.0716  450 PRO A C   
581 O O   . PRO A 88 ? 0.3755 0.3372 0.4107 0.0007  -0.0832 0.0916  450 PRO A O   
582 C CB  . PRO A 88 ? 0.4302 0.3327 0.5295 -0.0210 -0.1026 0.0822  450 PRO A CB  
583 C CG  . PRO A 88 ? 0.4613 0.3531 0.5845 -0.0203 -0.1057 0.1131  450 PRO A CG  
584 C CD  . PRO A 88 ? 0.4673 0.3432 0.5844 -0.0048 -0.1132 0.1002  450 PRO A CD  
585 N N   . VAL A 89 ? 0.3464 0.3077 0.3752 -0.0059 -0.0812 0.0540  451 VAL A N   
586 C CA  . VAL A 89 ? 0.3420 0.3303 0.3534 -0.0037 -0.0710 0.0544  451 VAL A CA  
587 C C   . VAL A 89 ? 0.3389 0.3401 0.3619 -0.0093 -0.0605 0.0735  451 VAL A C   
588 O O   . VAL A 89 ? 0.3473 0.3362 0.3965 -0.0180 -0.0640 0.0832  451 VAL A O   
589 C CB  . VAL A 89 ? 0.3374 0.3304 0.3430 -0.0045 -0.0706 0.0328  451 VAL A CB  
590 C CG1 . VAL A 89 ? 0.3513 0.3402 0.3511 -0.0001 -0.0767 0.0193  451 VAL A CG1 
591 C CG2 . VAL A 89 ? 0.3302 0.3152 0.3521 -0.0133 -0.0721 0.0307  451 VAL A CG2 
592 N N   . ASN A 90 ? 0.3450 0.3728 0.3496 -0.0035 -0.0484 0.0769  452 ASN A N   
593 C CA  . ASN A 90 ? 0.3785 0.4298 0.3929 -0.0052 -0.0315 0.0917  452 ASN A CA  
594 C C   . ASN A 90 ? 0.3633 0.4195 0.3900 -0.0050 -0.0275 0.0708  452 ASN A C   
595 O O   . ASN A 90 ? 0.3354 0.4013 0.3431 0.0038  -0.0237 0.0504  452 ASN A O   
596 C CB  . ASN A 90 ? 0.4258 0.5065 0.4065 0.0045  -0.0189 0.1036  452 ASN A CB  
597 C CG  . ASN A 90 ? 0.4740 0.5867 0.4639 0.0044  0.0041  0.1254  452 ASN A CG  
598 O OD1 . ASN A 90 ? 0.5200 0.6342 0.5497 -0.0032 0.0099  0.1308  452 ASN A OD1 
599 N ND2 . ASN A 90 ? 0.5272 0.6705 0.4820 0.0131  0.0176  0.1407  452 ASN A ND2 
600 N N   . PRO A 91 ? 0.3746 0.4254 0.4383 -0.0144 -0.0301 0.0768  453 PRO A N   
601 C CA  . PRO A 91 ? 0.3689 0.4261 0.4513 -0.0132 -0.0285 0.0628  453 PRO A CA  
602 C C   . PRO A 91 ? 0.4013 0.4921 0.4920 -0.0034 -0.0057 0.0649  453 PRO A C   
603 O O   . PRO A 91 ? 0.3877 0.5005 0.4843 -0.0039 0.0091  0.0871  453 PRO A O   
604 C CB  . PRO A 91 ? 0.3616 0.4066 0.4809 -0.0267 -0.0419 0.0732  453 PRO A CB  
605 C CG  . PRO A 91 ? 0.3790 0.4239 0.5132 -0.0346 -0.0403 0.0978  453 PRO A CG  
606 C CD  . PRO A 91 ? 0.3895 0.4306 0.4853 -0.0267 -0.0361 0.0994  453 PRO A CD  
607 N N   . LEU A 92 ? 0.4306 0.5259 0.5254 0.0061  -0.0023 0.0430  454 LEU A N   
608 C CA  . LEU A 92 ? 0.4776 0.6047 0.5866 0.0198  0.0206  0.0374  454 LEU A CA  
609 C C   . LEU A 92 ? 0.4700 0.6083 0.6386 0.0154  0.0218  0.0497  454 LEU A C   
610 O O   . LEU A 92 ? 0.4200 0.5350 0.6068 0.0087  0.0011  0.0446  454 LEU A O   
611 C CB  . LEU A 92 ? 0.5176 0.6376 0.6077 0.0338  0.0196  0.0030  454 LEU A CB  
612 C CG  . LEU A 92 ? 0.5897 0.7215 0.6267 0.0451  0.0281  -0.0121 454 LEU A CG  
613 C CD1 . LEU A 92 ? 0.6105 0.7321 0.6158 0.0350  0.0163  0.0049  454 LEU A CD1 
614 C CD2 . LEU A 92 ? 0.6237 0.7399 0.6499 0.0553  0.0186  -0.0505 454 LEU A CD2 
# 
